data_6MC2
# 
_entry.id   6MC2 
# 
_audit_conform.dict_name       mmcif_pdbx.dic 
_audit_conform.dict_version    5.387 
_audit_conform.dict_location   http://mmcif.pdb.org/dictionaries/ascii/mmcif_pdbx.dic 
# 
loop_
_database_2.database_id 
_database_2.database_code 
_database_2.pdbx_database_accession 
_database_2.pdbx_DOI 
PDB   6MC2         pdb_00006mc2 10.2210/pdb6mc2/pdb 
WWPDB D_1000236583 ?            ?                   
# 
loop_
_pdbx_audit_revision_history.ordinal 
_pdbx_audit_revision_history.data_content_type 
_pdbx_audit_revision_history.major_revision 
_pdbx_audit_revision_history.minor_revision 
_pdbx_audit_revision_history.revision_date 
1 'Structure model' 1 0 2018-11-14 
2 'Structure model' 1 1 2018-11-21 
3 'Structure model' 1 2 2018-12-12 
4 'Structure model' 1 3 2019-11-27 
5 'Structure model' 1 4 2024-03-13 
# 
_pdbx_audit_revision_details.ordinal             1 
_pdbx_audit_revision_details.revision_ordinal    1 
_pdbx_audit_revision_details.data_content_type   'Structure model' 
_pdbx_audit_revision_details.provider            repository 
_pdbx_audit_revision_details.type                'Initial release' 
_pdbx_audit_revision_details.description         ? 
_pdbx_audit_revision_details.details             ? 
# 
loop_
_pdbx_audit_revision_group.ordinal 
_pdbx_audit_revision_group.revision_ordinal 
_pdbx_audit_revision_group.data_content_type 
_pdbx_audit_revision_group.group 
1 2 'Structure model' 'Data collection'            
2 2 'Structure model' 'Derived calculations'       
3 3 'Structure model' 'Data collection'            
4 3 'Structure model' 'Database references'        
5 4 'Structure model' 'Author supporting evidence' 
6 5 'Structure model' 'Data collection'            
7 5 'Structure model' 'Database references'        
8 5 'Structure model' 'Derived calculations'       
# 
loop_
_pdbx_audit_revision_category.ordinal 
_pdbx_audit_revision_category.revision_ordinal 
_pdbx_audit_revision_category.data_content_type 
_pdbx_audit_revision_category.category 
1  2 'Structure model' pdbx_struct_assembly      
2  2 'Structure model' pdbx_struct_assembly_gen  
3  2 'Structure model' pdbx_struct_assembly_prop 
4  2 'Structure model' pdbx_struct_oper_list     
5  3 'Structure model' citation                  
6  4 'Structure model' pdbx_audit_support        
7  5 'Structure model' chem_comp_atom            
8  5 'Structure model' chem_comp_bond            
9  5 'Structure model' database_2                
10 5 'Structure model' pdbx_struct_conn_angle    
11 5 'Structure model' struct_conn               
# 
loop_
_pdbx_audit_revision_item.ordinal 
_pdbx_audit_revision_item.revision_ordinal 
_pdbx_audit_revision_item.data_content_type 
_pdbx_audit_revision_item.item 
1  2 'Structure model' '_pdbx_struct_assembly.oligomeric_count'      
2  2 'Structure model' '_pdbx_struct_assembly.oligomeric_details'    
3  2 'Structure model' '_pdbx_struct_assembly_prop.value'            
4  2 'Structure model' '_pdbx_struct_oper_list.name'                 
5  2 'Structure model' '_pdbx_struct_oper_list.symmetry_operation'   
6  2 'Structure model' '_pdbx_struct_oper_list.vector[1]'            
7  2 'Structure model' '_pdbx_struct_oper_list.vector[2]'            
8  2 'Structure model' '_pdbx_struct_oper_list.vector[3]'            
9  3 'Structure model' '_citation.journal_volume'                    
10 3 'Structure model' '_citation.page_first'                        
11 3 'Structure model' '_citation.page_last'                         
12 3 'Structure model' '_citation.title'                             
13 4 'Structure model' '_pdbx_audit_support.funding_organization'    
14 5 'Structure model' '_database_2.pdbx_DOI'                        
15 5 'Structure model' '_database_2.pdbx_database_accession'         
16 5 'Structure model' '_pdbx_struct_conn_angle.ptnr1_auth_asym_id'  
17 5 'Structure model' '_pdbx_struct_conn_angle.ptnr1_auth_comp_id'  
18 5 'Structure model' '_pdbx_struct_conn_angle.ptnr1_auth_seq_id'   
19 5 'Structure model' '_pdbx_struct_conn_angle.ptnr1_label_alt_id'  
20 5 'Structure model' '_pdbx_struct_conn_angle.ptnr1_label_asym_id' 
21 5 'Structure model' '_pdbx_struct_conn_angle.ptnr1_label_atom_id' 
22 5 'Structure model' '_pdbx_struct_conn_angle.ptnr1_label_comp_id' 
23 5 'Structure model' '_pdbx_struct_conn_angle.ptnr1_label_seq_id'  
24 5 'Structure model' '_pdbx_struct_conn_angle.ptnr1_symmetry'      
25 5 'Structure model' '_pdbx_struct_conn_angle.ptnr2_auth_asym_id'  
26 5 'Structure model' '_pdbx_struct_conn_angle.ptnr2_auth_seq_id'   
27 5 'Structure model' '_pdbx_struct_conn_angle.ptnr2_label_asym_id' 
28 5 'Structure model' '_pdbx_struct_conn_angle.ptnr2_symmetry'      
29 5 'Structure model' '_pdbx_struct_conn_angle.ptnr3_auth_asym_id'  
30 5 'Structure model' '_pdbx_struct_conn_angle.ptnr3_auth_comp_id'  
31 5 'Structure model' '_pdbx_struct_conn_angle.ptnr3_auth_seq_id'   
32 5 'Structure model' '_pdbx_struct_conn_angle.ptnr3_label_alt_id'  
33 5 'Structure model' '_pdbx_struct_conn_angle.ptnr3_label_asym_id' 
34 5 'Structure model' '_pdbx_struct_conn_angle.ptnr3_label_atom_id' 
35 5 'Structure model' '_pdbx_struct_conn_angle.ptnr3_label_comp_id' 
36 5 'Structure model' '_pdbx_struct_conn_angle.ptnr3_label_seq_id'  
37 5 'Structure model' '_pdbx_struct_conn_angle.ptnr3_symmetry'      
38 5 'Structure model' '_pdbx_struct_conn_angle.value'               
39 5 'Structure model' '_struct_conn.pdbx_dist_value'                
40 5 'Structure model' '_struct_conn.pdbx_ptnr1_label_alt_id'        
41 5 'Structure model' '_struct_conn.pdbx_ptnr2_label_alt_id'        
42 5 'Structure model' '_struct_conn.ptnr1_auth_asym_id'             
43 5 'Structure model' '_struct_conn.ptnr1_auth_comp_id'             
44 5 'Structure model' '_struct_conn.ptnr1_auth_seq_id'              
45 5 'Structure model' '_struct_conn.ptnr1_label_asym_id'            
46 5 'Structure model' '_struct_conn.ptnr1_label_atom_id'            
47 5 'Structure model' '_struct_conn.ptnr1_label_comp_id'            
48 5 'Structure model' '_struct_conn.ptnr1_label_seq_id'             
49 5 'Structure model' '_struct_conn.ptnr1_symmetry'                 
50 5 'Structure model' '_struct_conn.ptnr2_auth_asym_id'             
51 5 'Structure model' '_struct_conn.ptnr2_auth_comp_id'             
52 5 'Structure model' '_struct_conn.ptnr2_auth_seq_id'              
53 5 'Structure model' '_struct_conn.ptnr2_label_asym_id'            
54 5 'Structure model' '_struct_conn.ptnr2_label_atom_id'            
55 5 'Structure model' '_struct_conn.ptnr2_label_comp_id'            
56 5 'Structure model' '_struct_conn.ptnr2_symmetry'                 
# 
_pdbx_database_status.status_code                     REL 
_pdbx_database_status.status_code_sf                  REL 
_pdbx_database_status.status_code_mr                  ? 
_pdbx_database_status.entry_id                        6MC2 
_pdbx_database_status.recvd_initial_deposition_date   2018-08-30 
_pdbx_database_status.SG_entry                        N 
_pdbx_database_status.deposit_site                    RCSB 
_pdbx_database_status.process_site                    RCSB 
_pdbx_database_status.status_code_cs                  ? 
_pdbx_database_status.methods_development_category    ? 
_pdbx_database_status.pdb_format_compatible           Y 
_pdbx_database_status.status_code_nmr_data            ? 
# 
loop_
_audit_author.name 
_audit_author.pdbx_ordinal 
_audit_author.identifier_ORCID 
'Chu, B.'          1 0000-0002-9429-8893 
'Paukstelis, P.J.' 2 0000-0001-8536-4361 
# 
_citation.abstract                  ? 
_citation.abstract_id_CAS           ? 
_citation.book_id_ISBN              ? 
_citation.book_publisher            ? 
_citation.book_publisher_city       ? 
_citation.book_title                ? 
_citation.coordinate_linkage        ? 
_citation.country                   US 
_citation.database_id_Medline       ? 
_citation.details                   ? 
_citation.id                        primary 
_citation.journal_abbrev            'J. Am. Chem. Soc.' 
_citation.journal_id_ASTM           JACSAT 
_citation.journal_id_CSD            ? 
_citation.journal_id_ISSN           1520-5126 
_citation.journal_full              ? 
_citation.journal_issue             ? 
_citation.journal_volume            140 
_citation.language                  ? 
_citation.page_first                16291 
_citation.page_last                 16298 
_citation.title                     'Crystal Structure of a Tetrameric DNA Fold-Back Quadruplex.' 
_citation.year                      2018 
_citation.database_id_CSD           ? 
_citation.pdbx_database_id_DOI      10.1021/jacs.8b10153 
_citation.pdbx_database_id_PubMed   30384604 
_citation.unpublished_flag          ? 
# 
loop_
_citation_author.citation_id 
_citation_author.name 
_citation_author.ordinal 
_citation_author.identifier_ORCID 
primary 'Chu, B.'          1 ? 
primary 'Zhang, D.'        2 ? 
primary 'Hwang, W.'        3 ? 
primary 'Paukstelis, P.J.' 4 ? 
# 
loop_
_entity.id 
_entity.type 
_entity.src_method 
_entity.pdbx_description 
_entity.formula_weight 
_entity.pdbx_number_of_molecules 
_entity.pdbx_ec 
_entity.pdbx_mutation 
_entity.pdbx_fragment 
_entity.details 
1 polymer     syn 
;DNA (5'-D(*CP*GP*TP*AP*AP*GP*GP*CP*G)-3')
;
2780.836 2   ? ? ? ? 
2 non-polymer syn 'MAGNESIUM ION'                             24.305   5   ? ? ? ? 
3 water       nat water                                       18.015   123 ? ? ? ? 
# 
_entity_poly.entity_id                      1 
_entity_poly.type                           polydeoxyribonucleotide 
_entity_poly.nstd_linkage                   no 
_entity_poly.nstd_monomer                   no 
_entity_poly.pdbx_seq_one_letter_code       '(DC)(DG)(DT)(DA)(DA)(DG)(DG)(DC)(DG)' 
_entity_poly.pdbx_seq_one_letter_code_can   CGTAAGGCG 
_entity_poly.pdbx_strand_id                 A,B 
_entity_poly.pdbx_target_identifier         ? 
# 
loop_
_pdbx_entity_nonpoly.entity_id 
_pdbx_entity_nonpoly.name 
_pdbx_entity_nonpoly.comp_id 
2 'MAGNESIUM ION' MG  
3 water           HOH 
# 
loop_
_entity_poly_seq.entity_id 
_entity_poly_seq.num 
_entity_poly_seq.mon_id 
_entity_poly_seq.hetero 
1 1 DC n 
1 2 DG n 
1 3 DT n 
1 4 DA n 
1 5 DA n 
1 6 DG n 
1 7 DG n 
1 8 DC n 
1 9 DG n 
# 
_pdbx_entity_src_syn.entity_id              1 
_pdbx_entity_src_syn.pdbx_src_id            1 
_pdbx_entity_src_syn.pdbx_alt_source_flag   sample 
_pdbx_entity_src_syn.pdbx_beg_seq_num       1 
_pdbx_entity_src_syn.pdbx_end_seq_num       9 
_pdbx_entity_src_syn.organism_scientific    'synthetic construct' 
_pdbx_entity_src_syn.organism_common_name   ? 
_pdbx_entity_src_syn.ncbi_taxonomy_id       32630 
_pdbx_entity_src_syn.details                ? 
# 
loop_
_chem_comp.id 
_chem_comp.type 
_chem_comp.mon_nstd_flag 
_chem_comp.name 
_chem_comp.pdbx_synonyms 
_chem_comp.formula 
_chem_comp.formula_weight 
DA  'DNA linking' y "2'-DEOXYADENOSINE-5'-MONOPHOSPHATE" ? 'C10 H14 N5 O6 P' 331.222 
DC  'DNA linking' y "2'-DEOXYCYTIDINE-5'-MONOPHOSPHATE"  ? 'C9 H14 N3 O7 P'  307.197 
DG  'DNA linking' y "2'-DEOXYGUANOSINE-5'-MONOPHOSPHATE" ? 'C10 H14 N5 O7 P' 347.221 
DT  'DNA linking' y "THYMIDINE-5'-MONOPHOSPHATE"         ? 'C10 H15 N2 O8 P' 322.208 
HOH non-polymer   . WATER                                ? 'H2 O'            18.015  
MG  non-polymer   . 'MAGNESIUM ION'                      ? 'Mg 2'            24.305  
# 
loop_
_pdbx_poly_seq_scheme.asym_id 
_pdbx_poly_seq_scheme.entity_id 
_pdbx_poly_seq_scheme.seq_id 
_pdbx_poly_seq_scheme.mon_id 
_pdbx_poly_seq_scheme.ndb_seq_num 
_pdbx_poly_seq_scheme.pdb_seq_num 
_pdbx_poly_seq_scheme.auth_seq_num 
_pdbx_poly_seq_scheme.pdb_mon_id 
_pdbx_poly_seq_scheme.auth_mon_id 
_pdbx_poly_seq_scheme.pdb_strand_id 
_pdbx_poly_seq_scheme.pdb_ins_code 
_pdbx_poly_seq_scheme.hetero 
A 1 1 DC 1 1 1 DC DC A . n 
A 1 2 DG 2 2 2 DG DG A . n 
A 1 3 DT 3 3 3 DT DT A . n 
A 1 4 DA 4 4 4 DA DA A . n 
A 1 5 DA 5 5 5 DA DA A . n 
A 1 6 DG 6 6 6 DG DG A . n 
A 1 7 DG 7 7 7 DG DG A . n 
A 1 8 DC 8 8 8 DC DC A . n 
A 1 9 DG 9 9 9 DG DG A . n 
B 1 1 DC 1 1 1 DC DC B . n 
B 1 2 DG 2 2 2 DG DG B . n 
B 1 3 DT 3 3 3 DT DT B . n 
B 1 4 DA 4 4 4 DA DA B . n 
B 1 5 DA 5 5 5 DA DA B . n 
B 1 6 DG 6 6 6 DG DG B . n 
B 1 7 DG 7 7 7 DG DG B . n 
B 1 8 DC 8 8 8 DC DC B . n 
B 1 9 DG 9 9 9 DG DG B . n 
# 
loop_
_pdbx_nonpoly_scheme.asym_id 
_pdbx_nonpoly_scheme.entity_id 
_pdbx_nonpoly_scheme.mon_id 
_pdbx_nonpoly_scheme.ndb_seq_num 
_pdbx_nonpoly_scheme.pdb_seq_num 
_pdbx_nonpoly_scheme.auth_seq_num 
_pdbx_nonpoly_scheme.pdb_mon_id 
_pdbx_nonpoly_scheme.auth_mon_id 
_pdbx_nonpoly_scheme.pdb_strand_id 
_pdbx_nonpoly_scheme.pdb_ins_code 
C 2 MG  1  101 1   MG  MG  A . 
D 2 MG  1  102 2   MG  MG  A . 
E 2 MG  1  103 5   MG  MG  A . 
F 2 MG  1  101 3   MG  MG  B . 
G 2 MG  1  102 4   MG  MG  B . 
H 3 HOH 1  201 100 HOH HOH A . 
H 3 HOH 2  202 106 HOH HOH A . 
H 3 HOH 3  203 109 HOH HOH A . 
H 3 HOH 4  204 112 HOH HOH A . 
H 3 HOH 5  205 51  HOH HOH A . 
H 3 HOH 6  206 102 HOH HOH A . 
H 3 HOH 7  207 79  HOH HOH A . 
H 3 HOH 8  208 61  HOH HOH A . 
H 3 HOH 9  209 101 HOH HOH A . 
H 3 HOH 10 210 104 HOH HOH A . 
H 3 HOH 11 211 111 HOH HOH A . 
H 3 HOH 12 212 36  HOH HOH A . 
H 3 HOH 13 213 86  HOH HOH A . 
H 3 HOH 14 214 71  HOH HOH A . 
H 3 HOH 15 215 98  HOH HOH A . 
H 3 HOH 16 216 83  HOH HOH A . 
H 3 HOH 17 217 68  HOH HOH A . 
H 3 HOH 18 218 15  HOH HOH A . 
H 3 HOH 19 219 88  HOH HOH A . 
H 3 HOH 20 220 94  HOH HOH A . 
H 3 HOH 21 221 123 HOH HOH A . 
H 3 HOH 22 222 28  HOH HOH A . 
H 3 HOH 23 223 118 HOH HOH A . 
H 3 HOH 24 224 27  HOH HOH A . 
H 3 HOH 25 225 21  HOH HOH A . 
H 3 HOH 26 226 23  HOH HOH A . 
H 3 HOH 27 227 120 HOH HOH A . 
H 3 HOH 28 228 10  HOH HOH A . 
H 3 HOH 29 229 11  HOH HOH A . 
H 3 HOH 30 230 26  HOH HOH A . 
H 3 HOH 31 231 56  HOH HOH A . 
H 3 HOH 32 232 33  HOH HOH A . 
H 3 HOH 33 233 14  HOH HOH A . 
H 3 HOH 34 234 52  HOH HOH A . 
H 3 HOH 35 235 93  HOH HOH A . 
H 3 HOH 36 236 22  HOH HOH A . 
H 3 HOH 37 237 4   HOH HOH A . 
H 3 HOH 38 238 5   HOH HOH A . 
H 3 HOH 39 239 53  HOH HOH A . 
H 3 HOH 40 240 99  HOH HOH A . 
H 3 HOH 41 241 50  HOH HOH A . 
H 3 HOH 42 242 47  HOH HOH A . 
H 3 HOH 43 243 49  HOH HOH A . 
H 3 HOH 44 244 32  HOH HOH A . 
H 3 HOH 45 245 40  HOH HOH A . 
H 3 HOH 46 246 42  HOH HOH A . 
H 3 HOH 47 247 9   HOH HOH A . 
H 3 HOH 48 248 65  HOH HOH A . 
H 3 HOH 49 249 43  HOH HOH A . 
H 3 HOH 50 250 18  HOH HOH A . 
H 3 HOH 51 251 64  HOH HOH A . 
H 3 HOH 52 252 92  HOH HOH A . 
H 3 HOH 53 253 62  HOH HOH A . 
H 3 HOH 54 254 38  HOH HOH A . 
H 3 HOH 55 255 63  HOH HOH A . 
H 3 HOH 56 256 19  HOH HOH A . 
H 3 HOH 57 257 67  HOH HOH A . 
H 3 HOH 58 258 78  HOH HOH A . 
H 3 HOH 59 259 103 HOH HOH A . 
H 3 HOH 60 260 48  HOH HOH A . 
H 3 HOH 61 261 54  HOH HOH A . 
H 3 HOH 62 262 46  HOH HOH A . 
H 3 HOH 63 263 96  HOH HOH A . 
H 3 HOH 64 264 87  HOH HOH A . 
H 3 HOH 65 265 55  HOH HOH A . 
H 3 HOH 66 266 80  HOH HOH A . 
H 3 HOH 67 267 70  HOH HOH A . 
H 3 HOH 68 268 69  HOH HOH A . 
I 3 HOH 1  201 72  HOH HOH B . 
I 3 HOH 2  202 110 HOH HOH B . 
I 3 HOH 3  203 113 HOH HOH B . 
I 3 HOH 4  204 73  HOH HOH B . 
I 3 HOH 5  205 44  HOH HOH B . 
I 3 HOH 6  206 76  HOH HOH B . 
I 3 HOH 7  207 90  HOH HOH B . 
I 3 HOH 8  208 122 HOH HOH B . 
I 3 HOH 9  209 59  HOH HOH B . 
I 3 HOH 10 210 84  HOH HOH B . 
I 3 HOH 11 211 57  HOH HOH B . 
I 3 HOH 12 212 105 HOH HOH B . 
I 3 HOH 13 213 77  HOH HOH B . 
I 3 HOH 14 214 12  HOH HOH B . 
I 3 HOH 15 215 6   HOH HOH B . 
I 3 HOH 16 216 45  HOH HOH B . 
I 3 HOH 17 217 121 HOH HOH B . 
I 3 HOH 18 218 95  HOH HOH B . 
I 3 HOH 19 219 30  HOH HOH B . 
I 3 HOH 20 220 89  HOH HOH B . 
I 3 HOH 21 221 60  HOH HOH B . 
I 3 HOH 22 222 17  HOH HOH B . 
I 3 HOH 23 223 114 HOH HOH B . 
I 3 HOH 24 224 8   HOH HOH B . 
I 3 HOH 25 225 34  HOH HOH B . 
I 3 HOH 26 226 1   HOH HOH B . 
I 3 HOH 27 227 13  HOH HOH B . 
I 3 HOH 28 228 25  HOH HOH B . 
I 3 HOH 29 229 66  HOH HOH B . 
I 3 HOH 30 230 29  HOH HOH B . 
I 3 HOH 31 231 39  HOH HOH B . 
I 3 HOH 32 232 35  HOH HOH B . 
I 3 HOH 33 233 2   HOH HOH B . 
I 3 HOH 34 234 41  HOH HOH B . 
I 3 HOH 35 235 97  HOH HOH B . 
I 3 HOH 36 236 82  HOH HOH B . 
I 3 HOH 37 237 31  HOH HOH B . 
I 3 HOH 38 238 58  HOH HOH B . 
I 3 HOH 39 239 3   HOH HOH B . 
I 3 HOH 40 240 119 HOH HOH B . 
I 3 HOH 41 241 91  HOH HOH B . 
I 3 HOH 42 242 74  HOH HOH B . 
I 3 HOH 43 243 24  HOH HOH B . 
I 3 HOH 44 244 16  HOH HOH B . 
I 3 HOH 45 245 107 HOH HOH B . 
I 3 HOH 46 246 116 HOH HOH B . 
I 3 HOH 47 247 81  HOH HOH B . 
I 3 HOH 48 248 108 HOH HOH B . 
I 3 HOH 49 249 37  HOH HOH B . 
I 3 HOH 50 250 85  HOH HOH B . 
I 3 HOH 51 251 20  HOH HOH B . 
I 3 HOH 52 252 117 HOH HOH B . 
I 3 HOH 53 253 7   HOH HOH B . 
I 3 HOH 54 254 75  HOH HOH B . 
I 3 HOH 55 255 115 HOH HOH B . 
# 
loop_
_software.citation_id 
_software.classification 
_software.compiler_name 
_software.compiler_version 
_software.contact_author 
_software.contact_author_email 
_software.date 
_software.description 
_software.dependencies 
_software.hardware 
_software.language 
_software.location 
_software.mods 
_software.name 
_software.os 
_software.os_version 
_software.type 
_software.version 
_software.pdbx_ordinal 
? refinement       ? ? ? ? ? ? ? ? ? ? ? REFMAC  ? ? ? 5.8.0158 1 
? 'data reduction' ? ? ? ? ? ? ? ? ? ? ? MOSFLM  ? ? ? .        2 
? 'data scaling'   ? ? ? ? ? ? ? ? ? ? ? Aimless ? ? ? .        3 
? phasing          ? ? ? ? ? ? ? ? ? ? ? PHENIX  ? ? ? .        4 
# 
_cell.angle_alpha                  90.00 
_cell.angle_alpha_esd              ? 
_cell.angle_beta                   101.12 
_cell.angle_beta_esd               ? 
_cell.angle_gamma                  90.00 
_cell.angle_gamma_esd              ? 
_cell.entry_id                     6MC2 
_cell.details                      ? 
_cell.formula_units_Z              ? 
_cell.length_a                     25.960 
_cell.length_a_esd                 ? 
_cell.length_b                     46.960 
_cell.length_b_esd                 ? 
_cell.length_c                     35.963 
_cell.length_c_esd                 ? 
_cell.volume                       ? 
_cell.volume_esd                   ? 
_cell.Z_PDB                        8 
_cell.reciprocal_angle_alpha       ? 
_cell.reciprocal_angle_beta        ? 
_cell.reciprocal_angle_gamma       ? 
_cell.reciprocal_angle_alpha_esd   ? 
_cell.reciprocal_angle_beta_esd    ? 
_cell.reciprocal_angle_gamma_esd   ? 
_cell.reciprocal_length_a          ? 
_cell.reciprocal_length_b          ? 
_cell.reciprocal_length_c          ? 
_cell.reciprocal_length_a_esd      ? 
_cell.reciprocal_length_b_esd      ? 
_cell.reciprocal_length_c_esd      ? 
_cell.pdbx_unique_axis             ? 
# 
_symmetry.entry_id                         6MC2 
_symmetry.cell_setting                     ? 
_symmetry.Int_Tables_number                5 
_symmetry.space_group_name_Hall            ? 
_symmetry.space_group_name_H-M             'I 1 2 1' 
_symmetry.pdbx_full_space_group_name_H-M   ? 
# 
_exptl.absorpt_coefficient_mu     ? 
_exptl.absorpt_correction_T_max   ? 
_exptl.absorpt_correction_T_min   ? 
_exptl.absorpt_correction_type    ? 
_exptl.absorpt_process_details    ? 
_exptl.entry_id                   6MC2 
_exptl.crystals_number            1 
_exptl.details                    ? 
_exptl.method                     'X-RAY DIFFRACTION' 
_exptl.method_details             ? 
# 
_exptl_crystal.colour                      ? 
_exptl_crystal.density_diffrn              ? 
_exptl_crystal.density_Matthews            1.93 
_exptl_crystal.density_method              ? 
_exptl_crystal.density_percent_sol         36.39 
_exptl_crystal.description                 ? 
_exptl_crystal.F_000                       ? 
_exptl_crystal.id                          1 
_exptl_crystal.preparation                 ? 
_exptl_crystal.size_max                    ? 
_exptl_crystal.size_mid                    ? 
_exptl_crystal.size_min                    ? 
_exptl_crystal.size_rad                    ? 
_exptl_crystal.colour_lustre               ? 
_exptl_crystal.colour_modifier             ? 
_exptl_crystal.colour_primary              ? 
_exptl_crystal.density_meas                ? 
_exptl_crystal.density_meas_esd            ? 
_exptl_crystal.density_meas_gt             ? 
_exptl_crystal.density_meas_lt             ? 
_exptl_crystal.density_meas_temp           ? 
_exptl_crystal.density_meas_temp_esd       ? 
_exptl_crystal.density_meas_temp_gt        ? 
_exptl_crystal.density_meas_temp_lt        ? 
_exptl_crystal.pdbx_crystal_image_url      ? 
_exptl_crystal.pdbx_crystal_image_format   ? 
_exptl_crystal.pdbx_mosaicity              ? 
_exptl_crystal.pdbx_mosaicity_esd          ? 
# 
_exptl_crystal_grow.apparatus       ? 
_exptl_crystal_grow.atmosphere      ? 
_exptl_crystal_grow.crystal_id      1 
_exptl_crystal_grow.details         ? 
_exptl_crystal_grow.method          'VAPOR DIFFUSION, SITTING DROP' 
_exptl_crystal_grow.method_ref      ? 
_exptl_crystal_grow.pH              6.4 
_exptl_crystal_grow.pressure        ? 
_exptl_crystal_grow.pressure_esd    ? 
_exptl_crystal_grow.seeding         ? 
_exptl_crystal_grow.seeding_ref     ? 
_exptl_crystal_grow.temp            295.0 
_exptl_crystal_grow.temp_details    ? 
_exptl_crystal_grow.temp_esd        ? 
_exptl_crystal_grow.time            ? 
_exptl_crystal_grow.pdbx_details    
'100 mM magnesium chloride, 6 mM hexamminecobalt(III) chloride, 30 mM sodium cacodylate, equilibrated against 20% MPD' 
_exptl_crystal_grow.pdbx_pH_range   ? 
# 
_diffrn.ambient_environment              ? 
_diffrn.ambient_temp                     100 
_diffrn.ambient_temp_details             ? 
_diffrn.ambient_temp_esd                 ? 
_diffrn.crystal_id                       1 
_diffrn.crystal_support                  ? 
_diffrn.crystal_treatment                ? 
_diffrn.details                          ? 
_diffrn.id                               1 
_diffrn.ambient_pressure                 ? 
_diffrn.ambient_pressure_esd             ? 
_diffrn.ambient_pressure_gt              ? 
_diffrn.ambient_pressure_lt              ? 
_diffrn.ambient_temp_gt                  ? 
_diffrn.ambient_temp_lt                  ? 
_diffrn.pdbx_serial_crystal_experiment   ? 
# 
_diffrn_detector.details                      ? 
_diffrn_detector.detector                     CCD 
_diffrn_detector.diffrn_id                    1 
_diffrn_detector.type                         'MARMOSAIC 225 mm CCD' 
_diffrn_detector.area_resol_mean              ? 
_diffrn_detector.dtime                        ? 
_diffrn_detector.pdbx_frames_total            ? 
_diffrn_detector.pdbx_collection_time_total   ? 
_diffrn_detector.pdbx_collection_date         2016-10-23 
_diffrn_detector.pdbx_frequency               ? 
# 
_diffrn_radiation.collimation                      ? 
_diffrn_radiation.diffrn_id                        1 
_diffrn_radiation.filter_edge                      ? 
_diffrn_radiation.inhomogeneity                    ? 
_diffrn_radiation.monochromator                    ? 
_diffrn_radiation.polarisn_norm                    ? 
_diffrn_radiation.polarisn_ratio                   ? 
_diffrn_radiation.probe                            ? 
_diffrn_radiation.type                             ? 
_diffrn_radiation.xray_symbol                      ? 
_diffrn_radiation.wavelength_id                    1 
_diffrn_radiation.pdbx_monochromatic_or_laue_m_l   M 
_diffrn_radiation.pdbx_wavelength_list             ? 
_diffrn_radiation.pdbx_wavelength                  ? 
_diffrn_radiation.pdbx_diffrn_protocol             'SINGLE WAVELENGTH' 
_diffrn_radiation.pdbx_analyzer                    ? 
_diffrn_radiation.pdbx_scattering_type             x-ray 
# 
_diffrn_radiation_wavelength.id           1 
_diffrn_radiation_wavelength.wavelength   0.919 
_diffrn_radiation_wavelength.wt           1.0 
# 
_diffrn_source.current                     ? 
_diffrn_source.details                     ? 
_diffrn_source.diffrn_id                   1 
_diffrn_source.power                       ? 
_diffrn_source.size                        ? 
_diffrn_source.source                      SYNCHROTRON 
_diffrn_source.target                      ? 
_diffrn_source.type                        'APS BEAMLINE 22-BM' 
_diffrn_source.voltage                     ? 
_diffrn_source.take-off_angle              ? 
_diffrn_source.pdbx_wavelength_list        0.919 
_diffrn_source.pdbx_wavelength             ? 
_diffrn_source.pdbx_synchrotron_beamline   22-BM 
_diffrn_source.pdbx_synchrotron_site       APS 
# 
_reflns.B_iso_Wilson_estimate            ? 
_reflns.entry_id                         6MC2 
_reflns.data_reduction_details           ? 
_reflns.data_reduction_method            ? 
_reflns.d_resolution_high                1.05 
_reflns.d_resolution_low                 23.48 
_reflns.details                          ? 
_reflns.limit_h_max                      ? 
_reflns.limit_h_min                      ? 
_reflns.limit_k_max                      ? 
_reflns.limit_k_min                      ? 
_reflns.limit_l_max                      ? 
_reflns.limit_l_min                      ? 
_reflns.number_all                       ? 
_reflns.number_obs                       19770 
_reflns.observed_criterion               ? 
_reflns.observed_criterion_F_max         ? 
_reflns.observed_criterion_F_min         ? 
_reflns.observed_criterion_I_max         ? 
_reflns.observed_criterion_I_min         ? 
_reflns.observed_criterion_sigma_F       ? 
_reflns.observed_criterion_sigma_I       ? 
_reflns.percent_possible_obs             99.85 
_reflns.R_free_details                   ? 
_reflns.Rmerge_F_all                     ? 
_reflns.Rmerge_F_obs                     ? 
_reflns.Friedel_coverage                 ? 
_reflns.number_gt                        ? 
_reflns.threshold_expression             ? 
_reflns.pdbx_redundancy                  3.5 
_reflns.pdbx_Rmerge_I_obs                0.070 
_reflns.pdbx_Rmerge_I_all                ? 
_reflns.pdbx_Rsym_value                  ? 
_reflns.pdbx_netI_over_av_sigmaI         ? 
_reflns.pdbx_netI_over_sigmaI            9.2 
_reflns.pdbx_res_netI_over_av_sigmaI_2   ? 
_reflns.pdbx_res_netI_over_sigmaI_2      ? 
_reflns.pdbx_chi_squared                 ? 
_reflns.pdbx_scaling_rejects             ? 
_reflns.pdbx_d_res_high_opt              ? 
_reflns.pdbx_d_res_low_opt               ? 
_reflns.pdbx_d_res_opt_method            ? 
_reflns.phase_calculation_details        ? 
_reflns.pdbx_Rrim_I_all                  ? 
_reflns.pdbx_Rpim_I_all                  0.043 
_reflns.pdbx_d_opt                       ? 
_reflns.pdbx_number_measured_all         ? 
_reflns.pdbx_diffrn_id                   1 
_reflns.pdbx_ordinal                     1 
_reflns.pdbx_CC_half                     ? 
_reflns.pdbx_R_split                     ? 
# 
_reflns_shell.d_res_high                  1.05 
_reflns_shell.d_res_low                   1.09 
_reflns_shell.meanI_over_sigI_all         ? 
_reflns_shell.meanI_over_sigI_obs         ? 
_reflns_shell.number_measured_all         ? 
_reflns_shell.number_measured_obs         ? 
_reflns_shell.number_possible             ? 
_reflns_shell.number_unique_all           ? 
_reflns_shell.number_unique_obs           1947 
_reflns_shell.percent_possible_all        ? 
_reflns_shell.percent_possible_obs        ? 
_reflns_shell.Rmerge_F_all                ? 
_reflns_shell.Rmerge_F_obs                ? 
_reflns_shell.Rmerge_I_all                ? 
_reflns_shell.Rmerge_I_obs                0.228 
_reflns_shell.meanI_over_sigI_gt          ? 
_reflns_shell.meanI_over_uI_all           ? 
_reflns_shell.meanI_over_uI_gt            ? 
_reflns_shell.number_measured_gt          ? 
_reflns_shell.number_unique_gt            ? 
_reflns_shell.percent_possible_gt         ? 
_reflns_shell.Rmerge_F_gt                 ? 
_reflns_shell.Rmerge_I_gt                 ? 
_reflns_shell.pdbx_redundancy             ? 
_reflns_shell.pdbx_Rsym_value             ? 
_reflns_shell.pdbx_chi_squared            ? 
_reflns_shell.pdbx_netI_over_sigmaI_all   ? 
_reflns_shell.pdbx_netI_over_sigmaI_obs   ? 
_reflns_shell.pdbx_Rrim_I_all             ? 
_reflns_shell.pdbx_Rpim_I_all             0.160 
_reflns_shell.pdbx_rejects                ? 
_reflns_shell.pdbx_ordinal                1 
_reflns_shell.pdbx_diffrn_id              1 
_reflns_shell.pdbx_CC_half                ? 
_reflns_shell.pdbx_R_split                ? 
# 
_refine.aniso_B[1][1]                            -0.41 
_refine.aniso_B[1][2]                            -0.00 
_refine.aniso_B[1][3]                            -0.55 
_refine.aniso_B[2][2]                            0.75 
_refine.aniso_B[2][3]                            -0.00 
_refine.aniso_B[3][3]                            -0.11 
_refine.B_iso_max                                ? 
_refine.B_iso_mean                               10.177 
_refine.B_iso_min                                ? 
_refine.correlation_coeff_Fo_to_Fc               0.985 
_refine.correlation_coeff_Fo_to_Fc_free          0.973 
_refine.details                                  'HYDROGENS HAVE BEEN ADDED IN THE RIDING POSITIONS' 
_refine.diff_density_max                         ? 
_refine.diff_density_max_esd                     ? 
_refine.diff_density_min                         ? 
_refine.diff_density_min_esd                     ? 
_refine.diff_density_rms                         ? 
_refine.diff_density_rms_esd                     ? 
_refine.entry_id                                 6MC2 
_refine.pdbx_refine_id                           'X-RAY DIFFRACTION' 
_refine.ls_abs_structure_details                 ? 
_refine.ls_abs_structure_Flack                   ? 
_refine.ls_abs_structure_Flack_esd               ? 
_refine.ls_abs_structure_Rogers                  ? 
_refine.ls_abs_structure_Rogers_esd              ? 
_refine.ls_d_res_high                            1.05 
_refine.ls_d_res_low                             23.48 
_refine.ls_extinction_coef                       ? 
_refine.ls_extinction_coef_esd                   ? 
_refine.ls_extinction_expression                 ? 
_refine.ls_extinction_method                     ? 
_refine.ls_goodness_of_fit_all                   ? 
_refine.ls_goodness_of_fit_all_esd               ? 
_refine.ls_goodness_of_fit_obs                   ? 
_refine.ls_goodness_of_fit_obs_esd               ? 
_refine.ls_hydrogen_treatment                    ? 
_refine.ls_matrix_type                           ? 
_refine.ls_number_constraints                    ? 
_refine.ls_number_parameters                     ? 
_refine.ls_number_reflns_all                     ? 
_refine.ls_number_reflns_obs                     18965 
_refine.ls_number_reflns_R_free                  980 
_refine.ls_number_reflns_R_work                  ? 
_refine.ls_number_restraints                     ? 
_refine.ls_percent_reflns_obs                    99.89 
_refine.ls_percent_reflns_R_free                 4.9 
_refine.ls_R_factor_all                          ? 
_refine.ls_R_factor_obs                          0.10836 
_refine.ls_R_factor_R_free                       0.13722 
_refine.ls_R_factor_R_free_error                 ? 
_refine.ls_R_factor_R_free_error_details         ? 
_refine.ls_R_factor_R_work                       0.10689 
_refine.ls_R_Fsqd_factor_obs                     ? 
_refine.ls_R_I_factor_obs                        ? 
_refine.ls_redundancy_reflns_all                 ? 
_refine.ls_redundancy_reflns_obs                 ? 
_refine.ls_restrained_S_all                      ? 
_refine.ls_restrained_S_obs                      ? 
_refine.ls_shift_over_esd_max                    ? 
_refine.ls_shift_over_esd_mean                   ? 
_refine.ls_structure_factor_coef                 ? 
_refine.ls_weighting_details                     ? 
_refine.ls_weighting_scheme                      ? 
_refine.ls_wR_factor_all                         ? 
_refine.ls_wR_factor_obs                         ? 
_refine.ls_wR_factor_R_free                      ? 
_refine.ls_wR_factor_R_work                      ? 
_refine.occupancy_max                            ? 
_refine.occupancy_min                            ? 
_refine.solvent_model_details                    ? 
_refine.solvent_model_param_bsol                 ? 
_refine.solvent_model_param_ksol                 ? 
_refine.ls_R_factor_gt                           ? 
_refine.ls_goodness_of_fit_gt                    ? 
_refine.ls_goodness_of_fit_ref                   ? 
_refine.ls_shift_over_su_max                     ? 
_refine.ls_shift_over_su_max_lt                  ? 
_refine.ls_shift_over_su_mean                    ? 
_refine.ls_shift_over_su_mean_lt                 ? 
_refine.pdbx_ls_sigma_I                          ? 
_refine.pdbx_ls_sigma_F                          ? 
_refine.pdbx_ls_sigma_Fsqd                       ? 
_refine.pdbx_data_cutoff_high_absF               ? 
_refine.pdbx_data_cutoff_high_rms_absF           ? 
_refine.pdbx_data_cutoff_low_absF                ? 
_refine.pdbx_isotropic_thermal_model             ? 
_refine.pdbx_ls_cross_valid_method               THROUGHOUT 
_refine.pdbx_method_to_determine_struct          'MOLECULAR REPLACEMENT' 
_refine.pdbx_starting_model                      ? 
_refine.pdbx_stereochemistry_target_values       ? 
_refine.pdbx_R_Free_selection_details            RANDOM 
_refine.pdbx_stereochem_target_val_spec_case     ? 
_refine.pdbx_overall_ESU_R                       0.024 
_refine.pdbx_overall_ESU_R_Free                  0.026 
_refine.pdbx_solvent_vdw_probe_radii             1.20 
_refine.pdbx_solvent_ion_probe_radii             0.80 
_refine.pdbx_solvent_shrinkage_radii             0.80 
_refine.pdbx_real_space_R                        ? 
_refine.pdbx_density_correlation                 ? 
_refine.pdbx_pd_number_of_powder_patterns        ? 
_refine.pdbx_pd_number_of_points                 ? 
_refine.pdbx_pd_meas_number_of_points            ? 
_refine.pdbx_pd_proc_ls_prof_R_factor            ? 
_refine.pdbx_pd_proc_ls_prof_wR_factor           ? 
_refine.pdbx_pd_Marquardt_correlation_coeff      ? 
_refine.pdbx_pd_Fsqrd_R_factor                   ? 
_refine.pdbx_pd_ls_matrix_band_width             ? 
_refine.pdbx_overall_phase_error                 ? 
_refine.pdbx_overall_SU_R_free_Cruickshank_DPI   ? 
_refine.pdbx_overall_SU_R_free_Blow_DPI          ? 
_refine.pdbx_overall_SU_R_Blow_DPI               ? 
_refine.pdbx_TLS_residual_ADP_flag               ? 
_refine.pdbx_diffrn_id                           1 
_refine.overall_SU_B                             0.865 
_refine.overall_SU_ML                            0.019 
_refine.overall_SU_R_Cruickshank_DPI             ? 
_refine.overall_SU_R_free                        ? 
_refine.overall_FOM_free_R_set                   ? 
_refine.overall_FOM_work_R_set                   ? 
_refine.pdbx_average_fsc_overall                 ? 
_refine.pdbx_average_fsc_work                    ? 
_refine.pdbx_average_fsc_free                    ? 
# 
_refine_hist.pdbx_refine_id                   'X-RAY DIFFRACTION' 
_refine_hist.cycle_id                         1 
_refine_hist.pdbx_number_atoms_protein        0 
_refine_hist.pdbx_number_atoms_nucleic_acid   370 
_refine_hist.pdbx_number_atoms_ligand         5 
_refine_hist.number_atoms_solvent             123 
_refine_hist.number_atoms_total               498 
_refine_hist.d_res_high                       1.05 
_refine_hist.d_res_low                        23.48 
# 
loop_
_refine_ls_restr.pdbx_refine_id 
_refine_ls_restr.criterion 
_refine_ls_restr.dev_ideal 
_refine_ls_restr.dev_ideal_target 
_refine_ls_restr.number 
_refine_ls_restr.rejects 
_refine_ls_restr.type 
_refine_ls_restr.weight 
_refine_ls_restr.pdbx_restraint_function 
'X-RAY DIFFRACTION' ? 0.019  0.011 514 ? r_bond_refined_d             ? ? 
'X-RAY DIFFRACTION' ? 0.003  0.020 252 ? r_bond_other_d               ? ? 
'X-RAY DIFFRACTION' ? 2.405  1.181 801 ? r_angle_refined_deg          ? ? 
'X-RAY DIFFRACTION' ? 1.894  3.000 606 ? r_angle_other_deg            ? ? 
'X-RAY DIFFRACTION' ? ?      ?     ?   ? r_dihedral_angle_1_deg       ? ? 
'X-RAY DIFFRACTION' ? ?      ?     ?   ? r_dihedral_angle_2_deg       ? ? 
'X-RAY DIFFRACTION' ? ?      ?     ?   ? r_dihedral_angle_3_deg       ? ? 
'X-RAY DIFFRACTION' ? ?      ?     ?   ? r_dihedral_angle_4_deg       ? ? 
'X-RAY DIFFRACTION' ? 0.110  0.200 72  ? r_chiral_restr               ? ? 
'X-RAY DIFFRACTION' ? 0.036  0.020 282 ? r_gen_planes_refined         ? ? 
'X-RAY DIFFRACTION' ? 0.015  0.020 118 ? r_gen_planes_other           ? ? 
'X-RAY DIFFRACTION' ? ?      ?     ?   ? r_nbd_refined                ? ? 
'X-RAY DIFFRACTION' ? ?      ?     ?   ? r_nbd_other                  ? ? 
'X-RAY DIFFRACTION' ? ?      ?     ?   ? r_nbtor_refined              ? ? 
'X-RAY DIFFRACTION' ? ?      ?     ?   ? r_nbtor_other                ? ? 
'X-RAY DIFFRACTION' ? ?      ?     ?   ? r_xyhbond_nbd_refined        ? ? 
'X-RAY DIFFRACTION' ? ?      ?     ?   ? r_xyhbond_nbd_other          ? ? 
'X-RAY DIFFRACTION' ? ?      ?     ?   ? r_metal_ion_refined          ? ? 
'X-RAY DIFFRACTION' ? ?      ?     ?   ? r_metal_ion_other            ? ? 
'X-RAY DIFFRACTION' ? ?      ?     ?   ? r_symmetry_vdw_refined       ? ? 
'X-RAY DIFFRACTION' ? ?      ?     ?   ? r_symmetry_vdw_other         ? ? 
'X-RAY DIFFRACTION' ? ?      ?     ?   ? r_symmetry_hbond_refined     ? ? 
'X-RAY DIFFRACTION' ? ?      ?     ?   ? r_symmetry_hbond_other       ? ? 
'X-RAY DIFFRACTION' ? ?      ?     ?   ? r_symmetry_metal_ion_refined ? ? 
'X-RAY DIFFRACTION' ? ?      ?     ?   ? r_symmetry_metal_ion_other   ? ? 
'X-RAY DIFFRACTION' ? ?      ?     ?   ? r_mcbond_it                  ? ? 
'X-RAY DIFFRACTION' ? ?      ?     ?   ? r_mcbond_other               ? ? 
'X-RAY DIFFRACTION' ? ?      ?     ?   ? r_mcangle_it                 ? ? 
'X-RAY DIFFRACTION' ? ?      ?     ?   ? r_mcangle_other              ? ? 
'X-RAY DIFFRACTION' ? 1.930  0.805 514 ? r_scbond_it                  ? ? 
'X-RAY DIFFRACTION' ? 1.932  0.806 513 ? r_scbond_other               ? ? 
'X-RAY DIFFRACTION' ? ?      ?     ?   ? r_scangle_it                 ? ? 
'X-RAY DIFFRACTION' ? 2.497  1.213 800 ? r_scangle_other              ? ? 
'X-RAY DIFFRACTION' ? 3.922  9.445 812 ? r_long_range_B_refined       ? ? 
'X-RAY DIFFRACTION' ? 2.898  8.155 764 ? r_long_range_B_other         ? ? 
'X-RAY DIFFRACTION' ? 7.055  3.000 766 ? r_rigid_bond_restr           ? ? 
'X-RAY DIFFRACTION' ? 32.769 5.000 58  ? r_sphericity_free            ? ? 
'X-RAY DIFFRACTION' ? 12.593 5.000 786 ? r_sphericity_bonded          ? ? 
# 
_refine_ls_shell.pdbx_refine_id                   'X-RAY DIFFRACTION' 
_refine_ls_shell.d_res_high                       1.047 
_refine_ls_shell.d_res_low                        1.074 
_refine_ls_shell.number_reflns_all                ? 
_refine_ls_shell.number_reflns_obs                ? 
_refine_ls_shell.number_reflns_R_free             76 
_refine_ls_shell.number_reflns_R_work             1393 
_refine_ls_shell.percent_reflns_obs               99.46 
_refine_ls_shell.percent_reflns_R_free            ? 
_refine_ls_shell.R_factor_all                     ? 
_refine_ls_shell.R_factor_obs                     ? 
_refine_ls_shell.R_factor_R_free                  0.198 
_refine_ls_shell.R_factor_R_free_error            ? 
_refine_ls_shell.R_factor_R_work                  0.206 
_refine_ls_shell.redundancy_reflns_all            ? 
_refine_ls_shell.redundancy_reflns_obs            ? 
_refine_ls_shell.wR_factor_all                    ? 
_refine_ls_shell.wR_factor_obs                    ? 
_refine_ls_shell.wR_factor_R_free                 ? 
_refine_ls_shell.wR_factor_R_work                 ? 
_refine_ls_shell.pdbx_total_number_of_bins_used   20 
_refine_ls_shell.pdbx_phase_error                 ? 
_refine_ls_shell.pdbx_fsc_work                    ? 
_refine_ls_shell.pdbx_fsc_free                    ? 
# 
_struct.entry_id                     6MC2 
_struct.title                        'Crystal structure of a tetrameric DNA fold-back quadruplex' 
_struct.pdbx_model_details           ? 
_struct.pdbx_formula_weight          ? 
_struct.pdbx_formula_weight_method   ? 
_struct.pdbx_model_type_details      ? 
_struct.pdbx_CASP_flag               N 
# 
_struct_keywords.entry_id        6MC2 
_struct_keywords.text            'quadruplex, fold-back, hexad, non-canonical, DNA' 
_struct_keywords.pdbx_keywords   DNA 
# 
loop_
_struct_asym.id 
_struct_asym.pdbx_blank_PDB_chainid_flag 
_struct_asym.pdbx_modified 
_struct_asym.entity_id 
_struct_asym.details 
A N N 1 ? 
B N N 1 ? 
C N N 2 ? 
D N N 2 ? 
E N N 2 ? 
F N N 2 ? 
G N N 2 ? 
H N N 3 ? 
I N N 3 ? 
# 
_struct_ref.id                         1 
_struct_ref.db_name                    PDB 
_struct_ref.db_code                    6MC2 
_struct_ref.pdbx_db_accession          6MC2 
_struct_ref.pdbx_db_isoform            ? 
_struct_ref.entity_id                  1 
_struct_ref.pdbx_seq_one_letter_code   ? 
_struct_ref.pdbx_align_begin           1 
# 
loop_
_struct_ref_seq.align_id 
_struct_ref_seq.ref_id 
_struct_ref_seq.pdbx_PDB_id_code 
_struct_ref_seq.pdbx_strand_id 
_struct_ref_seq.seq_align_beg 
_struct_ref_seq.pdbx_seq_align_beg_ins_code 
_struct_ref_seq.seq_align_end 
_struct_ref_seq.pdbx_seq_align_end_ins_code 
_struct_ref_seq.pdbx_db_accession 
_struct_ref_seq.db_align_beg 
_struct_ref_seq.pdbx_db_align_beg_ins_code 
_struct_ref_seq.db_align_end 
_struct_ref_seq.pdbx_db_align_end_ins_code 
_struct_ref_seq.pdbx_auth_seq_align_beg 
_struct_ref_seq.pdbx_auth_seq_align_end 
1 1 6MC2 A 1 ? 9 ? 6MC2 1 ? 9 ? 1 9 
2 1 6MC2 B 1 ? 9 ? 6MC2 1 ? 9 ? 1 9 
# 
_pdbx_struct_assembly.id                   1 
_pdbx_struct_assembly.details              author_and_software_defined_assembly 
_pdbx_struct_assembly.method_details       PISA 
_pdbx_struct_assembly.oligomeric_details   tetrameric 
_pdbx_struct_assembly.oligomeric_count     4 
# 
loop_
_pdbx_struct_assembly_prop.biol_id 
_pdbx_struct_assembly_prop.type 
_pdbx_struct_assembly_prop.value 
_pdbx_struct_assembly_prop.details 
1 'ABSA (A^2)' 4270 ? 
1 MORE         -50  ? 
1 'SSA (A^2)'  4950 ? 
# 
_pdbx_struct_assembly_gen.assembly_id       1 
_pdbx_struct_assembly_gen.oper_expression   1,2 
_pdbx_struct_assembly_gen.asym_id_list      A,B,C,D,E,F,G,H,I 
# 
_pdbx_struct_assembly_auth_evidence.id                     1 
_pdbx_struct_assembly_auth_evidence.assembly_id            1 
_pdbx_struct_assembly_auth_evidence.experimental_support   SAXS 
_pdbx_struct_assembly_auth_evidence.details                ? 
# 
loop_
_pdbx_struct_oper_list.id 
_pdbx_struct_oper_list.type 
_pdbx_struct_oper_list.name 
_pdbx_struct_oper_list.symmetry_operation 
_pdbx_struct_oper_list.matrix[1][1] 
_pdbx_struct_oper_list.matrix[1][2] 
_pdbx_struct_oper_list.matrix[1][3] 
_pdbx_struct_oper_list.vector[1] 
_pdbx_struct_oper_list.matrix[2][1] 
_pdbx_struct_oper_list.matrix[2][2] 
_pdbx_struct_oper_list.matrix[2][3] 
_pdbx_struct_oper_list.vector[2] 
_pdbx_struct_oper_list.matrix[3][1] 
_pdbx_struct_oper_list.matrix[3][2] 
_pdbx_struct_oper_list.matrix[3][3] 
_pdbx_struct_oper_list.vector[3] 
1 'identity operation'         1_555 x,y,z       1.0000000000 0.0000000000  0.0000000000  0.0000000000  0.0000000000  1.0000000000  0.0000000000 0.0000000000  0.0000000000  0.0000000000 1.0000000000  0.0000000000   
2 'crystal symmetry operation' 2_458 -x-1,y,-z+3 0.5417568093 -0.1897036398 -0.8188480254 -5.9296802416 -0.1897036398 -0.9766581404 0.1007541850 -0.9559845213 -0.8188480254 0.1007541850 -0.5650986689 -10.9431431335 
# 
loop_
_struct_conn.id 
_struct_conn.conn_type_id 
_struct_conn.pdbx_leaving_atom_flag 
_struct_conn.pdbx_PDB_id 
_struct_conn.ptnr1_label_asym_id 
_struct_conn.ptnr1_label_comp_id 
_struct_conn.ptnr1_label_seq_id 
_struct_conn.ptnr1_label_atom_id 
_struct_conn.pdbx_ptnr1_label_alt_id 
_struct_conn.pdbx_ptnr1_PDB_ins_code 
_struct_conn.pdbx_ptnr1_standard_comp_id 
_struct_conn.ptnr1_symmetry 
_struct_conn.ptnr2_label_asym_id 
_struct_conn.ptnr2_label_comp_id 
_struct_conn.ptnr2_label_seq_id 
_struct_conn.ptnr2_label_atom_id 
_struct_conn.pdbx_ptnr2_label_alt_id 
_struct_conn.pdbx_ptnr2_PDB_ins_code 
_struct_conn.ptnr1_auth_asym_id 
_struct_conn.ptnr1_auth_comp_id 
_struct_conn.ptnr1_auth_seq_id 
_struct_conn.ptnr2_auth_asym_id 
_struct_conn.ptnr2_auth_comp_id 
_struct_conn.ptnr2_auth_seq_id 
_struct_conn.ptnr2_symmetry 
_struct_conn.pdbx_ptnr3_label_atom_id 
_struct_conn.pdbx_ptnr3_label_seq_id 
_struct_conn.pdbx_ptnr3_label_comp_id 
_struct_conn.pdbx_ptnr3_label_asym_id 
_struct_conn.pdbx_ptnr3_label_alt_id 
_struct_conn.pdbx_ptnr3_PDB_ins_code 
_struct_conn.details 
_struct_conn.pdbx_dist_value 
_struct_conn.pdbx_value_order 
_struct_conn.pdbx_role 
metalc1  metalc ? ? A DA  4 OP2 ? ? ? 1_555 F MG  . MG ? ? A DA  4   B MG  101 4_357 ? ? ? ? ? ? ?            2.002 ? ? 
metalc2  metalc ? ? A DA  5 OP2 ? ? ? 1_555 C MG  . MG ? ? A DA  5   A MG  101 1_555 ? ? ? ? ? ? ?            1.989 ? ? 
metalc3  metalc ? ? A DG  7 OP1 A ? ? 1_555 D MG  . MG ? ? A DG  7   A MG  102 1_555 ? ? ? ? ? ? ?            2.207 ? ? 
metalc4  metalc ? ? A DG  7 OP1 B ? ? 1_555 D MG  . MG ? ? A DG  7   A MG  102 1_555 ? ? ? ? ? ? ?            1.947 ? ? 
metalc5  metalc ? ? C MG  . MG  ? ? ? 1_555 H HOH . O  ? ? A MG  101 A HOH 238 1_555 ? ? ? ? ? ? ?            2.065 ? ? 
metalc6  metalc ? ? C MG  . MG  ? ? ? 1_555 H HOH . O  ? ? A MG  101 A HOH 242 1_555 ? ? ? ? ? ? ?            2.084 ? ? 
metalc7  metalc ? ? C MG  . MG  ? ? ? 1_555 H HOH . O  ? ? A MG  101 A HOH 246 1_555 ? ? ? ? ? ? ?            2.068 ? ? 
metalc8  metalc ? ? C MG  . MG  ? ? ? 1_555 H HOH . O  ? ? A MG  101 A HOH 249 1_555 ? ? ? ? ? ? ?            2.125 ? ? 
metalc9  metalc ? ? C MG  . MG  ? ? ? 1_555 H HOH . O  ? ? A MG  101 A HOH 262 1_555 ? ? ? ? ? ? ?            2.092 ? ? 
metalc10 metalc ? ? D MG  . MG  ? ? ? 1_555 H HOH . O  ? ? A MG  102 A HOH 206 1_555 ? ? ? ? ? ? ?            2.131 ? ? 
metalc11 metalc ? ? D MG  . MG  ? ? ? 1_555 H HOH . O  ? ? A MG  102 A HOH 225 1_555 ? ? ? ? ? ? ?            2.067 ? ? 
metalc12 metalc ? ? D MG  . MG  ? ? ? 1_555 H HOH . O  A ? A MG  102 A HOH 234 1_555 ? ? ? ? ? ? ?            2.024 ? ? 
metalc13 metalc ? ? D MG  . MG  ? ? ? 1_555 H HOH . O  ? ? A MG  102 A HOH 241 1_555 ? ? ? ? ? ? ?            2.314 ? ? 
metalc14 metalc ? ? D MG  . MG  ? ? ? 1_555 H HOH . O  A ? A MG  102 A HOH 253 1_555 ? ? ? ? ? ? ?            1.944 ? ? 
metalc15 metalc ? ? D MG  . MG  ? ? ? 1_555 H HOH . O  B ? A MG  102 A HOH 253 1_555 ? ? ? ? ? ? ?            2.219 ? ? 
metalc16 metalc ? ? D MG  . MG  ? ? ? 1_555 H HOH . O  ? ? A MG  102 A HOH 260 1_555 ? ? ? ? ? ? ?            1.868 ? ? 
metalc17 metalc ? ? E MG  . MG  ? ? ? 1_555 H HOH . O  ? ? A MG  103 A HOH 217 1_555 ? ? ? ? ? ? ?            2.165 ? ? 
metalc18 metalc ? ? E MG  . MG  ? ? ? 1_555 H HOH . O  ? ? A MG  103 A HOH 259 1_555 ? ? ? ? ? ? ?            1.955 ? ? 
metalc19 metalc ? ? E MG  . MG  ? ? ? 1_555 H HOH . O  ? ? A MG  103 A HOH 261 1_555 ? ? ? ? ? ? ?            2.161 ? ? 
metalc20 metalc ? ? E MG  . MG  ? ? ? 1_555 H HOH . O  ? ? A MG  103 A HOH 265 1_555 ? ? ? ? ? ? ?            1.955 ? ? 
metalc21 metalc ? ? E MG  . MG  ? ? ? 1_555 H HOH . O  ? ? A MG  103 A HOH 267 1_555 ? ? ? ? ? ? ?            2.074 ? ? 
metalc22 metalc ? ? E MG  . MG  ? ? ? 1_555 H HOH . O  ? ? A MG  103 A HOH 268 1_555 ? ? ? ? ? ? ?            1.961 ? ? 
metalc23 metalc ? ? H HOH . O   A ? ? 1_555 G MG  . MG ? ? A HOH 201 B MG  102 1_555 ? ? ? ? ? ? ?            2.086 ? ? 
metalc24 metalc ? ? H HOH . O   B ? ? 1_555 G MG  . MG ? ? A HOH 201 B MG  102 1_555 ? ? ? ? ? ? ?            2.091 ? ? 
metalc25 metalc ? ? H HOH . O   A ? ? 2_458 G MG  . MG ? ? A HOH 201 B MG  102 1_555 ? ? ? ? ? ? ?            2.762 ? ? 
metalc26 metalc ? ? H HOH . O   A ? ? 1_555 G MG  . MG ? ? A HOH 209 B MG  102 1_555 ? ? ? ? ? ? ?            2.027 ? ? 
metalc27 metalc ? ? H HOH . O   B ? ? 1_555 G MG  . MG ? ? A HOH 209 B MG  102 1_555 ? ? ? ? ? ? ?            2.983 ? ? 
metalc28 metalc ? ? H HOH . O   A ? ? 1_555 G MG  . MG ? ? A HOH 243 B MG  102 1_555 ? ? ? ? ? ? ?            2.298 ? ? 
metalc29 metalc ? ? H HOH . O   B ? ? 1_555 G MG  . MG ? ? A HOH 243 B MG  102 1_555 ? ? ? ? ? ? ?            2.072 ? ? 
metalc30 metalc ? ? B DA  4 OP2 ? ? ? 1_555 F MG  . MG ? ? B DA  4   B MG  101 1_555 ? ? ? ? ? ? ?            2.001 ? ? 
metalc31 metalc ? ? F MG  . MG  ? ? ? 1_555 I HOH . O  ? ? B MG  101 B HOH 216 1_555 ? ? ? ? ? ? ?            2.053 ? ? 
metalc32 metalc ? ? F MG  . MG  ? ? ? 1_555 I HOH . O  ? ? B MG  101 B HOH 227 1_555 ? ? ? ? ? ? ?            2.093 ? ? 
metalc33 metalc ? ? F MG  . MG  ? ? ? 1_555 I HOH . O  ? ? B MG  101 B HOH 233 1_555 ? ? ? ? ? ? ?            2.067 ? ? 
metalc34 metalc ? ? F MG  . MG  ? ? ? 1_555 I HOH . O  ? ? B MG  101 B HOH 251 1_555 ? ? ? ? ? ? ?            2.106 ? ? 
metalc35 metalc ? ? G MG  . MG  ? ? ? 1_555 I HOH . O  A ? B MG  102 B HOH 205 1_555 ? ? ? ? ? ? ?            2.027 ? ? 
metalc36 metalc ? ? G MG  . MG  ? ? ? 1_555 I HOH . O  B ? B MG  102 B HOH 205 1_555 ? ? ? ? ? ? ?            1.902 ? ? 
metalc37 metalc ? ? G MG  . MG  ? ? ? 1_555 I HOH . O  A ? B MG  102 B HOH 205 2_458 ? ? ? ? ? ? ?            2.592 ? ? 
metalc38 metalc ? ? G MG  . MG  ? ? ? 1_555 I HOH . O  B ? B MG  102 B HOH 205 2_458 ? ? ? ? ? ? ?            2.120 ? ? 
hydrog1  hydrog ? ? A DC  1 N3  ? ? ? 1_555 B DG  6 N1 ? ? A DC  1   B DG  6   1_555 ? ? ? ? ? ? WATSON-CRICK ?     ? ? 
hydrog2  hydrog ? ? A DC  1 N4  ? ? ? 1_555 B DG  6 O6 ? ? A DC  1   B DG  6   1_555 ? ? ? ? ? ? WATSON-CRICK ?     ? ? 
hydrog3  hydrog ? ? A DC  1 O2  ? ? ? 1_555 B DG  6 N2 ? ? A DC  1   B DG  6   1_555 ? ? ? ? ? ? WATSON-CRICK ?     ? ? 
hydrog4  hydrog ? ? A DG  2 N2  ? ? ? 1_555 B DG  2 N3 ? ? A DG  2   B DG  2   1_555 ? ? ? ? ? ? TYPE_4_PAIR  ?     ? ? 
hydrog5  hydrog ? ? A DG  2 N3  ? ? ? 1_555 B DG  2 N2 ? ? A DG  2   B DG  2   1_555 ? ? ? ? ? ? TYPE_4_PAIR  ?     ? ? 
hydrog6  hydrog ? ? A DG  2 N1  ? ? ? 1_555 B DA  5 N7 ? ? A DG  2   B DA  5   1_555 ? ? ? ? ? ? TYPE_9_PAIR  ?     ? ? 
hydrog7  hydrog ? ? A DG  2 O6  ? ? ? 1_555 B DA  5 N6 ? ? A DG  2   B DA  5   1_555 ? ? ? ? ? ? TYPE_9_PAIR  ?     ? ? 
hydrog8  hydrog ? ? A DA  5 N6  ? ? ? 1_555 B DG  2 O6 ? ? A DA  5   B DG  2   1_555 ? ? ? ? ? ? TYPE_9_PAIR  ?     ? ? 
hydrog9  hydrog ? ? A DA  5 N7  ? ? ? 1_555 B DG  2 N1 ? ? A DA  5   B DG  2   1_555 ? ? ? ? ? ? TYPE_9_PAIR  ?     ? ? 
hydrog10 hydrog ? ? A DG  6 N1  ? ? ? 1_555 B DC  1 N3 ? ? A DG  6   B DC  1   1_555 ? ? ? ? ? ? WATSON-CRICK ?     ? ? 
hydrog11 hydrog ? ? A DG  6 N2  ? ? ? 1_555 B DC  1 O2 ? ? A DG  6   B DC  1   1_555 ? ? ? ? ? ? WATSON-CRICK ?     ? ? 
hydrog12 hydrog ? ? A DG  6 O6  ? ? ? 1_555 B DC  1 N4 ? ? A DG  6   B DC  1   1_555 ? ? ? ? ? ? WATSON-CRICK ?     ? ? 
hydrog13 hydrog ? ? A DG  6 N2  ? ? ? 1_555 B DG  6 N3 ? ? A DG  6   B DG  6   1_555 ? ? ? ? ? ? TYPE_4_PAIR  ?     ? ? 
hydrog14 hydrog ? ? A DG  6 N3  ? ? ? 1_555 B DG  6 N2 ? ? A DG  6   B DG  6   1_555 ? ? ? ? ? ? TYPE_4_PAIR  ?     ? ? 
hydrog15 hydrog ? ? A DG  7 N1  A ? ? 1_555 A DC  8 N3 A ? A DG  7   A DC  8   2_458 ? ? ? ? ? ? WATSON-CRICK ?     ? ? 
hydrog16 hydrog ? ? A DG  7 N1  B ? ? 1_555 A DC  8 N3 B ? A DG  7   A DC  8   2_458 ? ? ? ? ? ? WATSON-CRICK ?     ? ? 
hydrog17 hydrog ? ? A DG  7 N2  A ? ? 1_555 A DC  8 O2 A ? A DG  7   A DC  8   2_458 ? ? ? ? ? ? WATSON-CRICK ?     ? ? 
hydrog18 hydrog ? ? A DG  7 N2  B ? ? 1_555 A DC  8 O2 B ? A DG  7   A DC  8   2_458 ? ? ? ? ? ? WATSON-CRICK ?     ? ? 
hydrog19 hydrog ? ? A DG  7 O6  A ? ? 1_555 A DC  8 N4 A ? A DG  7   A DC  8   2_458 ? ? ? ? ? ? WATSON-CRICK ?     ? ? 
hydrog20 hydrog ? ? A DG  7 O6  B ? ? 1_555 A DC  8 N4 B ? A DG  7   A DC  8   2_458 ? ? ? ? ? ? WATSON-CRICK ?     ? ? 
hydrog21 hydrog ? ? A DC  8 N3  A ? ? 1_555 A DG  7 N1 A ? A DC  8   A DG  7   2_458 ? ? ? ? ? ? WATSON-CRICK ?     ? ? 
hydrog22 hydrog ? ? A DC  8 N3  B ? ? 1_555 A DG  7 N1 B ? A DC  8   A DG  7   2_458 ? ? ? ? ? ? WATSON-CRICK ?     ? ? 
hydrog23 hydrog ? ? A DC  8 N4  A ? ? 1_555 A DG  7 O6 A ? A DC  8   A DG  7   2_458 ? ? ? ? ? ? WATSON-CRICK ?     ? ? 
hydrog24 hydrog ? ? A DC  8 N4  B ? ? 1_555 A DG  7 O6 B ? A DC  8   A DG  7   2_458 ? ? ? ? ? ? WATSON-CRICK ?     ? ? 
hydrog25 hydrog ? ? A DC  8 O2  A ? ? 1_555 A DG  7 N2 A ? A DC  8   A DG  7   2_458 ? ? ? ? ? ? WATSON-CRICK ?     ? ? 
hydrog26 hydrog ? ? A DC  8 O2  B ? ? 1_555 A DG  7 N2 B ? A DC  8   A DG  7   2_458 ? ? ? ? ? ? WATSON-CRICK ?     ? ? 
hydrog27 hydrog ? ? B DG  7 N1  ? ? ? 1_555 B DC  8 N3 ? ? B DG  7   B DC  8   2_458 ? ? ? ? ? ? WATSON-CRICK ?     ? ? 
hydrog28 hydrog ? ? B DG  7 N2  ? ? ? 1_555 B DC  8 O2 ? ? B DG  7   B DC  8   2_458 ? ? ? ? ? ? WATSON-CRICK ?     ? ? 
hydrog29 hydrog ? ? B DG  7 O6  ? ? ? 1_555 B DC  8 N4 ? ? B DG  7   B DC  8   2_458 ? ? ? ? ? ? WATSON-CRICK ?     ? ? 
hydrog30 hydrog ? ? B DC  8 N3  ? ? ? 1_555 B DG  7 N1 ? ? B DC  8   B DG  7   2_458 ? ? ? ? ? ? WATSON-CRICK ?     ? ? 
hydrog31 hydrog ? ? B DC  8 N4  ? ? ? 1_555 B DG  7 O6 ? ? B DC  8   B DG  7   2_458 ? ? ? ? ? ? WATSON-CRICK ?     ? ? 
hydrog32 hydrog ? ? B DC  8 O2  ? ? ? 1_555 B DG  7 N2 ? ? B DC  8   B DG  7   2_458 ? ? ? ? ? ? WATSON-CRICK ?     ? ? 
# 
loop_
_struct_conn_type.id 
_struct_conn_type.criteria 
_struct_conn_type.reference 
metalc ? ? 
hydrog ? ? 
# 
loop_
_pdbx_struct_conn_angle.id 
_pdbx_struct_conn_angle.ptnr1_label_atom_id 
_pdbx_struct_conn_angle.ptnr1_label_alt_id 
_pdbx_struct_conn_angle.ptnr1_label_asym_id 
_pdbx_struct_conn_angle.ptnr1_label_comp_id 
_pdbx_struct_conn_angle.ptnr1_label_seq_id 
_pdbx_struct_conn_angle.ptnr1_auth_atom_id 
_pdbx_struct_conn_angle.ptnr1_auth_asym_id 
_pdbx_struct_conn_angle.ptnr1_auth_comp_id 
_pdbx_struct_conn_angle.ptnr1_auth_seq_id 
_pdbx_struct_conn_angle.ptnr1_PDB_ins_code 
_pdbx_struct_conn_angle.ptnr1_symmetry 
_pdbx_struct_conn_angle.ptnr2_label_atom_id 
_pdbx_struct_conn_angle.ptnr2_label_alt_id 
_pdbx_struct_conn_angle.ptnr2_label_asym_id 
_pdbx_struct_conn_angle.ptnr2_label_comp_id 
_pdbx_struct_conn_angle.ptnr2_label_seq_id 
_pdbx_struct_conn_angle.ptnr2_auth_atom_id 
_pdbx_struct_conn_angle.ptnr2_auth_asym_id 
_pdbx_struct_conn_angle.ptnr2_auth_comp_id 
_pdbx_struct_conn_angle.ptnr2_auth_seq_id 
_pdbx_struct_conn_angle.ptnr2_PDB_ins_code 
_pdbx_struct_conn_angle.ptnr2_symmetry 
_pdbx_struct_conn_angle.ptnr3_label_atom_id 
_pdbx_struct_conn_angle.ptnr3_label_alt_id 
_pdbx_struct_conn_angle.ptnr3_label_asym_id 
_pdbx_struct_conn_angle.ptnr3_label_comp_id 
_pdbx_struct_conn_angle.ptnr3_label_seq_id 
_pdbx_struct_conn_angle.ptnr3_auth_atom_id 
_pdbx_struct_conn_angle.ptnr3_auth_asym_id 
_pdbx_struct_conn_angle.ptnr3_auth_comp_id 
_pdbx_struct_conn_angle.ptnr3_auth_seq_id 
_pdbx_struct_conn_angle.ptnr3_PDB_ins_code 
_pdbx_struct_conn_angle.ptnr3_symmetry 
_pdbx_struct_conn_angle.value 
_pdbx_struct_conn_angle.value_esd 
1   OP2 ? A DA  4 ? A DA  4   ? 1_555 MG ? F MG . ? B MG 101 ? 4_357 OP2 ? B DA  4 ? B DA  4   ? 1_555 63.6  ? 
2   OP2 ? A DA  4 ? A DA  4   ? 1_555 MG ? F MG . ? B MG 101 ? 4_357 O   ? I HOH . ? B HOH 216 ? 1_555 62.8  ? 
3   OP2 ? B DA  4 ? B DA  4   ? 1_555 MG ? F MG . ? B MG 101 ? 4_357 O   ? I HOH . ? B HOH 216 ? 1_555 7.4   ? 
4   OP2 ? A DA  4 ? A DA  4   ? 1_555 MG ? F MG . ? B MG 101 ? 4_357 O   ? I HOH . ? B HOH 227 ? 1_555 57.2  ? 
5   OP2 ? B DA  4 ? B DA  4   ? 1_555 MG ? F MG . ? B MG 101 ? 4_357 O   ? I HOH . ? B HOH 227 ? 1_555 7.0   ? 
6   O   ? I HOH . ? B HOH 216 ? 1_555 MG ? F MG . ? B MG 101 ? 4_357 O   ? I HOH . ? B HOH 227 ? 1_555 6.9   ? 
7   OP2 ? A DA  4 ? A DA  4   ? 1_555 MG ? F MG . ? B MG 101 ? 4_357 O   ? I HOH . ? B HOH 233 ? 1_555 58.2  ? 
8   OP2 ? B DA  4 ? B DA  4   ? 1_555 MG ? F MG . ? B MG 101 ? 4_357 O   ? I HOH . ? B HOH 233 ? 1_555 5.3   ? 
9   O   ? I HOH . ? B HOH 216 ? 1_555 MG ? F MG . ? B MG 101 ? 4_357 O   ? I HOH . ? B HOH 233 ? 1_555 8.6   ? 
10  O   ? I HOH . ? B HOH 227 ? 1_555 MG ? F MG . ? B MG 101 ? 4_357 O   ? I HOH . ? B HOH 233 ? 1_555 3.2   ? 
11  OP2 ? A DA  4 ? A DA  4   ? 1_555 MG ? F MG . ? B MG 101 ? 4_357 O   ? I HOH . ? B HOH 251 ? 1_555 57.7  ? 
12  OP2 ? B DA  4 ? B DA  4   ? 1_555 MG ? F MG . ? B MG 101 ? 4_357 O   ? I HOH . ? B HOH 251 ? 1_555 8.8   ? 
13  O   ? I HOH . ? B HOH 216 ? 1_555 MG ? F MG . ? B MG 101 ? 4_357 O   ? I HOH . ? B HOH 251 ? 1_555 5.1   ? 
14  O   ? I HOH . ? B HOH 227 ? 1_555 MG ? F MG . ? B MG 101 ? 4_357 O   ? I HOH . ? B HOH 251 ? 1_555 3.5   ? 
15  O   ? I HOH . ? B HOH 233 ? 1_555 MG ? F MG . ? B MG 101 ? 4_357 O   ? I HOH . ? B HOH 251 ? 1_555 6.6   ? 
16  OP2 ? A DA  5 ? A DA  5   ? 1_555 MG ? C MG . ? A MG 101 ? 1_555 O   ? H HOH . ? A HOH 238 ? 1_555 89.3  ? 
17  OP2 ? A DA  5 ? A DA  5   ? 1_555 MG ? C MG . ? A MG 101 ? 1_555 O   ? H HOH . ? A HOH 242 ? 1_555 90.1  ? 
18  O   ? H HOH . ? A HOH 238 ? 1_555 MG ? C MG . ? A MG 101 ? 1_555 O   ? H HOH . ? A HOH 242 ? 1_555 90.0  ? 
19  OP2 ? A DA  5 ? A DA  5   ? 1_555 MG ? C MG . ? A MG 101 ? 1_555 O   ? H HOH . ? A HOH 246 ? 1_555 94.7  ? 
20  O   ? H HOH . ? A HOH 238 ? 1_555 MG ? C MG . ? A MG 101 ? 1_555 O   ? H HOH . ? A HOH 246 ? 1_555 176.1 ? 
21  O   ? H HOH . ? A HOH 242 ? 1_555 MG ? C MG . ? A MG 101 ? 1_555 O   ? H HOH . ? A HOH 246 ? 1_555 89.9  ? 
22  OP2 ? A DA  5 ? A DA  5   ? 1_555 MG ? C MG . ? A MG 101 ? 1_555 O   ? H HOH . ? A HOH 249 ? 1_555 93.6  ? 
23  O   ? H HOH . ? A HOH 238 ? 1_555 MG ? C MG . ? A MG 101 ? 1_555 O   ? H HOH . ? A HOH 249 ? 1_555 89.9  ? 
24  O   ? H HOH . ? A HOH 242 ? 1_555 MG ? C MG . ? A MG 101 ? 1_555 O   ? H HOH . ? A HOH 249 ? 1_555 176.3 ? 
25  O   ? H HOH . ? A HOH 246 ? 1_555 MG ? C MG . ? A MG 101 ? 1_555 O   ? H HOH . ? A HOH 249 ? 1_555 89.9  ? 
26  OP2 ? A DA  5 ? A DA  5   ? 1_555 MG ? C MG . ? A MG 101 ? 1_555 O   ? H HOH . ? A HOH 262 ? 1_555 178.5 ? 
27  O   ? H HOH . ? A HOH 238 ? 1_555 MG ? C MG . ? A MG 101 ? 1_555 O   ? H HOH . ? A HOH 262 ? 1_555 90.7  ? 
28  O   ? H HOH . ? A HOH 242 ? 1_555 MG ? C MG . ? A MG 101 ? 1_555 O   ? H HOH . ? A HOH 262 ? 1_555 88.5  ? 
29  O   ? H HOH . ? A HOH 246 ? 1_555 MG ? C MG . ? A MG 101 ? 1_555 O   ? H HOH . ? A HOH 262 ? 1_555 85.4  ? 
30  O   ? H HOH . ? A HOH 249 ? 1_555 MG ? C MG . ? A MG 101 ? 1_555 O   ? H HOH . ? A HOH 262 ? 1_555 87.9  ? 
31  OP1 A A DG  7 ? A DG  7   ? 1_555 MG ? D MG . ? A MG 102 ? 1_555 OP1 B A DG  7 ? A DG  7   ? 1_555 17.5  ? 
32  OP1 A A DG  7 ? A DG  7   ? 1_555 MG ? D MG . ? A MG 102 ? 1_555 O   ? H HOH . ? A HOH 206 ? 1_555 66.5  ? 
33  OP1 B A DG  7 ? A DG  7   ? 1_555 MG ? D MG . ? A MG 102 ? 1_555 O   ? H HOH . ? A HOH 206 ? 1_555 82.4  ? 
34  OP1 A A DG  7 ? A DG  7   ? 1_555 MG ? D MG . ? A MG 102 ? 1_555 O   ? H HOH . ? A HOH 225 ? 1_555 106.9 ? 
35  OP1 B A DG  7 ? A DG  7   ? 1_555 MG ? D MG . ? A MG 102 ? 1_555 O   ? H HOH . ? A HOH 225 ? 1_555 89.4  ? 
36  O   ? H HOH . ? A HOH 206 ? 1_555 MG ? D MG . ? A MG 102 ? 1_555 O   ? H HOH . ? A HOH 225 ? 1_555 150.7 ? 
37  OP1 A A DG  7 ? A DG  7   ? 1_555 MG ? D MG . ? A MG 102 ? 1_555 O   A H HOH . ? A HOH 234 ? 1_555 82.3  ? 
38  OP1 B A DG  7 ? A DG  7   ? 1_555 MG ? D MG . ? A MG 102 ? 1_555 O   A H HOH . ? A HOH 234 ? 1_555 87.5  ? 
39  O   ? H HOH . ? A HOH 206 ? 1_555 MG ? D MG . ? A MG 102 ? 1_555 O   A H HOH . ? A HOH 234 ? 1_555 47.9  ? 
40  O   ? H HOH . ? A HOH 225 ? 1_555 MG ? D MG . ? A MG 102 ? 1_555 O   A H HOH . ? A HOH 234 ? 1_555 103.9 ? 
41  OP1 A A DG  7 ? A DG  7   ? 1_555 MG ? D MG . ? A MG 102 ? 1_555 O   ? H HOH . ? A HOH 241 ? 1_555 78.9  ? 
42  OP1 B A DG  7 ? A DG  7   ? 1_555 MG ? D MG . ? A MG 102 ? 1_555 O   ? H HOH . ? A HOH 241 ? 1_555 95.4  ? 
43  O   ? H HOH . ? A HOH 206 ? 1_555 MG ? D MG . ? A MG 102 ? 1_555 O   ? H HOH . ? A HOH 241 ? 1_555 46.1  ? 
44  O   ? H HOH . ? A HOH 225 ? 1_555 MG ? D MG . ? A MG 102 ? 1_555 O   ? H HOH . ? A HOH 241 ? 1_555 163.3 ? 
45  O   A H HOH . ? A HOH 234 ? 1_555 MG ? D MG . ? A MG 102 ? 1_555 O   ? H HOH . ? A HOH 241 ? 1_555 92.4  ? 
46  OP1 A A DG  7 ? A DG  7   ? 1_555 MG ? D MG . ? A MG 102 ? 1_555 O   A H HOH . ? A HOH 253 ? 1_555 94.4  ? 
47  OP1 B A DG  7 ? A DG  7   ? 1_555 MG ? D MG . ? A MG 102 ? 1_555 O   A H HOH . ? A HOH 253 ? 1_555 92.1  ? 
48  O   ? H HOH . ? A HOH 206 ? 1_555 MG ? D MG . ? A MG 102 ? 1_555 O   A H HOH . ? A HOH 253 ? 1_555 122.4 ? 
49  O   ? H HOH . ? A HOH 225 ? 1_555 MG ? D MG . ? A MG 102 ? 1_555 O   A H HOH . ? A HOH 253 ? 1_555 85.8  ? 
50  O   A H HOH . ? A HOH 234 ? 1_555 MG ? D MG . ? A MG 102 ? 1_555 O   A H HOH . ? A HOH 253 ? 1_555 170.3 ? 
51  O   ? H HOH . ? A HOH 241 ? 1_555 MG ? D MG . ? A MG 102 ? 1_555 O   A H HOH . ? A HOH 253 ? 1_555 78.0  ? 
52  OP1 A A DG  7 ? A DG  7   ? 1_555 MG ? D MG . ? A MG 102 ? 1_555 O   B H HOH . ? A HOH 253 ? 1_555 135.2 ? 
53  OP1 B A DG  7 ? A DG  7   ? 1_555 MG ? D MG . ? A MG 102 ? 1_555 O   B H HOH . ? A HOH 253 ? 1_555 127.1 ? 
54  O   ? H HOH . ? A HOH 206 ? 1_555 MG ? D MG . ? A MG 102 ? 1_555 O   B H HOH . ? A HOH 253 ? 1_555 139.0 ? 
55  O   ? H HOH . ? A HOH 225 ? 1_555 MG ? D MG . ? A MG 102 ? 1_555 O   B H HOH . ? A HOH 253 ? 1_555 66.7  ? 
56  O   A H HOH . ? A HOH 234 ? 1_555 MG ? D MG . ? A MG 102 ? 1_555 O   B H HOH . ? A HOH 253 ? 1_555 142.3 ? 
57  O   ? H HOH . ? A HOH 241 ? 1_555 MG ? D MG . ? A MG 102 ? 1_555 O   B H HOH . ? A HOH 253 ? 1_555 98.0  ? 
58  O   A H HOH . ? A HOH 253 ? 1_555 MG ? D MG . ? A MG 102 ? 1_555 O   B H HOH . ? A HOH 253 ? 1_555 42.4  ? 
59  OP1 A A DG  7 ? A DG  7   ? 1_555 MG ? D MG . ? A MG 102 ? 1_555 O   ? H HOH . ? A HOH 260 ? 1_555 161.0 ? 
60  OP1 B A DG  7 ? A DG  7   ? 1_555 MG ? D MG . ? A MG 102 ? 1_555 O   ? H HOH . ? A HOH 260 ? 1_555 165.2 ? 
61  O   ? H HOH . ? A HOH 206 ? 1_555 MG ? D MG . ? A MG 102 ? 1_555 O   ? H HOH . ? A HOH 260 ? 1_555 95.7  ? 
62  O   ? H HOH . ? A HOH 225 ? 1_555 MG ? D MG . ? A MG 102 ? 1_555 O   ? H HOH . ? A HOH 260 ? 1_555 85.2  ? 
63  O   A H HOH . ? A HOH 234 ? 1_555 MG ? D MG . ? A MG 102 ? 1_555 O   ? H HOH . ? A HOH 260 ? 1_555 80.5  ? 
64  O   ? H HOH . ? A HOH 241 ? 1_555 MG ? D MG . ? A MG 102 ? 1_555 O   ? H HOH . ? A HOH 260 ? 1_555 93.7  ? 
65  O   A H HOH . ? A HOH 253 ? 1_555 MG ? D MG . ? A MG 102 ? 1_555 O   ? H HOH . ? A HOH 260 ? 1_555 101.2 ? 
66  O   B H HOH . ? A HOH 253 ? 1_555 MG ? D MG . ? A MG 102 ? 1_555 O   ? H HOH . ? A HOH 260 ? 1_555 62.8  ? 
67  O   ? H HOH . ? A HOH 217 ? 1_555 MG ? E MG . ? A MG 103 ? 1_555 O   ? H HOH . ? A HOH 259 ? 1_555 90.1  ? 
68  O   ? H HOH . ? A HOH 217 ? 1_555 MG ? E MG . ? A MG 103 ? 1_555 O   ? H HOH . ? A HOH 261 ? 1_555 88.4  ? 
69  O   ? H HOH . ? A HOH 259 ? 1_555 MG ? E MG . ? A MG 103 ? 1_555 O   ? H HOH . ? A HOH 261 ? 1_555 91.6  ? 
70  O   ? H HOH . ? A HOH 217 ? 1_555 MG ? E MG . ? A MG 103 ? 1_555 O   ? H HOH . ? A HOH 265 ? 1_555 93.6  ? 
71  O   ? H HOH . ? A HOH 259 ? 1_555 MG ? E MG . ? A MG 103 ? 1_555 O   ? H HOH . ? A HOH 265 ? 1_555 85.3  ? 
72  O   ? H HOH . ? A HOH 261 ? 1_555 MG ? E MG . ? A MG 103 ? 1_555 O   ? H HOH . ? A HOH 265 ? 1_555 176.4 ? 
73  O   ? H HOH . ? A HOH 217 ? 1_555 MG ? E MG . ? A MG 103 ? 1_555 O   ? H HOH . ? A HOH 267 ? 1_555 84.3  ? 
74  O   ? H HOH . ? A HOH 259 ? 1_555 MG ? E MG . ? A MG 103 ? 1_555 O   ? H HOH . ? A HOH 267 ? 1_555 168.3 ? 
75  O   ? H HOH . ? A HOH 261 ? 1_555 MG ? E MG . ? A MG 103 ? 1_555 O   ? H HOH . ? A HOH 267 ? 1_555 98.5  ? 
76  O   ? H HOH . ? A HOH 265 ? 1_555 MG ? E MG . ? A MG 103 ? 1_555 O   ? H HOH . ? A HOH 267 ? 1_555 84.7  ? 
77  O   ? H HOH . ? A HOH 217 ? 1_555 MG ? E MG . ? A MG 103 ? 1_555 O   ? H HOH . ? A HOH 268 ? 1_555 164.6 ? 
78  O   ? H HOH . ? A HOH 259 ? 1_555 MG ? E MG . ? A MG 103 ? 1_555 O   ? H HOH . ? A HOH 268 ? 1_555 78.7  ? 
79  O   ? H HOH . ? A HOH 261 ? 1_555 MG ? E MG . ? A MG 103 ? 1_555 O   ? H HOH . ? A HOH 268 ? 1_555 81.4  ? 
80  O   ? H HOH . ? A HOH 265 ? 1_555 MG ? E MG . ? A MG 103 ? 1_555 O   ? H HOH . ? A HOH 268 ? 1_555 96.0  ? 
81  O   ? H HOH . ? A HOH 267 ? 1_555 MG ? E MG . ? A MG 103 ? 1_555 O   ? H HOH . ? A HOH 268 ? 1_555 108.5 ? 
82  O   A H HOH . ? A HOH 201 ? 1_555 MG ? G MG . ? B MG 102 ? 1_555 O   B H HOH . ? A HOH 201 ? 1_555 92.2  ? 
83  O   A H HOH . ? A HOH 201 ? 1_555 MG ? G MG . ? B MG 102 ? 1_555 O   A H HOH . ? A HOH 201 ? 2_458 80.1  ? 
84  O   B H HOH . ? A HOH 201 ? 1_555 MG ? G MG . ? B MG 102 ? 1_555 O   A H HOH . ? A HOH 201 ? 2_458 18.8  ? 
85  O   A H HOH . ? A HOH 201 ? 1_555 MG ? G MG . ? B MG 102 ? 1_555 O   A H HOH . ? A HOH 209 ? 1_555 93.6  ? 
86  O   B H HOH . ? A HOH 201 ? 1_555 MG ? G MG . ? B MG 102 ? 1_555 O   A H HOH . ? A HOH 209 ? 1_555 91.0  ? 
87  O   A H HOH . ? A HOH 201 ? 2_458 MG ? G MG . ? B MG 102 ? 1_555 O   A H HOH . ? A HOH 209 ? 1_555 77.6  ? 
88  O   A H HOH . ? A HOH 201 ? 1_555 MG ? G MG . ? B MG 102 ? 1_555 O   B H HOH . ? A HOH 209 ? 1_555 102.1 ? 
89  O   B H HOH . ? A HOH 201 ? 1_555 MG ? G MG . ? B MG 102 ? 1_555 O   B H HOH . ? A HOH 209 ? 1_555 67.4  ? 
90  O   A H HOH . ? A HOH 201 ? 2_458 MG ? G MG . ? B MG 102 ? 1_555 O   B H HOH . ? A HOH 209 ? 1_555 57.0  ? 
91  O   A H HOH . ? A HOH 209 ? 1_555 MG ? G MG . ? B MG 102 ? 1_555 O   B H HOH . ? A HOH 209 ? 1_555 25.1  ? 
92  O   A H HOH . ? A HOH 201 ? 1_555 MG ? G MG . ? B MG 102 ? 1_555 O   A H HOH . ? A HOH 243 ? 1_555 92.4  ? 
93  O   B H HOH . ? A HOH 201 ? 1_555 MG ? G MG . ? B MG 102 ? 1_555 O   A H HOH . ? A HOH 243 ? 1_555 138.8 ? 
94  O   A H HOH . ? A HOH 201 ? 2_458 MG ? G MG . ? B MG 102 ? 1_555 O   A H HOH . ? A HOH 243 ? 1_555 124.5 ? 
95  O   A H HOH . ? A HOH 209 ? 1_555 MG ? G MG . ? B MG 102 ? 1_555 O   A H HOH . ? A HOH 243 ? 1_555 47.9  ? 
96  O   B H HOH . ? A HOH 209 ? 1_555 MG ? G MG . ? B MG 102 ? 1_555 O   A H HOH . ? A HOH 243 ? 1_555 71.6  ? 
97  O   A H HOH . ? A HOH 201 ? 1_555 MG ? G MG . ? B MG 102 ? 1_555 O   B H HOH . ? A HOH 243 ? 1_555 91.1  ? 
98  O   B H HOH . ? A HOH 201 ? 1_555 MG ? G MG . ? B MG 102 ? 1_555 O   B H HOH . ? A HOH 243 ? 1_555 175.7 ? 
99  O   A H HOH . ? A HOH 201 ? 2_458 MG ? G MG . ? B MG 102 ? 1_555 O   B H HOH . ? A HOH 243 ? 1_555 165.4 ? 
100 O   A H HOH . ? A HOH 209 ? 1_555 MG ? G MG . ? B MG 102 ? 1_555 O   B H HOH . ? A HOH 243 ? 1_555 91.5  ? 
101 O   B H HOH . ? A HOH 209 ? 1_555 MG ? G MG . ? B MG 102 ? 1_555 O   B H HOH . ? A HOH 243 ? 1_555 114.5 ? 
102 O   A H HOH . ? A HOH 243 ? 1_555 MG ? G MG . ? B MG 102 ? 1_555 O   B H HOH . ? A HOH 243 ? 1_555 43.6  ? 
103 O   A H HOH . ? A HOH 201 ? 1_555 MG ? G MG . ? B MG 102 ? 1_555 O   A I HOH . ? B HOH 205 ? 1_555 175.8 ? 
104 O   B H HOH . ? A HOH 201 ? 1_555 MG ? G MG . ? B MG 102 ? 1_555 O   A I HOH . ? B HOH 205 ? 1_555 84.3  ? 
105 O   A H HOH . ? A HOH 201 ? 2_458 MG ? G MG . ? B MG 102 ? 1_555 O   A I HOH . ? B HOH 205 ? 1_555 97.1  ? 
106 O   A H HOH . ? A HOH 209 ? 1_555 MG ? G MG . ? B MG 102 ? 1_555 O   A I HOH . ? B HOH 205 ? 1_555 88.8  ? 
107 O   B H HOH . ? A HOH 209 ? 1_555 MG ? G MG . ? B MG 102 ? 1_555 O   A I HOH . ? B HOH 205 ? 1_555 78.8  ? 
108 O   A H HOH . ? A HOH 243 ? 1_555 MG ? G MG . ? B MG 102 ? 1_555 O   A I HOH . ? B HOH 205 ? 1_555 91.8  ? 
109 O   B H HOH . ? A HOH 243 ? 1_555 MG ? G MG . ? B MG 102 ? 1_555 O   A I HOH . ? B HOH 205 ? 1_555 92.3  ? 
110 O   A H HOH . ? A HOH 201 ? 1_555 MG ? G MG . ? B MG 102 ? 1_555 O   B I HOH . ? B HOH 205 ? 1_555 154.0 ? 
111 O   B H HOH . ? A HOH 201 ? 1_555 MG ? G MG . ? B MG 102 ? 1_555 O   B I HOH . ? B HOH 205 ? 1_555 62.0  ? 
112 O   A H HOH . ? A HOH 201 ? 2_458 MG ? G MG . ? B MG 102 ? 1_555 O   B I HOH . ? B HOH 205 ? 1_555 74.1  ? 
113 O   A H HOH . ? A HOH 209 ? 1_555 MG ? G MG . ? B MG 102 ? 1_555 O   B I HOH . ? B HOH 205 ? 1_555 84.2  ? 
114 O   B H HOH . ? A HOH 209 ? 1_555 MG ? G MG . ? B MG 102 ? 1_555 O   B I HOH . ? B HOH 205 ? 1_555 66.4  ? 
115 O   A H HOH . ? A HOH 243 ? 1_555 MG ? G MG . ? B MG 102 ? 1_555 O   B I HOH . ? B HOH 205 ? 1_555 104.9 ? 
116 O   B H HOH . ? A HOH 243 ? 1_555 MG ? G MG . ? B MG 102 ? 1_555 O   B I HOH . ? B HOH 205 ? 1_555 114.9 ? 
117 O   A I HOH . ? B HOH 205 ? 1_555 MG ? G MG . ? B MG 102 ? 1_555 O   B I HOH . ? B HOH 205 ? 1_555 23.1  ? 
118 O   A H HOH . ? A HOH 201 ? 1_555 MG ? G MG . ? B MG 102 ? 1_555 O   A I HOH . ? B HOH 205 ? 2_458 101.0 ? 
119 O   B H HOH . ? A HOH 201 ? 1_555 MG ? G MG . ? B MG 102 ? 1_555 O   A I HOH . ? B HOH 205 ? 2_458 83.9  ? 
120 O   A H HOH . ? A HOH 201 ? 2_458 MG ? G MG . ? B MG 102 ? 1_555 O   A I HOH . ? B HOH 205 ? 2_458 100.3 ? 
121 O   A H HOH . ? A HOH 209 ? 1_555 MG ? G MG . ? B MG 102 ? 1_555 O   A I HOH . ? B HOH 205 ? 2_458 164.7 ? 
122 O   B H HOH . ? A HOH 209 ? 1_555 MG ? G MG . ? B MG 102 ? 1_555 O   A I HOH . ? B HOH 205 ? 2_458 143.5 ? 
123 O   A H HOH . ? A HOH 243 ? 1_555 MG ? G MG . ? B MG 102 ? 1_555 O   A I HOH . ? B HOH 205 ? 2_458 135.0 ? 
124 O   B H HOH . ? A HOH 243 ? 1_555 MG ? G MG . ? B MG 102 ? 1_555 O   A I HOH . ? B HOH 205 ? 2_458 92.8  ? 
125 O   A I HOH . ? B HOH 205 ? 1_555 MG ? G MG . ? B MG 102 ? 1_555 O   A I HOH . ? B HOH 205 ? 2_458 76.4  ? 
126 O   B I HOH . ? B HOH 205 ? 1_555 MG ? G MG . ? B MG 102 ? 1_555 O   A I HOH . ? B HOH 205 ? 2_458 80.7  ? 
127 O   A H HOH . ? A HOH 201 ? 1_555 MG ? G MG . ? B MG 102 ? 1_555 O   B I HOH . ? B HOH 205 ? 2_458 86.9  ? 
128 O   B H HOH . ? A HOH 201 ? 1_555 MG ? G MG . ? B MG 102 ? 1_555 O   B I HOH . ? B HOH 205 ? 2_458 91.2  ? 
129 O   A H HOH . ? A HOH 201 ? 2_458 MG ? G MG . ? B MG 102 ? 1_555 O   B I HOH . ? B HOH 205 ? 2_458 104.7 ? 
130 O   A H HOH . ? A HOH 209 ? 1_555 MG ? G MG . ? B MG 102 ? 1_555 O   B I HOH . ? B HOH 205 ? 2_458 177.7 ? 
131 O   B H HOH . ? A HOH 209 ? 1_555 MG ? G MG . ? B MG 102 ? 1_555 O   B I HOH . ? B HOH 205 ? 2_458 156.8 ? 
132 O   A H HOH . ? A HOH 243 ? 1_555 MG ? G MG . ? B MG 102 ? 1_555 O   B I HOH . ? B HOH 205 ? 2_458 129.9 ? 
133 O   B H HOH . ? A HOH 243 ? 1_555 MG ? G MG . ? B MG 102 ? 1_555 O   B I HOH . ? B HOH 205 ? 2_458 86.3  ? 
134 O   A I HOH . ? B HOH 205 ? 1_555 MG ? G MG . ? B MG 102 ? 1_555 O   B I HOH . ? B HOH 205 ? 2_458 90.9  ? 
135 O   B I HOH . ? B HOH 205 ? 1_555 MG ? G MG . ? B MG 102 ? 1_555 O   B I HOH . ? B HOH 205 ? 2_458 96.3  ? 
136 O   A I HOH . ? B HOH 205 ? 2_458 MG ? G MG . ? B MG 102 ? 1_555 O   B I HOH . ? B HOH 205 ? 2_458 15.7  ? 
# 
loop_
_struct_site.id 
_struct_site.pdbx_evidence_code 
_struct_site.pdbx_auth_asym_id 
_struct_site.pdbx_auth_comp_id 
_struct_site.pdbx_auth_seq_id 
_struct_site.pdbx_auth_ins_code 
_struct_site.pdbx_num_residues 
_struct_site.details 
AC1 Software A MG 101 ? 6 'binding site for residue MG A 101' 
AC2 Software A MG 102 ? 7 'binding site for residue MG A 102' 
AC3 Software A MG 103 ? 6 'binding site for residue MG A 103' 
AC4 Software B MG 101 ? 6 'binding site for residue MG B 101' 
AC5 Software B MG 102 ? 5 'binding site for residue MG B 102' 
# 
loop_
_struct_site_gen.id 
_struct_site_gen.site_id 
_struct_site_gen.pdbx_num_res 
_struct_site_gen.label_comp_id 
_struct_site_gen.label_asym_id 
_struct_site_gen.label_seq_id 
_struct_site_gen.pdbx_auth_ins_code 
_struct_site_gen.auth_comp_id 
_struct_site_gen.auth_asym_id 
_struct_site_gen.auth_seq_id 
_struct_site_gen.label_atom_id 
_struct_site_gen.label_alt_id 
_struct_site_gen.symmetry 
_struct_site_gen.details 
1  AC1 6 DA  A 5 ? DA  A 5   . ? 1_555 ? 
2  AC1 6 HOH H . ? HOH A 238 . ? 1_555 ? 
3  AC1 6 HOH H . ? HOH A 242 . ? 1_555 ? 
4  AC1 6 HOH H . ? HOH A 246 . ? 1_555 ? 
5  AC1 6 HOH H . ? HOH A 249 . ? 1_555 ? 
6  AC1 6 HOH H . ? HOH A 262 . ? 1_555 ? 
7  AC2 7 DG  A 7 ? DG  A 7   . ? 1_555 ? 
8  AC2 7 HOH H . ? HOH A 206 . ? 1_555 ? 
9  AC2 7 HOH H . ? HOH A 225 . ? 1_555 ? 
10 AC2 7 HOH H . ? HOH A 234 . ? 1_555 ? 
11 AC2 7 HOH H . ? HOH A 241 . ? 1_555 ? 
12 AC2 7 HOH H . ? HOH A 253 . ? 1_555 ? 
13 AC2 7 HOH H . ? HOH A 260 . ? 1_555 ? 
14 AC3 6 HOH H . ? HOH A 217 . ? 1_555 ? 
15 AC3 6 HOH H . ? HOH A 259 . ? 1_555 ? 
16 AC3 6 HOH H . ? HOH A 261 . ? 1_555 ? 
17 AC3 6 HOH H . ? HOH A 265 . ? 1_555 ? 
18 AC3 6 HOH H . ? HOH A 267 . ? 1_555 ? 
19 AC3 6 HOH H . ? HOH A 268 . ? 1_555 ? 
20 AC4 6 DA  A 4 ? DA  A 4   . ? 4_347 ? 
21 AC4 6 DA  B 4 ? DA  B 4   . ? 1_555 ? 
22 AC4 6 HOH I . ? HOH B 216 . ? 1_555 ? 
23 AC4 6 HOH I . ? HOH B 227 . ? 1_555 ? 
24 AC4 6 HOH I . ? HOH B 233 . ? 1_555 ? 
25 AC4 6 HOH I . ? HOH B 251 . ? 1_555 ? 
26 AC5 5 DG  A 7 ? DG  A 7   . ? 1_555 ? 
27 AC5 5 HOH H . ? HOH A 201 . ? 1_555 ? 
28 AC5 5 HOH H . ? HOH A 209 . ? 1_555 ? 
29 AC5 5 HOH H . ? HOH A 243 . ? 1_555 ? 
30 AC5 5 HOH I . ? HOH B 205 . ? 1_555 ? 
# 
loop_
_pdbx_validate_close_contact.id 
_pdbx_validate_close_contact.PDB_model_num 
_pdbx_validate_close_contact.auth_atom_id_1 
_pdbx_validate_close_contact.auth_asym_id_1 
_pdbx_validate_close_contact.auth_comp_id_1 
_pdbx_validate_close_contact.auth_seq_id_1 
_pdbx_validate_close_contact.PDB_ins_code_1 
_pdbx_validate_close_contact.label_alt_id_1 
_pdbx_validate_close_contact.auth_atom_id_2 
_pdbx_validate_close_contact.auth_asym_id_2 
_pdbx_validate_close_contact.auth_comp_id_2 
_pdbx_validate_close_contact.auth_seq_id_2 
_pdbx_validate_close_contact.PDB_ins_code_2 
_pdbx_validate_close_contact.label_alt_id_2 
_pdbx_validate_close_contact.dist 
1 1 O     A HOH 211 ? ? O B HOH 217 ? ? 1.83 
2 1 OP1   B DG  9   ? B O B HOH 201 ? ? 1.94 
3 1 N4    A DC  8   ? A O A HOH 203 ? ? 1.97 
4 1 O     B HOH 202 ? ? O B HOH 204 ? ? 2.04 
5 1 O     B HOH 207 ? ? O B HOH 249 ? ? 2.08 
6 1 OP1   B DA  5   ? A O B HOH 202 ? ? 2.10 
7 1 C5    A DC  8   ? A O A HOH 203 ? ? 2.18 
8 1 "O4'" A DC  8   ? B O A HOH 204 ? ? 2.19 
# 
loop_
_pdbx_validate_symm_contact.id 
_pdbx_validate_symm_contact.PDB_model_num 
_pdbx_validate_symm_contact.auth_atom_id_1 
_pdbx_validate_symm_contact.auth_asym_id_1 
_pdbx_validate_symm_contact.auth_comp_id_1 
_pdbx_validate_symm_contact.auth_seq_id_1 
_pdbx_validate_symm_contact.PDB_ins_code_1 
_pdbx_validate_symm_contact.label_alt_id_1 
_pdbx_validate_symm_contact.site_symmetry_1 
_pdbx_validate_symm_contact.auth_atom_id_2 
_pdbx_validate_symm_contact.auth_asym_id_2 
_pdbx_validate_symm_contact.auth_comp_id_2 
_pdbx_validate_symm_contact.auth_seq_id_2 
_pdbx_validate_symm_contact.PDB_ins_code_2 
_pdbx_validate_symm_contact.label_alt_id_2 
_pdbx_validate_symm_contact.site_symmetry_2 
_pdbx_validate_symm_contact.dist 
1 1 O B HOH 252 ? ? 1_555 O B HOH 252 ? ? 2_457 1.50 
2 1 O B HOH 246 ? ? 1_555 O B HOH 246 ? ? 2_457 1.93 
3 1 O A HOH 229 ? ? 1_555 O A HOH 264 ? ? 3_545 1.95 
4 1 O B HOH 246 ? ? 1_555 O B HOH 249 ? ? 2_457 2.04 
# 
loop_
_pdbx_validate_rmsd_bond.id 
_pdbx_validate_rmsd_bond.PDB_model_num 
_pdbx_validate_rmsd_bond.auth_atom_id_1 
_pdbx_validate_rmsd_bond.auth_asym_id_1 
_pdbx_validate_rmsd_bond.auth_comp_id_1 
_pdbx_validate_rmsd_bond.auth_seq_id_1 
_pdbx_validate_rmsd_bond.PDB_ins_code_1 
_pdbx_validate_rmsd_bond.label_alt_id_1 
_pdbx_validate_rmsd_bond.auth_atom_id_2 
_pdbx_validate_rmsd_bond.auth_asym_id_2 
_pdbx_validate_rmsd_bond.auth_comp_id_2 
_pdbx_validate_rmsd_bond.auth_seq_id_2 
_pdbx_validate_rmsd_bond.PDB_ins_code_2 
_pdbx_validate_rmsd_bond.label_alt_id_2 
_pdbx_validate_rmsd_bond.bond_value 
_pdbx_validate_rmsd_bond.bond_target_value 
_pdbx_validate_rmsd_bond.bond_deviation 
_pdbx_validate_rmsd_bond.bond_standard_deviation 
_pdbx_validate_rmsd_bond.linker_flag 
1 1 "O3'" A DG 2 ? ? P A DT 3 ? ? 1.532 1.607 -0.075 0.012 Y 
2 1 "O3'" B DG 2 ? ? P B DT 3 ? ? 1.534 1.607 -0.073 0.012 Y 
# 
loop_
_pdbx_validate_rmsd_angle.id 
_pdbx_validate_rmsd_angle.PDB_model_num 
_pdbx_validate_rmsd_angle.auth_atom_id_1 
_pdbx_validate_rmsd_angle.auth_asym_id_1 
_pdbx_validate_rmsd_angle.auth_comp_id_1 
_pdbx_validate_rmsd_angle.auth_seq_id_1 
_pdbx_validate_rmsd_angle.PDB_ins_code_1 
_pdbx_validate_rmsd_angle.label_alt_id_1 
_pdbx_validate_rmsd_angle.auth_atom_id_2 
_pdbx_validate_rmsd_angle.auth_asym_id_2 
_pdbx_validate_rmsd_angle.auth_comp_id_2 
_pdbx_validate_rmsd_angle.auth_seq_id_2 
_pdbx_validate_rmsd_angle.PDB_ins_code_2 
_pdbx_validate_rmsd_angle.label_alt_id_2 
_pdbx_validate_rmsd_angle.auth_atom_id_3 
_pdbx_validate_rmsd_angle.auth_asym_id_3 
_pdbx_validate_rmsd_angle.auth_comp_id_3 
_pdbx_validate_rmsd_angle.auth_seq_id_3 
_pdbx_validate_rmsd_angle.PDB_ins_code_3 
_pdbx_validate_rmsd_angle.label_alt_id_3 
_pdbx_validate_rmsd_angle.angle_value 
_pdbx_validate_rmsd_angle.angle_target_value 
_pdbx_validate_rmsd_angle.angle_deviation 
_pdbx_validate_rmsd_angle.angle_standard_deviation 
_pdbx_validate_rmsd_angle.linker_flag 
1 1 "C3'" A DG 7 ? A "O3'" A DG 7 ? A P     A DC 8 ? A 127.46 119.70 7.76   1.20 Y 
2 1 "O5'" A DC 8 ? A P     A DC 8 ? A OP1   A DC 8 ? A 122.15 110.70 11.45  1.20 N 
3 1 "O5'" A DC 8 ? A P     A DC 8 ? A OP2   A DC 8 ? A 81.94  105.70 -23.76 0.90 N 
4 1 P     A DC 8 ? A "O5'" A DC 8 ? A "C5'" A DC 8 ? A 105.78 120.90 -15.12 1.60 N 
5 1 "O4'" B DA 4 ? A "C4'" B DA 4 ? A "C3'" B DA 4 ? A 109.85 106.00 3.85   0.60 N 
# 
loop_
_pdbx_validate_planes.id 
_pdbx_validate_planes.PDB_model_num 
_pdbx_validate_planes.auth_comp_id 
_pdbx_validate_planes.auth_asym_id 
_pdbx_validate_planes.auth_seq_id 
_pdbx_validate_planes.PDB_ins_code 
_pdbx_validate_planes.label_alt_id 
_pdbx_validate_planes.rmsd 
_pdbx_validate_planes.type 
1 1 DA A 5 ? ? 0.058 'SIDE CHAIN' 
2 1 DC A 8 ? A 0.060 'SIDE CHAIN' 
3 1 DA B 5 ? A 0.065 'SIDE CHAIN' 
4 1 DC B 8 ? ? 0.082 'SIDE CHAIN' 
# 
loop_
_pdbx_struct_special_symmetry.id 
_pdbx_struct_special_symmetry.PDB_model_num 
_pdbx_struct_special_symmetry.auth_asym_id 
_pdbx_struct_special_symmetry.auth_comp_id 
_pdbx_struct_special_symmetry.auth_seq_id 
_pdbx_struct_special_symmetry.PDB_ins_code 
_pdbx_struct_special_symmetry.label_asym_id 
_pdbx_struct_special_symmetry.label_comp_id 
_pdbx_struct_special_symmetry.label_seq_id 
1 1 A HOH 213 ? H HOH . 
2 1 B HOH 245 ? I HOH . 
# 
loop_
_chem_comp_atom.comp_id 
_chem_comp_atom.atom_id 
_chem_comp_atom.type_symbol 
_chem_comp_atom.pdbx_aromatic_flag 
_chem_comp_atom.pdbx_stereo_config 
_chem_comp_atom.pdbx_ordinal 
DA  OP3    O  N N 1   
DA  P      P  N N 2   
DA  OP1    O  N N 3   
DA  OP2    O  N N 4   
DA  "O5'"  O  N N 5   
DA  "C5'"  C  N N 6   
DA  "C4'"  C  N R 7   
DA  "O4'"  O  N N 8   
DA  "C3'"  C  N S 9   
DA  "O3'"  O  N N 10  
DA  "C2'"  C  N N 11  
DA  "C1'"  C  N R 12  
DA  N9     N  Y N 13  
DA  C8     C  Y N 14  
DA  N7     N  Y N 15  
DA  C5     C  Y N 16  
DA  C6     C  Y N 17  
DA  N6     N  N N 18  
DA  N1     N  Y N 19  
DA  C2     C  Y N 20  
DA  N3     N  Y N 21  
DA  C4     C  Y N 22  
DA  HOP3   H  N N 23  
DA  HOP2   H  N N 24  
DA  "H5'"  H  N N 25  
DA  "H5''" H  N N 26  
DA  "H4'"  H  N N 27  
DA  "H3'"  H  N N 28  
DA  "HO3'" H  N N 29  
DA  "H2'"  H  N N 30  
DA  "H2''" H  N N 31  
DA  "H1'"  H  N N 32  
DA  H8     H  N N 33  
DA  H61    H  N N 34  
DA  H62    H  N N 35  
DA  H2     H  N N 36  
DC  OP3    O  N N 37  
DC  P      P  N N 38  
DC  OP1    O  N N 39  
DC  OP2    O  N N 40  
DC  "O5'"  O  N N 41  
DC  "C5'"  C  N N 42  
DC  "C4'"  C  N R 43  
DC  "O4'"  O  N N 44  
DC  "C3'"  C  N S 45  
DC  "O3'"  O  N N 46  
DC  "C2'"  C  N N 47  
DC  "C1'"  C  N R 48  
DC  N1     N  N N 49  
DC  C2     C  N N 50  
DC  O2     O  N N 51  
DC  N3     N  N N 52  
DC  C4     C  N N 53  
DC  N4     N  N N 54  
DC  C5     C  N N 55  
DC  C6     C  N N 56  
DC  HOP3   H  N N 57  
DC  HOP2   H  N N 58  
DC  "H5'"  H  N N 59  
DC  "H5''" H  N N 60  
DC  "H4'"  H  N N 61  
DC  "H3'"  H  N N 62  
DC  "HO3'" H  N N 63  
DC  "H2'"  H  N N 64  
DC  "H2''" H  N N 65  
DC  "H1'"  H  N N 66  
DC  H41    H  N N 67  
DC  H42    H  N N 68  
DC  H5     H  N N 69  
DC  H6     H  N N 70  
DG  OP3    O  N N 71  
DG  P      P  N N 72  
DG  OP1    O  N N 73  
DG  OP2    O  N N 74  
DG  "O5'"  O  N N 75  
DG  "C5'"  C  N N 76  
DG  "C4'"  C  N R 77  
DG  "O4'"  O  N N 78  
DG  "C3'"  C  N S 79  
DG  "O3'"  O  N N 80  
DG  "C2'"  C  N N 81  
DG  "C1'"  C  N R 82  
DG  N9     N  Y N 83  
DG  C8     C  Y N 84  
DG  N7     N  Y N 85  
DG  C5     C  Y N 86  
DG  C6     C  N N 87  
DG  O6     O  N N 88  
DG  N1     N  N N 89  
DG  C2     C  N N 90  
DG  N2     N  N N 91  
DG  N3     N  N N 92  
DG  C4     C  Y N 93  
DG  HOP3   H  N N 94  
DG  HOP2   H  N N 95  
DG  "H5'"  H  N N 96  
DG  "H5''" H  N N 97  
DG  "H4'"  H  N N 98  
DG  "H3'"  H  N N 99  
DG  "HO3'" H  N N 100 
DG  "H2'"  H  N N 101 
DG  "H2''" H  N N 102 
DG  "H1'"  H  N N 103 
DG  H8     H  N N 104 
DG  H1     H  N N 105 
DG  H21    H  N N 106 
DG  H22    H  N N 107 
DT  OP3    O  N N 108 
DT  P      P  N N 109 
DT  OP1    O  N N 110 
DT  OP2    O  N N 111 
DT  "O5'"  O  N N 112 
DT  "C5'"  C  N N 113 
DT  "C4'"  C  N R 114 
DT  "O4'"  O  N N 115 
DT  "C3'"  C  N S 116 
DT  "O3'"  O  N N 117 
DT  "C2'"  C  N N 118 
DT  "C1'"  C  N R 119 
DT  N1     N  N N 120 
DT  C2     C  N N 121 
DT  O2     O  N N 122 
DT  N3     N  N N 123 
DT  C4     C  N N 124 
DT  O4     O  N N 125 
DT  C5     C  N N 126 
DT  C7     C  N N 127 
DT  C6     C  N N 128 
DT  HOP3   H  N N 129 
DT  HOP2   H  N N 130 
DT  "H5'"  H  N N 131 
DT  "H5''" H  N N 132 
DT  "H4'"  H  N N 133 
DT  "H3'"  H  N N 134 
DT  "HO3'" H  N N 135 
DT  "H2'"  H  N N 136 
DT  "H2''" H  N N 137 
DT  "H1'"  H  N N 138 
DT  H3     H  N N 139 
DT  H71    H  N N 140 
DT  H72    H  N N 141 
DT  H73    H  N N 142 
DT  H6     H  N N 143 
HOH O      O  N N 144 
HOH H1     H  N N 145 
HOH H2     H  N N 146 
MG  MG     MG N N 147 
# 
loop_
_chem_comp_bond.comp_id 
_chem_comp_bond.atom_id_1 
_chem_comp_bond.atom_id_2 
_chem_comp_bond.value_order 
_chem_comp_bond.pdbx_aromatic_flag 
_chem_comp_bond.pdbx_stereo_config 
_chem_comp_bond.pdbx_ordinal 
DA  OP3   P      sing N N 1   
DA  OP3   HOP3   sing N N 2   
DA  P     OP1    doub N N 3   
DA  P     OP2    sing N N 4   
DA  P     "O5'"  sing N N 5   
DA  OP2   HOP2   sing N N 6   
DA  "O5'" "C5'"  sing N N 7   
DA  "C5'" "C4'"  sing N N 8   
DA  "C5'" "H5'"  sing N N 9   
DA  "C5'" "H5''" sing N N 10  
DA  "C4'" "O4'"  sing N N 11  
DA  "C4'" "C3'"  sing N N 12  
DA  "C4'" "H4'"  sing N N 13  
DA  "O4'" "C1'"  sing N N 14  
DA  "C3'" "O3'"  sing N N 15  
DA  "C3'" "C2'"  sing N N 16  
DA  "C3'" "H3'"  sing N N 17  
DA  "O3'" "HO3'" sing N N 18  
DA  "C2'" "C1'"  sing N N 19  
DA  "C2'" "H2'"  sing N N 20  
DA  "C2'" "H2''" sing N N 21  
DA  "C1'" N9     sing N N 22  
DA  "C1'" "H1'"  sing N N 23  
DA  N9    C8     sing Y N 24  
DA  N9    C4     sing Y N 25  
DA  C8    N7     doub Y N 26  
DA  C8    H8     sing N N 27  
DA  N7    C5     sing Y N 28  
DA  C5    C6     sing Y N 29  
DA  C5    C4     doub Y N 30  
DA  C6    N6     sing N N 31  
DA  C6    N1     doub Y N 32  
DA  N6    H61    sing N N 33  
DA  N6    H62    sing N N 34  
DA  N1    C2     sing Y N 35  
DA  C2    N3     doub Y N 36  
DA  C2    H2     sing N N 37  
DA  N3    C4     sing Y N 38  
DC  OP3   P      sing N N 39  
DC  OP3   HOP3   sing N N 40  
DC  P     OP1    doub N N 41  
DC  P     OP2    sing N N 42  
DC  P     "O5'"  sing N N 43  
DC  OP2   HOP2   sing N N 44  
DC  "O5'" "C5'"  sing N N 45  
DC  "C5'" "C4'"  sing N N 46  
DC  "C5'" "H5'"  sing N N 47  
DC  "C5'" "H5''" sing N N 48  
DC  "C4'" "O4'"  sing N N 49  
DC  "C4'" "C3'"  sing N N 50  
DC  "C4'" "H4'"  sing N N 51  
DC  "O4'" "C1'"  sing N N 52  
DC  "C3'" "O3'"  sing N N 53  
DC  "C3'" "C2'"  sing N N 54  
DC  "C3'" "H3'"  sing N N 55  
DC  "O3'" "HO3'" sing N N 56  
DC  "C2'" "C1'"  sing N N 57  
DC  "C2'" "H2'"  sing N N 58  
DC  "C2'" "H2''" sing N N 59  
DC  "C1'" N1     sing N N 60  
DC  "C1'" "H1'"  sing N N 61  
DC  N1    C2     sing N N 62  
DC  N1    C6     sing N N 63  
DC  C2    O2     doub N N 64  
DC  C2    N3     sing N N 65  
DC  N3    C4     doub N N 66  
DC  C4    N4     sing N N 67  
DC  C4    C5     sing N N 68  
DC  N4    H41    sing N N 69  
DC  N4    H42    sing N N 70  
DC  C5    C6     doub N N 71  
DC  C5    H5     sing N N 72  
DC  C6    H6     sing N N 73  
DG  OP3   P      sing N N 74  
DG  OP3   HOP3   sing N N 75  
DG  P     OP1    doub N N 76  
DG  P     OP2    sing N N 77  
DG  P     "O5'"  sing N N 78  
DG  OP2   HOP2   sing N N 79  
DG  "O5'" "C5'"  sing N N 80  
DG  "C5'" "C4'"  sing N N 81  
DG  "C5'" "H5'"  sing N N 82  
DG  "C5'" "H5''" sing N N 83  
DG  "C4'" "O4'"  sing N N 84  
DG  "C4'" "C3'"  sing N N 85  
DG  "C4'" "H4'"  sing N N 86  
DG  "O4'" "C1'"  sing N N 87  
DG  "C3'" "O3'"  sing N N 88  
DG  "C3'" "C2'"  sing N N 89  
DG  "C3'" "H3'"  sing N N 90  
DG  "O3'" "HO3'" sing N N 91  
DG  "C2'" "C1'"  sing N N 92  
DG  "C2'" "H2'"  sing N N 93  
DG  "C2'" "H2''" sing N N 94  
DG  "C1'" N9     sing N N 95  
DG  "C1'" "H1'"  sing N N 96  
DG  N9    C8     sing Y N 97  
DG  N9    C4     sing Y N 98  
DG  C8    N7     doub Y N 99  
DG  C8    H8     sing N N 100 
DG  N7    C5     sing Y N 101 
DG  C5    C6     sing N N 102 
DG  C5    C4     doub Y N 103 
DG  C6    O6     doub N N 104 
DG  C6    N1     sing N N 105 
DG  N1    C2     sing N N 106 
DG  N1    H1     sing N N 107 
DG  C2    N2     sing N N 108 
DG  C2    N3     doub N N 109 
DG  N2    H21    sing N N 110 
DG  N2    H22    sing N N 111 
DG  N3    C4     sing N N 112 
DT  OP3   P      sing N N 113 
DT  OP3   HOP3   sing N N 114 
DT  P     OP1    doub N N 115 
DT  P     OP2    sing N N 116 
DT  P     "O5'"  sing N N 117 
DT  OP2   HOP2   sing N N 118 
DT  "O5'" "C5'"  sing N N 119 
DT  "C5'" "C4'"  sing N N 120 
DT  "C5'" "H5'"  sing N N 121 
DT  "C5'" "H5''" sing N N 122 
DT  "C4'" "O4'"  sing N N 123 
DT  "C4'" "C3'"  sing N N 124 
DT  "C4'" "H4'"  sing N N 125 
DT  "O4'" "C1'"  sing N N 126 
DT  "C3'" "O3'"  sing N N 127 
DT  "C3'" "C2'"  sing N N 128 
DT  "C3'" "H3'"  sing N N 129 
DT  "O3'" "HO3'" sing N N 130 
DT  "C2'" "C1'"  sing N N 131 
DT  "C2'" "H2'"  sing N N 132 
DT  "C2'" "H2''" sing N N 133 
DT  "C1'" N1     sing N N 134 
DT  "C1'" "H1'"  sing N N 135 
DT  N1    C2     sing N N 136 
DT  N1    C6     sing N N 137 
DT  C2    O2     doub N N 138 
DT  C2    N3     sing N N 139 
DT  N3    C4     sing N N 140 
DT  N3    H3     sing N N 141 
DT  C4    O4     doub N N 142 
DT  C4    C5     sing N N 143 
DT  C5    C7     sing N N 144 
DT  C5    C6     doub N N 145 
DT  C7    H71    sing N N 146 
DT  C7    H72    sing N N 147 
DT  C7    H73    sing N N 148 
DT  C6    H6     sing N N 149 
HOH O     H1     sing N N 150 
HOH O     H2     sing N N 151 
# 
_ndb_struct_conf_na.entry_id   6MC2 
_ndb_struct_conf_na.feature    'double helix' 
# 
loop_
_ndb_struct_na_base_pair.model_number 
_ndb_struct_na_base_pair.i_label_asym_id 
_ndb_struct_na_base_pair.i_label_comp_id 
_ndb_struct_na_base_pair.i_label_seq_id 
_ndb_struct_na_base_pair.i_symmetry 
_ndb_struct_na_base_pair.j_label_asym_id 
_ndb_struct_na_base_pair.j_label_comp_id 
_ndb_struct_na_base_pair.j_label_seq_id 
_ndb_struct_na_base_pair.j_symmetry 
_ndb_struct_na_base_pair.shear 
_ndb_struct_na_base_pair.stretch 
_ndb_struct_na_base_pair.stagger 
_ndb_struct_na_base_pair.buckle 
_ndb_struct_na_base_pair.propeller 
_ndb_struct_na_base_pair.opening 
_ndb_struct_na_base_pair.pair_number 
_ndb_struct_na_base_pair.pair_name 
_ndb_struct_na_base_pair.i_auth_asym_id 
_ndb_struct_na_base_pair.i_auth_seq_id 
_ndb_struct_na_base_pair.i_PDB_ins_code 
_ndb_struct_na_base_pair.j_auth_asym_id 
_ndb_struct_na_base_pair.j_auth_seq_id 
_ndb_struct_na_base_pair.j_PDB_ins_code 
_ndb_struct_na_base_pair.hbond_type_28 
_ndb_struct_na_base_pair.hbond_type_12 
1 A DC 1 1_555 B DG 6 1_555 0.178  -0.186 0.250  -5.194  -2.352 -2.135  1 A_DC1:DG6_B A 1 ? B 6 ? 19 1 
1 A DG 2 1_555 B DA 5 1_555 -0.359 4.868  -0.061 11.878  -5.765 -86.697 2 A_DG2:DA5_B A 2 ? B 5 ? 9  3 
1 A DA 5 1_555 B DG 2 1_555 0.301  -4.916 0.184  -15.235 2.531  84.969  3 A_DA5:DG2_B A 5 ? B 2 ? 9  3 
1 A DG 6 1_555 B DC 1 1_555 -0.124 -0.128 0.226  5.574   -1.677 -0.622  4 A_DG6:DC1_B A 6 ? B 1 ? 19 1 
1 A DG 7 1_555 A DC 8 2_458 -0.246 -0.039 -0.146 -16.248 -3.424 0.309   5 A_DG7:DC8_A A 7 ? A 8 ? 19 1 
1 A DC 8 1_555 A DG 7 2_458 0.246  -0.039 -0.146 16.248  -3.424 0.309   6 A_DC8:DG7_A A 8 ? A 7 ? 19 1 
1 B DG 7 1_555 B DC 8 2_458 -0.219 -0.160 0.155  -6.377  -4.852 -2.557  7 B_DG7:DC8_B B 7 ? B 8 ? 19 1 
1 B DC 8 1_555 B DG 7 2_458 0.219  -0.160 0.155  6.377   -4.852 -2.557  8 B_DC8:DG7_B B 8 ? B 7 ? 19 1 
# 
loop_
_ndb_struct_na_base_pair_step.model_number 
_ndb_struct_na_base_pair_step.i_label_asym_id_1 
_ndb_struct_na_base_pair_step.i_label_comp_id_1 
_ndb_struct_na_base_pair_step.i_label_seq_id_1 
_ndb_struct_na_base_pair_step.i_symmetry_1 
_ndb_struct_na_base_pair_step.j_label_asym_id_1 
_ndb_struct_na_base_pair_step.j_label_comp_id_1 
_ndb_struct_na_base_pair_step.j_label_seq_id_1 
_ndb_struct_na_base_pair_step.j_symmetry_1 
_ndb_struct_na_base_pair_step.i_label_asym_id_2 
_ndb_struct_na_base_pair_step.i_label_comp_id_2 
_ndb_struct_na_base_pair_step.i_label_seq_id_2 
_ndb_struct_na_base_pair_step.i_symmetry_2 
_ndb_struct_na_base_pair_step.j_label_asym_id_2 
_ndb_struct_na_base_pair_step.j_label_comp_id_2 
_ndb_struct_na_base_pair_step.j_label_seq_id_2 
_ndb_struct_na_base_pair_step.j_symmetry_2 
_ndb_struct_na_base_pair_step.shift 
_ndb_struct_na_base_pair_step.slide 
_ndb_struct_na_base_pair_step.rise 
_ndb_struct_na_base_pair_step.tilt 
_ndb_struct_na_base_pair_step.roll 
_ndb_struct_na_base_pair_step.twist 
_ndb_struct_na_base_pair_step.x_displacement 
_ndb_struct_na_base_pair_step.y_displacement 
_ndb_struct_na_base_pair_step.helical_rise 
_ndb_struct_na_base_pair_step.inclination 
_ndb_struct_na_base_pair_step.tip 
_ndb_struct_na_base_pair_step.helical_twist 
_ndb_struct_na_base_pair_step.step_number 
_ndb_struct_na_base_pair_step.step_name 
_ndb_struct_na_base_pair_step.i_auth_asym_id_1 
_ndb_struct_na_base_pair_step.i_auth_seq_id_1 
_ndb_struct_na_base_pair_step.i_PDB_ins_code_1 
_ndb_struct_na_base_pair_step.j_auth_asym_id_1 
_ndb_struct_na_base_pair_step.j_auth_seq_id_1 
_ndb_struct_na_base_pair_step.j_PDB_ins_code_1 
_ndb_struct_na_base_pair_step.i_auth_asym_id_2 
_ndb_struct_na_base_pair_step.i_auth_seq_id_2 
_ndb_struct_na_base_pair_step.i_PDB_ins_code_2 
_ndb_struct_na_base_pair_step.j_auth_asym_id_2 
_ndb_struct_na_base_pair_step.j_auth_seq_id_2 
_ndb_struct_na_base_pair_step.j_PDB_ins_code_2 
1 A DC 1 1_555 B DG 6 1_555 A DG 2 1_555 B DA 5 1_555 1.397 -1.727 3.040  0.243   5.157   67.810  -1.722 -1.241 2.922  4.616   
-0.217  67.983  1 AA_DC1DG2:DA5DG6_BB A 1 ? B 6 ? A 2 ? B 5 ? 
1 A DA 5 1_555 B DG 2 1_555 A DG 6 1_555 B DC 1 1_555 0.033 -3.686 -1.280 145.886 -94.624 174.704 -1.858 -0.040 -1.185 -47.314 
-72.946 179.718 2 AA_DA5DG6:DC1DG2_BB A 5 ? B 2 ? A 6 ? B 1 ? 
1 A DG 7 1_555 A DC 8 2_458 A DC 8 1_555 A DG 7 2_458 0.000 1.983  3.289  0.000   1.342   36.745  2.958  0.000  3.357  2.129   
0.000   36.769  3 AA_DG7DC8:DG7DC8_AA A 7 ? A 8 ? A 8 ? A 7 ? 
1 B DG 7 1_555 B DC 8 2_458 B DC 8 1_555 B DG 7 2_458 0.000 2.281  3.922  0.000   1.759   42.301  2.941  0.000  4.010  2.436   
0.000   42.336  4 BB_DG7DC8:DG7DC8_BB B 7 ? B 8 ? B 8 ? B 7 ? 
# 
_pdbx_audit_support.funding_organization   'National Science Foundation (NSF, United States)' 
_pdbx_audit_support.country                'United States' 
_pdbx_audit_support.grant_number           1149665 
_pdbx_audit_support.ordinal                1 
# 
_atom_sites.entry_id                    6MC2 
_atom_sites.fract_transf_matrix[1][1]   -0.01452633 
_atom_sites.fract_transf_matrix[1][2]   -0.03027520 
_atom_sites.fract_transf_matrix[1][3]   -0.02033681 
_atom_sites.fract_transf_matrix[2][1]   -0.01869694 
_atom_sites.fract_transf_matrix[2][2]   0.00230054 
_atom_sites.fract_transf_matrix[2][3]   0.00993020 
_atom_sites.fract_transf_matrix[3][1]   -0.01046557 
_atom_sites.fract_transf_matrix[3][2]   0.01323027 
_atom_sites.fract_transf_matrix[3][3]   -0.02277003 
_atom_sites.fract_transf_vector[1]      -0.668842 
_atom_sites.fract_transf_vector[2]      0.045084 
_atom_sites.fract_transf_vector[3]      1.350686 
# 
loop_
_atom_type.symbol 
C  
MG 
N  
O  
P  
# 
loop_
_atom_site.group_PDB 
_atom_site.id 
_atom_site.type_symbol 
_atom_site.label_atom_id 
_atom_site.label_alt_id 
_atom_site.label_comp_id 
_atom_site.label_asym_id 
_atom_site.label_entity_id 
_atom_site.label_seq_id 
_atom_site.pdbx_PDB_ins_code 
_atom_site.Cartn_x 
_atom_site.Cartn_y 
_atom_site.Cartn_z 
_atom_site.occupancy 
_atom_site.B_iso_or_equiv 
_atom_site.pdbx_formal_charge 
_atom_site.auth_seq_id 
_atom_site.auth_comp_id 
_atom_site.auth_asym_id 
_atom_site.auth_atom_id 
_atom_site.pdbx_PDB_model_num 
ATOM   1   O  "O5'" A DC  A 1 1 ? 4.037   8.497   -2.106  0.44 16.37 ? 1   DC  A "O5'" 1 
ATOM   2   O  "O5'" B DC  A 1 1 ? 5.865   7.635   -1.113  0.56 22.76 ? 1   DC  A "O5'" 1 
ATOM   3   C  "C5'" A DC  A 1 1 ? 4.713   8.244   -0.900  0.44 12.18 ? 1   DC  A "C5'" 1 
ATOM   4   C  "C5'" B DC  A 1 1 ? 4.595   8.331   -0.965  0.56 16.23 ? 1   DC  A "C5'" 1 
ATOM   5   C  "C4'" . DC  A 1 1 ? 3.707   7.623   0.035   1.00 9.89  ? 1   DC  A "C4'" 1 
ATOM   6   O  "O4'" . DC  A 1 1 ? 3.481   6.270   -0.465  1.00 8.69  ? 1   DC  A "O4'" 1 
ATOM   7   C  "C3'" . DC  A 1 1 ? 4.299   7.438   1.437   1.00 7.34  ? 1   DC  A "C3'" 1 
ATOM   8   O  "O3'" . DC  A 1 1 ? 3.300   7.877   2.351   1.00 9.09  ? 1   DC  A "O3'" 1 
ATOM   9   C  "C2'" . DC  A 1 1 ? 4.679   6.013   1.498   1.00 8.87  ? 1   DC  A "C2'" 1 
ATOM   10  C  "C1'" . DC  A 1 1 ? 3.795   5.314   0.522   1.00 6.76  ? 1   DC  A "C1'" 1 
ATOM   11  N  N1    . DC  A 1 1 ? 4.407   4.172   -0.181  1.00 6.11  ? 1   DC  A N1    1 
ATOM   12  C  C2    . DC  A 1 1 ? 3.641   3.009   -0.353  1.00 5.70  ? 1   DC  A C2    1 
ATOM   13  O  O2    . DC  A 1 1 ? 2.508   2.956   0.161   1.00 6.24  ? 1   DC  A O2    1 
ATOM   14  N  N3    . DC  A 1 1 ? 4.176   1.970   -1.037  1.00 5.87  ? 1   DC  A N3    1 
ATOM   15  C  C4    . DC  A 1 1 ? 5.391   2.085   -1.594  1.00 5.47  ? 1   DC  A C4    1 
ATOM   16  N  N4    . DC  A 1 1 ? 5.852   1.074   -2.303  1.00 6.89  ? 1   DC  A N4    1 
ATOM   17  C  C5    . DC  A 1 1 ? 6.192   3.255   -1.412  1.00 7.54  ? 1   DC  A C5    1 
ATOM   18  C  C6    . DC  A 1 1 ? 5.672   4.247   -0.712  1.00 6.94  ? 1   DC  A C6    1 
ATOM   19  P  P     . DG  A 1 2 ? 3.560   8.016   3.904   1.00 7.55  ? 2   DG  A P     1 
ATOM   20  O  OP1   . DG  A 1 2 ? 2.717   9.117   4.311   1.00 11.70 ? 2   DG  A OP1   1 
ATOM   21  O  OP2   . DG  A 1 2 ? 5.000   8.104   4.193   1.00 9.39  ? 2   DG  A OP2   1 
ATOM   22  O  "O5'" . DG  A 1 2 ? 3.077   6.620   4.497   1.00 8.33  ? 2   DG  A "O5'" 1 
ATOM   23  C  "C5'" . DG  A 1 2 ? 1.688   6.258   4.393   1.00 8.34  ? 2   DG  A "C5'" 1 
ATOM   24  C  "C4'" . DG  A 1 2 ? 1.574   4.839   4.901   1.00 7.53  ? 2   DG  A "C4'" 1 
ATOM   25  O  "O4'" . DG  A 1 2 ? 2.226   3.957   3.976   1.00 7.05  ? 2   DG  A "O4'" 1 
ATOM   26  C  "C3'" . DG  A 1 2 ? 2.258   4.553   6.266   1.00 7.69  ? 2   DG  A "C3'" 1 
ATOM   27  O  "O3'" . DG  A 1 2 ? 1.412   3.682   7.074   1.00 8.05  ? 2   DG  A "O3'" 1 
ATOM   28  C  "C2'" . DG  A 1 2 ? 3.507   3.787   5.866   1.00 7.52  ? 2   DG  A "C2'" 1 
ATOM   29  C  "C1'" . DG  A 1 2 ? 2.995   3.021   4.690   1.00 6.62  ? 2   DG  A "C1'" 1 
ATOM   30  N  N9    . DG  A 1 2 ? 3.986   2.481   3.786   1.00 6.23  ? 2   DG  A N9    1 
ATOM   31  C  C8    . DG  A 1 2 ? 5.176   3.045   3.397   1.00 7.56  ? 2   DG  A C8    1 
ATOM   32  N  N7    . DG  A 1 2 ? 5.786   2.366   2.483   1.00 7.64  ? 2   DG  A N7    1 
ATOM   33  C  C5    . DG  A 1 2 ? 4.963   1.256   2.265   1.00 5.93  ? 2   DG  A C5    1 
ATOM   34  C  C6    . DG  A 1 2 ? 5.107   0.143   1.418   1.00 6.22  ? 2   DG  A C6    1 
ATOM   35  O  O6    . DG  A 1 2 ? 6.046   -0.131  0.633   1.00 7.30  ? 2   DG  A O6    1 
ATOM   36  N  N1    . DG  A 1 2 ? 4.041   -0.750  1.523   1.00 5.64  ? 2   DG  A N1    1 
ATOM   37  C  C2    . DG  A 1 2 ? 2.978   -0.592  2.388   1.00 5.14  ? 2   DG  A C2    1 
ATOM   38  N  N2    . DG  A 1 2 ? 2.081   -1.594  2.433   1.00 5.96  ? 2   DG  A N2    1 
ATOM   39  N  N3    . DG  A 1 2 ? 2.832   0.448   3.164   1.00 5.64  ? 2   DG  A N3    1 
ATOM   40  C  C4    . DG  A 1 2 ? 3.844   1.331   3.056   1.00 5.86  ? 2   DG  A C4    1 
ATOM   41  P  P     . DT  A 1 3 ? 0.798   4.019   8.437   1.00 9.61  ? 3   DT  A P     1 
ATOM   42  O  OP1   . DT  A 1 3 ? 0.729   5.424   8.613   1.00 11.53 ? 3   DT  A OP1   1 
ATOM   43  O  OP2   . DT  A 1 3 ? 1.459   3.156   9.407   1.00 17.88 ? 3   DT  A OP2   1 
ATOM   44  O  "O5'" . DT  A 1 3 ? -0.652  3.484   8.266   1.00 9.12  ? 3   DT  A "O5'" 1 
ATOM   45  C  "C5'" . DT  A 1 3 ? -1.513  3.948   7.221   1.00 8.38  ? 3   DT  A "C5'" 1 
ATOM   46  C  "C4'" . DT  A 1 3 ? -2.896  3.357   7.404   1.00 7.69  ? 3   DT  A "C4'" 1 
ATOM   47  O  "O4'" . DT  A 1 3 ? -2.822  1.960   7.125   1.00 8.35  ? 3   DT  A "O4'" 1 
ATOM   48  C  "C3'" . DT  A 1 3 ? -3.523  3.520   8.771   1.00 6.78  ? 3   DT  A "C3'" 1 
ATOM   49  O  "O3'" . DT  A 1 3 ? -4.934  3.660   8.583   1.00 6.32  ? 3   DT  A "O3'" 1 
ATOM   50  C  "C2'" . DT  A 1 3 ? -3.192  2.197   9.420   1.00 7.03  ? 3   DT  A "C2'" 1 
ATOM   51  C  "C1'" A DT  A 1 3 ? -3.318  1.229   8.241   0.53 7.61  ? 3   DT  A "C1'" 1 
ATOM   52  C  "C1'" B DT  A 1 3 ? -3.198  1.251   8.237   0.47 8.03  ? 3   DT  A "C1'" 1 
ATOM   53  N  N1    A DT  A 1 3 ? -2.519  -0.052  8.390   0.53 7.38  ? 3   DT  A N1    1 
ATOM   54  N  N1    B DT  A 1 3 ? -2.238  0.240   8.335   0.47 9.34  ? 3   DT  A N1    1 
ATOM   55  C  C2    A DT  A 1 3 ? -3.145  -1.184  8.876   0.53 7.60  ? 3   DT  A C2    1 
ATOM   56  C  C2    B DT  A 1 3 ? -2.610  -0.925  8.961   0.47 10.42 ? 3   DT  A C2    1 
ATOM   57  O  O2    A DT  A 1 3 ? -4.338  -1.220  9.099   0.53 7.01  ? 3   DT  A O2    1 
ATOM   58  O  O2    B DT  A 1 3 ? -3.714  -1.097  9.436   0.47 10.11 ? 3   DT  A O2    1 
ATOM   59  N  N3    A DT  A 1 3 ? -2.322  -2.266  9.088   0.53 8.03  ? 3   DT  A N3    1 
ATOM   60  N  N3    B DT  A 1 3 ? -1.632  -1.874  9.017   0.47 11.71 ? 3   DT  A N3    1 
ATOM   61  C  C4    A DT  A 1 3 ? -0.937  -2.302  8.888   0.53 9.46  ? 3   DT  A C4    1 
ATOM   62  C  C4    B DT  A 1 3 ? -0.349  -1.769  8.533   0.47 11.44 ? 3   DT  A C4    1 
ATOM   63  O  O4    A DT  A 1 3 ? -0.307  -3.330  9.074   0.53 11.59 ? 3   DT  A O4    1 
ATOM   64  O  O4    B DT  A 1 3 ? 0.400   -2.724  8.627   0.47 14.56 ? 3   DT  A O4    1 
ATOM   65  C  C5    A DT  A 1 3 ? -0.349  -1.083  8.404   0.53 9.25  ? 3   DT  A C5    1 
ATOM   66  C  C5    B DT  A 1 3 ? -0.016  -0.502  7.905   0.47 11.08 ? 3   DT  A C5    1 
ATOM   67  C  C7    A DT  A 1 3 ? 1.124   -1.032  8.145   0.53 9.75  ? 3   DT  A C7    1 
ATOM   68  C  C7    B DT  A 1 3 ? 1.355   -0.302  7.354   0.47 12.39 ? 3   DT  A C7    1 
ATOM   69  C  C6    A DT  A 1 3 ? -1.151  -0.020  8.221   0.53 7.85  ? 3   DT  A C6    1 
ATOM   70  C  C6    B DT  A 1 3 ? -0.948  0.447   7.884   0.47 8.84  ? 3   DT  A C6    1 
ATOM   71  P  P     . DA  A 1 4 ? -5.787  4.565   9.557   1.00 5.93  ? 4   DA  A P     1 
ATOM   72  O  OP1   . DA  A 1 4 ? -5.445  4.320   10.957  1.00 6.98  ? 4   DA  A OP1   1 
ATOM   73  O  OP2   . DA  A 1 4 ? -7.166  4.428   9.134   1.00 6.21  ? 4   DA  A OP2   1 
ATOM   74  O  "O5'" . DA  A 1 4 ? -5.246  6.032   9.247   1.00 6.57  ? 4   DA  A "O5'" 1 
ATOM   75  C  "C5'" . DA  A 1 4 ? -5.450  6.542   7.911   1.00 7.33  ? 4   DA  A "C5'" 1 
ATOM   76  C  "C4'" . DA  A 1 4 ? -5.416  8.073   7.925   1.00 6.01  ? 4   DA  A "C4'" 1 
ATOM   77  O  "O4'" . DA  A 1 4 ? -6.519  8.578   8.656   1.00 6.92  ? 4   DA  A "O4'" 1 
ATOM   78  C  "C3'" . DA  A 1 4 ? -4.170  8.718   8.548   1.00 5.24  ? 4   DA  A "C3'" 1 
ATOM   79  O  "O3'" . DA  A 1 4 ? -3.884  9.960   7.850   1.00 5.69  ? 4   DA  A "O3'" 1 
ATOM   80  C  "C2'" . DA  A 1 4 ? -4.601  9.004   9.968   1.00 5.47  ? 4   DA  A "C2'" 1 
ATOM   81  C  "C1'" . DA  A 1 4 ? -6.068  9.316   9.770   1.00 6.12  ? 4   DA  A "C1'" 1 
ATOM   82  N  N9    . DA  A 1 4 ? -6.940  9.014   10.896  1.00 6.88  ? 4   DA  A N9    1 
ATOM   83  C  C8    . DA  A 1 4 ? -7.417  7.779   11.239  1.00 7.45  ? 4   DA  A C8    1 
ATOM   84  N  N7    . DA  A 1 4 ? -8.247  7.794   12.246  1.00 7.61  ? 4   DA  A N7    1 
ATOM   85  C  C5    . DA  A 1 4 ? -8.386  9.136   12.542  1.00 7.64  ? 4   DA  A C5    1 
ATOM   86  C  C6    . DA  A 1 4 ? -9.141  9.806   13.497  1.00 8.90  ? 4   DA  A C6    1 
ATOM   87  N  N6    . DA  A 1 4 ? -9.959  9.210   14.370  1.00 8.62  ? 4   DA  A N6    1 
ATOM   88  N  N1    . DA  A 1 4 ? -8.997  11.129  13.581  1.00 13.73 ? 4   DA  A N1    1 
ATOM   89  C  C2    . DA  A 1 4 ? -8.151  11.737  12.734  1.00 16.33 ? 4   DA  A C2    1 
ATOM   90  N  N3    . DA  A 1 4 ? -7.410  11.213  11.770  1.00 13.12 ? 4   DA  A N3    1 
ATOM   91  C  C4    . DA  A 1 4 ? -7.568  9.899   11.723  1.00 7.80  ? 4   DA  A C4    1 
ATOM   92  P  P     . DA  A 1 5 ? -2.719  10.080  6.836   1.00 5.25  ? 5   DA  A P     1 
ATOM   93  O  OP1   . DA  A 1 5 ? -1.501  9.472   7.290   1.00 7.94  ? 5   DA  A OP1   1 
ATOM   94  O  OP2   . DA  A 1 5 ? -2.738  11.485  6.387   1.00 5.67  ? 5   DA  A OP2   1 
ATOM   95  O  "O5'" . DA  A 1 5 ? -3.250  9.254   5.518   1.00 8.12  ? 5   DA  A "O5'" 1 
ATOM   96  C  "C5'" . DA  A 1 5 ? -3.081  7.885   5.302   1.00 7.80  ? 5   DA  A "C5'" 1 
ATOM   97  C  "C4'" . DA  A 1 5 ? -1.999  7.661   4.253   1.00 8.59  ? 5   DA  A "C4'" 1 
ATOM   98  O  "O4'" . DA  A 1 5 ? -1.792  6.250   4.228   1.00 8.40  ? 5   DA  A "O4'" 1 
ATOM   99  C  "C3'" . DA  A 1 5 ? -2.392  8.068   2.840   1.00 6.86  ? 5   DA  A "C3'" 1 
ATOM   100 O  "O3'" . DA  A 1 5 ? -1.130  8.246   2.088   1.00 7.88  ? 5   DA  A "O3'" 1 
ATOM   101 C  "C2'" . DA  A 1 5 ? -3.179  6.838   2.398   1.00 6.95  ? 5   DA  A "C2'" 1 
ATOM   102 C  "C1'" . DA  A 1 5 ? -2.391  5.726   3.032   1.00 6.66  ? 5   DA  A "C1'" 1 
ATOM   103 N  N9    . DA  A 1 5 ? -3.186  4.572   3.427   1.00 6.06  ? 5   DA  A N9    1 
ATOM   104 C  C8    . DA  A 1 5 ? -2.654  3.307   3.433   1.00 6.62  ? 5   DA  A C8    1 
ATOM   105 N  N7    . DA  A 1 5 ? -3.432  2.397   3.979   1.00 6.16  ? 5   DA  A N7    1 
ATOM   106 C  C5    . DA  A 1 5 ? -4.531  3.141   4.408   1.00 6.12  ? 5   DA  A C5    1 
ATOM   107 C  C6    . DA  A 1 5 ? -5.673  2.779   5.137   1.00 7.25  ? 5   DA  A C6    1 
ATOM   108 N  N6    . DA  A 1 5 ? -5.896  1.542   5.527   1.00 7.52  ? 5   DA  A N6    1 
ATOM   109 N  N1    . DA  A 1 5 ? -6.562  3.761   5.447   1.00 7.46  ? 5   DA  A N1    1 
ATOM   110 C  C2    . DA  A 1 5 ? -6.312  5.003   5.016   1.00 7.94  ? 5   DA  A C2    1 
ATOM   111 N  N3    . DA  A 1 5 ? -5.266  5.475   4.349   1.00 7.17  ? 5   DA  A N3    1 
ATOM   112 C  C4    . DA  A 1 5 ? -4.378  4.475   4.094   1.00 6.53  ? 5   DA  A C4    1 
ATOM   113 P  P     . DG  A 1 6 ? -1.143  8.499   0.517   1.00 8.85  ? 6   DG  A P     1 
ATOM   114 O  OP1   . DG  A 1 6 ? 0.119   9.182   0.200   1.00 9.86  ? 6   DG  A OP1   1 
ATOM   115 O  OP2   . DG  A 1 6 ? -2.441  9.089   0.143   1.00 8.96  ? 6   DG  A OP2   1 
ATOM   116 O  "O5'" . DG  A 1 6 ? -1.147  7.080   -0.171  1.00 8.88  ? 6   DG  A "O5'" 1 
ATOM   117 C  "C5'" . DG  A 1 6 ? 0.070   6.296   -0.194  1.00 6.48  ? 6   DG  A "C5'" 1 
ATOM   118 C  "C4'" . DG  A 1 6 ? -0.227  5.021   -0.915  1.00 5.66  ? 6   DG  A "C4'" 1 
ATOM   119 O  "O4'" . DG  A 1 6 ? -1.114  4.225   -0.115  1.00 7.18  ? 6   DG  A "O4'" 1 
ATOM   120 C  "C3'" . DG  A 1 6 ? -0.923  5.174   -2.250  1.00 5.32  ? 6   DG  A "C3'" 1 
ATOM   121 O  "O3'" . DG  A 1 6 ? -0.005  4.780   -3.286  1.00 6.50  ? 6   DG  A "O3'" 1 
ATOM   122 C  "C2'" . DG  A 1 6 ? -2.144  4.287   -2.176  1.00 6.37  ? 6   DG  A "C2'" 1 
ATOM   123 C  "C1'" . DG  A 1 6 ? -1.871  3.392   -1.008  1.00 5.31  ? 6   DG  A "C1'" 1 
ATOM   124 N  N9    . DG  A 1 6 ? -3.011  2.922   -0.289  1.00 4.97  ? 6   DG  A N9    1 
ATOM   125 C  C8    . DG  A 1 6 ? -4.151  3.626   0.065   1.00 5.03  ? 6   DG  A C8    1 
ATOM   126 N  N7    . DG  A 1 6 ? -4.971  2.941   0.808   1.00 5.24  ? 6   DG  A N7    1 
ATOM   127 C  C5    . DG  A 1 6 ? -4.332  1.719   0.957   1.00 4.73  ? 6   DG  A C5    1 
ATOM   128 C  C6    . DG  A 1 6 ? -4.760  0.578   1.667   1.00 4.97  ? 6   DG  A C6    1 
ATOM   129 O  O6    . DG  A 1 6 ? -5.797  0.431   2.348   1.00 5.75  ? 6   DG  A O6    1 
ATOM   130 N  N1    . DG  A 1 6 ? -3.801  -0.446  1.619   1.00 5.10  ? 6   DG  A N1    1 
ATOM   131 C  C2    . DG  A 1 6 ? -2.629  -0.381  0.919   1.00 5.54  ? 6   DG  A C2    1 
ATOM   132 N  N2    . DG  A 1 6 ? -1.825  -1.464  0.978   1.00 6.56  ? 6   DG  A N2    1 
ATOM   133 N  N3    . DG  A 1 6 ? -2.236  0.676   0.234   1.00 5.80  ? 6   DG  A N3    1 
ATOM   134 C  C4    . DG  A 1 6 ? -3.141  1.679   0.295   1.00 4.89  ? 6   DG  A C4    1 
ATOM   135 P  P     A DG  A 1 7 ? 0.399   5.777   -4.410  0.53 8.19  ? 7   DG  A P     1 
ATOM   136 P  P     B DG  A 1 7 ? 0.236   5.528   -4.692  0.47 8.54  ? 7   DG  A P     1 
ATOM   137 O  OP1   A DG  A 1 7 ? 0.328   7.150   -3.987  0.53 7.93  ? 7   DG  A OP1   1 
ATOM   138 O  OP1   B DG  A 1 7 ? -0.094  6.940   -4.482  0.47 10.35 ? 7   DG  A OP1   1 
ATOM   139 O  OP2   A DG  A 1 7 ? -0.379  5.488   -5.664  0.53 8.09  ? 7   DG  A OP2   1 
ATOM   140 O  OP2   B DG  A 1 7 ? -0.442  4.729   -5.693  0.47 13.33 ? 7   DG  A OP2   1 
ATOM   141 O  "O5'" A DG  A 1 7 ? 1.839   5.178   -4.712  0.53 7.90  ? 7   DG  A "O5'" 1 
ATOM   142 O  "O5'" B DG  A 1 7 ? 1.817   5.541   -4.848  0.47 9.56  ? 7   DG  A "O5'" 1 
ATOM   143 C  "C5'" A DG  A 1 7 ? 2.846   5.612   -3.771  0.53 7.87  ? 7   DG  A "C5'" 1 
ATOM   144 C  "C5'" B DG  A 1 7 ? 2.664   6.168   -3.861  0.47 9.69  ? 7   DG  A "C5'" 1 
ATOM   145 C  "C4'" A DG  A 1 7 ? 4.111   4.829   -3.923  0.53 7.28  ? 7   DG  A "C4'" 1 
ATOM   146 C  "C4'" B DG  A 1 7 ? 3.993   5.462   -3.835  0.47 7.64  ? 7   DG  A "C4'" 1 
ATOM   147 O  "O4'" A DG  A 1 7 ? 3.809   3.497   -3.507  0.53 7.91  ? 7   DG  A "O4'" 1 
ATOM   148 O  "O4'" B DG  A 1 7 ? 3.833   4.035   -3.567  0.47 7.71  ? 7   DG  A "O4'" 1 
ATOM   149 C  "C3'" A DG  A 1 7 ? 4.661   4.750   -5.334  0.53 8.22  ? 7   DG  A "C3'" 1 
ATOM   150 C  "C3'" B DG  A 1 7 ? 4.689   5.531   -5.156  0.47 6.93  ? 7   DG  A "C3'" 1 
ATOM   151 O  "O3'" A DG  A 1 7 ? 6.113   4.725   -5.196  0.53 13.20 ? 7   DG  A "O3'" 1 
ATOM   152 O  "O3'" B DG  A 1 7 ? 6.105   5.649   -5.006  0.47 9.40  ? 7   DG  A "O3'" 1 
ATOM   153 C  "C2'" A DG  A 1 7 ? 4.136   3.421   -5.867  0.53 8.00  ? 7   DG  A "C2'" 1 
ATOM   154 C  "C2'" B DG  A 1 7 ? 4.325   4.214   -5.853  0.47 7.59  ? 7   DG  A "C2'" 1 
ATOM   155 C  "C1'" A DG  A 1 7 ? 4.022   2.587   -4.574  0.53 7.37  ? 7   DG  A "C1'" 1 
ATOM   156 C  "C1'" B DG  A 1 7 ? 4.253   3.246   -4.693  0.47 7.46  ? 7   DG  A "C1'" 1 
ATOM   157 N  N9    A DG  A 1 7 ? 2.931   1.633   -4.555  0.53 4.97  ? 7   DG  A N9    1 
ATOM   158 N  N9    B DG  A 1 7 ? 3.260   2.180   -4.895  0.47 6.20  ? 7   DG  A N9    1 
ATOM   159 C  C8    A DG  A 1 7 ? 1.720   1.757   -3.917  0.53 5.16  ? 7   DG  A C8    1 
ATOM   160 C  C8    B DG  A 1 7 ? 1.983   2.155   -4.382  0.47 5.98  ? 7   DG  A C8    1 
ATOM   161 N  N7    A DG  A 1 7 ? 0.892   0.791   -4.197  0.53 5.78  ? 7   DG  A N7    1 
ATOM   162 N  N7    B DG  A 1 7 ? 1.286   1.123   -4.781  0.47 6.54  ? 7   DG  A N7    1 
ATOM   163 C  C5    A DG  A 1 7 ? 1.626   -0.060  -5.008  0.53 5.24  ? 7   DG  A C5    1 
ATOM   164 C  C5    B DG  A 1 7 ? 2.154   0.414   -5.605  0.47 5.49  ? 7   DG  A C5    1 
ATOM   165 C  C6    A DG  A 1 7 ? 1.259   -1.326  -5.606  0.53 5.25  ? 7   DG  A C6    1 
ATOM   166 C  C6    B DG  A 1 7 ? 1.988   -0.835  -6.289  0.47 5.46  ? 7   DG  A C6    1 
ATOM   167 O  O6    A DG  A 1 7 ? 0.246   -1.990  -5.453  0.53 5.88  ? 7   DG  A O6    1 
ATOM   168 O  O6    B DG  A 1 7 ? 0.975   -1.601  -6.291  0.47 5.44  ? 7   DG  A O6    1 
ATOM   169 N  N1    A DG  A 1 7 ? 2.300   -1.843  -6.363  0.53 5.83  ? 7   DG  A N1    1 
ATOM   170 N  N1    B DG  A 1 7 ? 3.136   -1.194  -6.990  0.47 6.48  ? 7   DG  A N1    1 
ATOM   171 C  C2    A DG  A 1 7 ? 3.525   -1.230  -6.569  0.53 6.26  ? 7   DG  A C2    1 
ATOM   172 C  C2    B DG  A 1 7 ? 4.298   -0.451  -7.020  0.47 8.07  ? 7   DG  A C2    1 
ATOM   173 N  N2    A DG  A 1 7 ? 4.388   -1.863  -7.410  0.53 6.32  ? 7   DG  A N2    1 
ATOM   174 N  N2    B DG  A 1 7 ? 5.261   -0.931  -7.813  0.47 8.53  ? 7   DG  A N2    1 
ATOM   175 N  N3    A DG  A 1 7 ? 3.848   -0.029  -6.080  0.53 6.36  ? 7   DG  A N3    1 
ATOM   176 N  N3    B DG  A 1 7 ? 4.475   0.701   -6.378  0.47 7.63  ? 7   DG  A N3    1 
ATOM   177 C  C4    A DG  A 1 7 ? 2.872   0.464   -5.274  0.53 5.16  ? 7   DG  A C4    1 
ATOM   178 C  C4    B DG  A 1 7 ? 3.365   1.077   -5.714  0.47 6.74  ? 7   DG  A C4    1 
ATOM   179 P  P     A DC  A 1 8 ? 7.196   5.888   -5.685  0.53 16.93 ? 8   DC  A P     1 
ATOM   180 P  P     B DC  A 1 8 ? 6.873   6.453   -6.095  0.47 14.43 ? 8   DC  A P     1 
ATOM   181 O  OP1   A DC  A 1 8 ? 8.506   5.588   -4.985  0.53 18.78 ? 8   DC  A OP1   1 
ATOM   182 O  OP1   B DC  A 1 8 ? 8.210   6.602   -5.447  0.47 15.08 ? 8   DC  A OP1   1 
ATOM   183 O  OP2   A DC  A 1 8 ? 6.596   7.238   -5.779  0.53 15.41 ? 8   DC  A OP2   1 
ATOM   184 O  OP2   B DC  A 1 8 ? 5.998   7.563   -6.484  0.47 22.95 ? 8   DC  A OP2   1 
ATOM   185 O  "O5'" A DC  A 1 8 ? 7.083   5.972   -7.269  0.53 11.94 ? 8   DC  A "O5'" 1 
ATOM   186 O  "O5'" B DC  A 1 8 ? 7.089   5.271   -7.181  0.47 20.41 ? 8   DC  A "O5'" 1 
ATOM   187 C  "C5'" A DC  A 1 8 ? 7.673   4.769   -7.766  0.53 10.52 ? 8   DC  A "C5'" 1 
ATOM   188 C  "C5'" B DC  A 1 8 ? 8.060   4.133   -7.070  0.47 17.27 ? 8   DC  A "C5'" 1 
ATOM   189 C  "C4'" A DC  A 1 8 ? 7.181   4.418   -9.130  0.53 8.51  ? 8   DC  A "C4'" 1 
ATOM   190 C  "C4'" B DC  A 1 8 ? 8.219   3.224   -8.281  0.47 16.44 ? 8   DC  A "C4'" 1 
ATOM   191 O  "O4'" A DC  A 1 8 ? 5.911   3.742   -8.981  0.53 8.27  ? 8   DC  A "O4'" 1 
ATOM   192 O  "O4'" B DC  A 1 8 ? 7.016   2.439   -8.520  0.47 14.75 ? 8   DC  A "O4'" 1 
ATOM   193 C  "C3'" A DC  A 1 8 ? 6.962   5.579   -10.091 0.53 7.99  ? 8   DC  A "C3'" 1 
ATOM   194 C  "C3'" B DC  A 1 8 ? 8.579   3.887   -9.598  0.47 17.94 ? 8   DC  A "C3'" 1 
ATOM   195 O  "O3'" A DC  A 1 8 ? 7.322   5.119   -11.411 0.53 9.89  ? 8   DC  A "O3'" 1 
ATOM   196 O  "O3'" B DC  A 1 8 ? 9.456   3.056   -10.403 0.47 23.30 ? 8   DC  A "O3'" 1 
ATOM   197 C  "C2'" A DC  A 1 8 ? 5.475   5.786   -10.017 0.53 7.46  ? 8   DC  A "C2'" 1 
ATOM   198 C  "C2'" B DC  A 1 8 ? 7.240   3.942   -10.298 0.47 15.99 ? 8   DC  A "C2'" 1 
ATOM   199 C  "C1'" A DC  A 1 8 ? 4.982   4.329   -9.912  0.53 6.98  ? 8   DC  A "C1'" 1 
ATOM   200 C  "C1'" B DC  A 1 8 ? 6.518   2.693   -9.806  0.47 12.16 ? 8   DC  A "C1'" 1 
ATOM   201 N  N1    A DC  A 1 8 ? 3.644   4.062   -9.383  0.53 6.35  ? 8   DC  A N1    1 
ATOM   202 N  N1    B DC  A 1 8 ? 5.050   2.704   -9.632  0.47 12.36 ? 8   DC  A N1    1 
ATOM   203 C  C2    A DC  A 1 8 ? 3.156   2.742   -9.423  0.53 6.06  ? 8   DC  A C2    1 
ATOM   204 C  C2    B DC  A 1 8 ? 4.382   1.488   -9.697  0.47 10.43 ? 8   DC  A C2    1 
ATOM   205 O  O2    A DC  A 1 8 ? 3.762   1.924   -10.105 0.53 6.30  ? 8   DC  A O2    1 
ATOM   206 O  O2    B DC  A 1 8 ? 4.998   0.477   -10.041 0.47 13.97 ? 8   DC  A O2    1 
ATOM   207 N  N3    A DC  A 1 8 ? 1.939   2.460   -8.886  0.53 6.27  ? 8   DC  A N3    1 
ATOM   208 N  N3    B DC  A 1 8 ? 3.095   1.419   -9.302  0.47 9.30  ? 8   DC  A N3    1 
ATOM   209 C  C4    A DC  A 1 8 ? 1.270   3.401   -8.238  0.53 7.29  ? 8   DC  A C4    1 
ATOM   210 C  C4    B DC  A 1 8 ? 2.454   2.519   -8.917  0.47 11.07 ? 8   DC  A C4    1 
ATOM   211 N  N4    A DC  A 1 8 ? 0.121   3.046   -7.663  0.53 6.61  ? 8   DC  A N4    1 
ATOM   212 N  N4    B DC  A 1 8 ? 1.175   2.402   -8.578  0.47 10.06 ? 8   DC  A N4    1 
ATOM   213 C  C5    A DC  A 1 8 ? 1.734   4.757   -8.187  0.53 7.65  ? 8   DC  A C5    1 
ATOM   214 C  C5    B DC  A 1 8 ? 3.106   3.780   -8.844  0.47 11.67 ? 8   DC  A C5    1 
ATOM   215 C  C6    A DC  A 1 8 ? 2.935   5.031   -8.739  0.53 7.61  ? 8   DC  A C6    1 
ATOM   216 C  C6    B DC  A 1 8 ? 4.385   3.830   -9.235  0.47 12.51 ? 8   DC  A C6    1 
ATOM   217 P  P     A DG  A 1 9 ? 8.462   5.806   -12.221 0.53 11.33 ? 9   DG  A P     1 
ATOM   218 P  P     B DG  A 1 9 ? 10.167  3.650   -11.643 0.47 33.39 ? 9   DG  A P     1 
ATOM   219 O  OP1   A DG  A 1 9 ? 9.646   5.870   -11.400 0.53 14.49 ? 9   DG  A OP1   1 
ATOM   220 O  OP1   B DG  A 1 9 ? 11.452  2.933   -11.782 0.47 42.61 ? 9   DG  A OP1   1 
ATOM   221 O  OP2   A DG  A 1 9 ? 7.882   7.113   -12.819 0.53 18.31 ? 9   DG  A OP2   1 
ATOM   222 O  OP2   B DG  A 1 9 ? 10.064  5.104   -11.497 0.47 38.01 ? 9   DG  A OP2   1 
ATOM   223 O  "O5'" A DG  A 1 9 ? 8.610   4.820   -13.442 0.53 10.98 ? 9   DG  A "O5'" 1 
ATOM   224 O  "O5'" B DG  A 1 9 ? 9.175   3.342   -12.858 0.47 21.35 ? 9   DG  A "O5'" 1 
ATOM   225 C  "C5'" A DG  A 1 9 ? 8.997   3.487   -13.303 0.53 11.62 ? 9   DG  A "C5'" 1 
ATOM   226 C  "C5'" B DG  A 1 9 ? 8.993   1.996   -13.301 0.47 18.29 ? 9   DG  A "C5'" 1 
ATOM   227 C  "C4'" A DG  A 1 9 ? 8.074   2.600   -14.087 0.53 7.73  ? 9   DG  A "C4'" 1 
ATOM   228 C  "C4'" B DG  A 1 9 ? 7.876   2.053   -14.310 0.47 10.43 ? 9   DG  A "C4'" 1 
ATOM   229 O  "O4'" A DG  A 1 9 ? 6.766   2.583   -13.492 0.53 7.46  ? 9   DG  A "O4'" 1 
ATOM   230 O  "O4'" B DG  A 1 9 ? 6.609   2.243   -13.662 0.47 10.22 ? 9   DG  A "O4'" 1 
ATOM   231 C  "C3'" A DG  A 1 9 ? 7.912   2.982   -15.578 0.53 7.78  ? 9   DG  A "C3'" 1 
ATOM   232 C  "C3'" B DG  A 1 9 ? 8.058   3.203   -15.316 0.47 12.05 ? 9   DG  A "C3'" 1 
ATOM   233 O  "O3'" A DG  A 1 9 ? 7.986   1.791   -16.371 0.53 11.83 ? 9   DG  A "O3'" 1 
ATOM   234 O  "O3'" B DG  A 1 9 ? 8.085   2.763   -16.669 0.47 11.71 ? 9   DG  A "O3'" 1 
ATOM   235 C  "C2'" A DG  A 1 9 ? 6.595   3.708   -15.559 0.53 6.36  ? 9   DG  A "C2'" 1 
ATOM   236 C  "C2'" B DG  A 1 9 ? 6.821   4.029   -15.114 0.47 9.08  ? 9   DG  A "C2'" 1 
ATOM   237 C  "C1'" A DG  A 1 9 ? 5.817   2.924   -14.487 0.53 6.95  ? 9   DG  A "C1'" 1 
ATOM   238 C  "C1'" B DG  A 1 9 ? 5.834   3.012   -14.548 0.47 8.64  ? 9   DG  A "C1'" 1 
ATOM   239 N  N9    . DG  A 1 9 ? 4.741   3.599   -13.811 1.00 7.73  ? 9   DG  A N9    1 
ATOM   240 C  C8    . DG  A 1 9 ? 4.701   4.879   -13.329 1.00 9.04  ? 9   DG  A C8    1 
ATOM   241 N  N7    . DG  A 1 9 ? 3.588   5.159   -12.720 1.00 9.19  ? 9   DG  A N7    1 
ATOM   242 C  C5    . DG  A 1 9 ? 2.887   3.941   -12.669 1.00 7.18  ? 9   DG  A C5    1 
ATOM   243 C  C6    . DG  A 1 9 ? 1.602   3.641   -12.155 1.00 7.19  ? 9   DG  A C6    1 
ATOM   244 O  O6    . DG  A 1 9 ? 0.814   4.359   -11.569 1.00 7.89  ? 9   DG  A O6    1 
ATOM   245 N  N1    . DG  A 1 9 ? 1.260   2.330   -12.398 1.00 6.64  ? 9   DG  A N1    1 
ATOM   246 C  C2    . DG  A 1 9 ? 2.020   1.430   -13.081 1.00 6.78  ? 9   DG  A C2    1 
ATOM   247 N  N2    . DG  A 1 9 ? 1.500   0.223   -13.211 1.00 7.00  ? 9   DG  A N2    1 
ATOM   248 N  N3    . DG  A 1 9 ? 3.194   1.716   -13.603 1.00 6.88  ? 9   DG  A N3    1 
ATOM   249 C  C4    . DG  A 1 9 ? 3.564   2.985   -13.380 1.00 7.47  ? 9   DG  A C4    1 
ATOM   250 O  "O5'" . DC  B 1 1 ? -5.470  -8.722  4.206   0.65 13.23 ? 1   DC  B "O5'" 1 
ATOM   251 C  "C5'" . DC  B 1 1 ? -4.797  -9.348  3.088   1.00 13.05 ? 1   DC  B "C5'" 1 
ATOM   252 C  "C4'" . DC  B 1 1 ? -3.495  -8.644  2.767   1.00 9.00  ? 1   DC  B "C4'" 1 
ATOM   253 O  "O4'" . DC  B 1 1 ? -3.763  -7.292  2.372   1.00 7.30  ? 1   DC  B "O4'" 1 
ATOM   254 C  "C3'" . DC  B 1 1 ? -2.580  -8.557  3.963   1.00 8.56  ? 1   DC  B "C3'" 1 
ATOM   255 O  "O3'" . DC  B 1 1 ? -1.244  -8.920  3.528   1.00 8.42  ? 1   DC  B "O3'" 1 
ATOM   256 C  "C2'" . DC  B 1 1 ? -2.681  -7.120  4.415   1.00 8.15  ? 1   DC  B "C2'" 1 
ATOM   257 C  "C1'" . DC  B 1 1 ? -3.044  -6.371  3.169   1.00 6.55  ? 1   DC  B "C1'" 1 
ATOM   258 N  N1    . DC  B 1 1 ? -3.919  -5.215  3.396   1.00 5.81  ? 1   DC  B N1    1 
ATOM   259 C  C2    . DC  B 1 1 ? -3.588  -3.965  2.841   1.00 5.35  ? 1   DC  B C2    1 
ATOM   260 O  O2    . DC  B 1 1 ? -2.529  -3.869  2.198   1.00 5.87  ? 1   DC  B O2    1 
ATOM   261 N  N3    . DC  B 1 1 ? -4.427  -2.915  3.000   1.00 5.10  ? 1   DC  B N3    1 
ATOM   262 C  C4    . DC  B 1 1 ? -5.563  -3.067  3.662   1.00 5.74  ? 1   DC  B C4    1 
ATOM   263 N  N4    . DC  B 1 1 ? -6.388  -2.031  3.789   1.00 6.06  ? 1   DC  B N4    1 
ATOM   264 C  C5    . DC  B 1 1 ? -5.926  -4.316  4.270   1.00 6.40  ? 1   DC  B C5    1 
ATOM   265 C  C6    . DC  B 1 1 ? -5.091  -5.367  4.093   1.00 6.39  ? 1   DC  B C6    1 
ATOM   266 P  P     . DG  B 1 2 ? -0.079  -9.184  4.563   1.00 9.87  ? 2   DG  B P     1 
ATOM   267 O  OP1   . DG  B 1 2 ? 0.848   -10.122 3.892   1.00 12.83 ? 2   DG  B OP1   1 
ATOM   268 O  OP2   . DG  B 1 2 ? -0.599  -9.517  5.904   1.00 12.38 ? 2   DG  B OP2   1 
ATOM   269 O  "O5'" . DG  B 1 2 ? 0.648   -7.781  4.770   1.00 8.38  ? 2   DG  B "O5'" 1 
ATOM   270 C  "C5'" . DG  B 1 2 ? 1.381   -7.223  3.652   1.00 8.20  ? 2   DG  B "C5'" 1 
ATOM   271 C  "C4'" . DG  B 1 2 ? 1.793   -5.833  4.030   1.00 7.31  ? 2   DG  B "C4'" 1 
ATOM   272 O  "O4'" . DG  B 1 2 ? 0.659   -4.979  4.107   1.00 7.53  ? 2   DG  B "O4'" 1 
ATOM   273 C  "C3'" . DG  B 1 2 ? 2.463   -5.776  5.425   1.00 7.11  ? 2   DG  B "C3'" 1 
ATOM   274 O  "O3'" . DG  B 1 2 ? 3.695   -4.972  5.341   1.00 8.64  ? 2   DG  B "O3'" 1 
ATOM   275 C  "C2'" . DG  B 1 2 ? 1.464   -4.981  6.269   1.00 6.88  ? 2   DG  B "C2'" 1 
ATOM   276 C  "C1'" . DG  B 1 2 ? 0.805   -4.108  5.226   1.00 6.92  ? 2   DG  B "C1'" 1 
ATOM   277 N  N9    . DG  B 1 2 ? -0.493  -3.599  5.560   1.00 6.26  ? 2   DG  B N9    1 
ATOM   278 C  C8    . DG  B 1 2 ? -1.565  -4.202  6.162   1.00 6.83  ? 2   DG  B C8    1 
ATOM   279 N  N7    . DG  B 1 2 ? -2.628  -3.457  6.174   1.00 6.70  ? 2   DG  B N7    1 
ATOM   280 C  C5    . DG  B 1 2 ? -2.236  -2.291  5.548   1.00 5.74  ? 2   DG  B C5    1 
ATOM   281 C  C6    . DG  B 1 2 ? -2.954  -1.084  5.298   1.00 5.81  ? 2   DG  B C6    1 
ATOM   282 O  O6    . DG  B 1 2 ? -4.142  -0.807  5.537   1.00 6.66  ? 2   DG  B O6    1 
ATOM   283 N  N1    . DG  B 1 2 ? -2.169  -0.135  4.645   1.00 5.92  ? 2   DG  B N1    1 
ATOM   284 C  C2    . DG  B 1 2 ? -0.850  -0.304  4.335   1.00 5.10  ? 2   DG  B C2    1 
ATOM   285 N  N2    . DG  B 1 2 ? -0.209  0.754   3.757   1.00 6.18  ? 2   DG  B N2    1 
ATOM   286 N  N3    . DG  B 1 2 ? -0.170  -1.435  4.538   1.00 5.78  ? 2   DG  B N3    1 
ATOM   287 C  C4    . DG  B 1 2 ? -0.916  -2.364  5.185   1.00 5.58  ? 2   DG  B C4    1 
ATOM   288 P  P     . DT  B 1 3 ? 5.083   -5.541  5.660   1.00 10.07 ? 3   DT  B P     1 
ATOM   289 O  OP1   . DT  B 1 3 ? 5.003   -7.013  5.671   1.00 15.09 ? 3   DT  B OP1   1 
ATOM   290 O  OP2   . DT  B 1 3 ? 5.590   -4.828  6.890   0.88 14.83 ? 3   DT  B OP2   1 
ATOM   291 O  "O5'" . DT  B 1 3 ? 5.948   -4.981  4.478   1.00 9.67  ? 3   DT  B "O5'" 1 
ATOM   292 C  "C5'" . DT  B 1 3 ? 5.686   -5.411  3.100   1.00 9.45  ? 3   DT  B "C5'" 1 
ATOM   293 C  "C4'" . DT  B 1 3 ? 6.608   -4.686  2.140   1.00 8.20  ? 3   DT  B "C4'" 1 
ATOM   294 O  "O4'" . DT  B 1 3 ? 6.289   -3.259  2.185   1.00 8.85  ? 3   DT  B "O4'" 1 
ATOM   295 C  "C3'" . DT  B 1 3 ? 8.073   -4.792  2.420   1.00 6.86  ? 3   DT  B "C3'" 1 
ATOM   296 O  "O3'" . DT  B 1 3 ? 8.740   -4.707  1.129   1.00 6.97  ? 3   DT  B "O3'" 1 
ATOM   297 C  "C2'" . DT  B 1 3 ? 8.369   -3.568  3.234   1.00 7.98  ? 3   DT  B "C2'" 1 
ATOM   298 C  "C1'" . DT  B 1 3 ? 7.393   -2.543  2.635   1.00 8.63  ? 3   DT  B "C1'" 1 
ATOM   299 N  N1    . DT  B 1 3 ? 6.891   -1.582  3.622   1.00 10.05 ? 3   DT  B N1    1 
ATOM   300 C  C2    . DT  B 1 3 ? 7.643   -0.481  3.804   1.00 12.30 ? 3   DT  B C2    1 
ATOM   301 O  O2    . DT  B 1 3 ? 8.713   -0.289  3.229   1.00 14.09 ? 3   DT  B O2    1 
ATOM   302 N  N3    . DT  B 1 3 ? 7.149   0.388   4.753   1.00 13.67 ? 3   DT  B N3    1 
ATOM   303 C  C4    . DT  B 1 3 ? 6.010   0.232   5.522   1.00 13.21 ? 3   DT  B C4    1 
ATOM   304 O  O4    . DT  B 1 3 ? 5.678   1.135   6.305   1.00 18.90 ? 3   DT  B O4    1 
ATOM   305 C  C5    . DT  B 1 3 ? 5.243   -0.949  5.257   1.00 11.40 ? 3   DT  B C5    1 
ATOM   306 C  C7    . DT  B 1 3 ? 3.965   -1.186  5.998   1.00 12.15 ? 3   DT  B C7    1 
ATOM   307 C  C6    . DT  B 1 3 ? 5.720   -1.803  4.344   1.00 10.58 ? 3   DT  B C6    1 
ATOM   308 P  P     . DA  B 1 4 ? 9.983   -5.591  0.800   1.00 6.57  ? 4   DA  B P     1 
ATOM   309 O  OP1   . DA  B 1 4 ? 10.981  -5.560  1.902   1.00 7.02  ? 4   DA  B OP1   1 
ATOM   310 O  OP2   . DA  B 1 4 ? 10.375  -5.258  -0.564  1.00 7.85  ? 4   DA  B OP2   1 
ATOM   311 O  "O5'" A DA  B 1 4 ? 9.457   -7.078  0.935   0.32 7.27  ? 4   DA  B "O5'" 1 
ATOM   312 O  "O5'" B DA  B 1 4 ? 9.407   -7.091  0.789   0.68 6.86  ? 4   DA  B "O5'" 1 
ATOM   313 C  "C5'" A DA  B 1 4 ? 8.490   -7.473  0.004   0.32 7.25  ? 4   DA  B "C5'" 1 
ATOM   314 C  "C5'" B DA  B 1 4 ? 8.403   -7.452  -0.173  0.68 6.72  ? 4   DA  B "C5'" 1 
ATOM   315 C  "C4'" A DA  B 1 4 ? 8.409   -8.974  0.055   0.32 5.82  ? 4   DA  B "C4'" 1 
ATOM   316 C  "C4'" B DA  B 1 4 ? 8.290   -8.965  -0.315  0.68 5.90  ? 4   DA  B "C4'" 1 
ATOM   317 O  "O4'" A DA  B 1 4 ? 9.559   -9.475  -0.644  0.32 6.73  ? 4   DA  B "O4'" 1 
ATOM   318 O  "O4'" B DA  B 1 4 ? 9.544   -9.437  -0.853  0.68 6.36  ? 4   DA  B "O4'" 1 
ATOM   319 C  "C3'" A DA  B 1 4 ? 8.378   -9.545  1.490   0.32 5.86  ? 4   DA  B "C3'" 1 
ATOM   320 C  "C3'" B DA  B 1 4 ? 8.071   -9.766  0.981   0.68 5.76  ? 4   DA  B "C3'" 1 
ATOM   321 O  "O3'" A DA  B 1 4 ? 7.179   -10.280 1.716   0.32 9.62  ? 4   DA  B "O3'" 1 
ATOM   322 O  "O3'" B DA  B 1 4 ? 7.304   -10.917 0.683   0.68 6.89  ? 4   DA  B "O3'" 1 
ATOM   323 C  "C2'" A DA  B 1 4 ? 9.559   -10.479 1.506   0.32 6.28  ? 4   DA  B "C2'" 1 
ATOM   324 C  "C2'" B DA  B 1 4 ? 9.484   -10.128 1.412   0.68 5.51  ? 4   DA  B "C2'" 1 
ATOM   325 C  "C1'" A DA  B 1 4 ? 10.162  -10.482 0.082   0.32 5.85  ? 4   DA  B "C1'" 1 
ATOM   326 C  "C1'" B DA  B 1 4 ? 10.147  -10.373 0.060   0.68 5.78  ? 4   DA  B "C1'" 1 
ATOM   327 N  N9    . DA  B 1 4 ? 11.576  -10.219 0.046   1.00 5.45  ? 4   DA  B N9    1 
ATOM   328 C  C8    . DA  B 1 4 ? 12.252  -9.056  0.338   1.00 5.85  ? 4   DA  B C8    1 
ATOM   329 N  N7    . DA  B 1 4 ? 13.557  -9.154  0.239   1.00 5.70  ? 4   DA  B N7    1 
ATOM   330 C  C5    . DA  B 1 4 ? 13.771  -10.487 -0.119  1.00 5.17  ? 4   DA  B C5    1 
ATOM   331 C  C6    . DA  B 1 4 ? 14.941  -11.235 -0.337  1.00 5.21  ? 4   DA  B C6    1 
ATOM   332 N  N6    . DA  B 1 4 ? 16.174  -10.729 -0.214  1.00 5.71  ? 4   DA  B N6    1 
ATOM   333 N  N1    . DA  B 1 4 ? 14.782  -12.500 -0.730  1.00 5.00  ? 4   DA  B N1    1 
ATOM   334 C  C2    . DA  B 1 4 ? 13.525  -12.990 -0.865  1.00 6.12  ? 4   DA  B C2    1 
ATOM   335 N  N3    . DA  B 1 4 ? 12.372  -12.412 -0.622  1.00 5.77  ? 4   DA  B N3    1 
ATOM   336 C  C4    . DA  B 1 4 ? 12.569  -11.152 -0.271  1.00 4.84  ? 4   DA  B C4    1 
ATOM   337 P  P     A DA  B 1 5 ? 5.917   -9.728  2.446   0.32 13.25 ? 5   DA  B P     1 
ATOM   338 P  P     B DA  B 1 5 ? 5.803   -11.082 1.089   0.68 8.58  ? 5   DA  B P     1 
ATOM   339 O  OP1   A DA  B 1 5 ? 6.300   -9.058  3.715   0.32 18.49 ? 5   DA  B OP1   1 
ATOM   340 O  OP1   B DA  B 1 5 ? 5.800   -10.732 2.438   0.68 13.41 ? 5   DA  B OP1   1 
ATOM   341 O  OP2   A DA  B 1 5 ? 5.078   -10.897 2.422   0.32 14.44 ? 5   DA  B OP2   1 
ATOM   342 O  OP2   B DA  B 1 5 ? 5.343   -12.435 0.726   0.68 10.68 ? 5   DA  B OP2   1 
ATOM   343 O  "O5'" A DA  B 1 5 ? 5.456   -8.543  1.521   0.32 12.47 ? 5   DA  B "O5'" 1 
ATOM   344 O  "O5'" B DA  B 1 5 ? 4.997   -10.112 0.102   0.68 9.59  ? 5   DA  B "O5'" 1 
ATOM   345 C  "C5'" A DA  B 1 5 ? 4.758   -8.797  0.325   0.32 8.27  ? 5   DA  B "C5'" 1 
ATOM   346 C  "C5'" B DA  B 1 5 ? 4.786   -8.708  0.342   0.68 7.46  ? 5   DA  B "C5'" 1 
ATOM   347 C  "C4'" . DA  B 1 5 ? 3.317   -8.478  0.599   1.00 7.07  ? 5   DA  B "C4'" 1 
ATOM   348 O  "O4'" . DA  B 1 5 ? 3.211   -7.064  0.903   1.00 7.14  ? 5   DA  B "O4'" 1 
ATOM   349 C  "C3'" . DA  B 1 5 ? 2.434   -8.712  -0.602  1.00 6.85  ? 5   DA  B "C3'" 1 
ATOM   350 O  "O3'" . DA  B 1 5 ? 1.093   -8.918  -0.063  1.00 7.37  ? 5   DA  B "O3'" 1 
ATOM   351 C  "C2'" . DA  B 1 5 ? 2.522   -7.386  -1.357  1.00 6.94  ? 5   DA  B "C2'" 1 
ATOM   352 C  "C1'" . DA  B 1 5 ? 2.656   -6.392  -0.240  1.00 6.28  ? 5   DA  B "C1'" 1 
ATOM   353 N  N9    . DA  B 1 5 ? 3.469   -5.229  -0.518  1.00 6.02  ? 5   DA  B N9    1 
ATOM   354 C  C8    . DA  B 1 5 ? 3.207   -4.028  0.072   1.00 5.75  ? 5   DA  B C8    1 
ATOM   355 N  N7    . DA  B 1 5 ? 4.138   -3.127  -0.129  1.00 5.78  ? 5   DA  B N7    1 
ATOM   356 C  C5    . DA  B 1 5 ? 5.097   -3.787  -0.890  1.00 5.71  ? 5   DA  B C5    1 
ATOM   357 C  C6    . DA  B 1 5 ? 6.353   -3.407  -1.372  1.00 5.47  ? 5   DA  B C6    1 
ATOM   358 N  N6    . DA  B 1 5 ? 6.884   -2.216  -1.146  1.00 7.04  ? 5   DA  B N6    1 
ATOM   359 N  N1    . DA  B 1 5 ? 7.069   -4.317  -2.066  1.00 6.14  ? 5   DA  B N1    1 
ATOM   360 C  C2    . DA  B 1 5 ? 6.564   -5.535  -2.243  1.00 6.52  ? 5   DA  B C2    1 
ATOM   361 N  N3    . DA  B 1 5 ? 5.390   -6.016  -1.843  1.00 6.47  ? 5   DA  B N3    1 
ATOM   362 C  C4    . DA  B 1 5 ? 4.699   -5.084  -1.150  1.00 5.88  ? 5   DA  B C4    1 
ATOM   363 P  P     . DG  B 1 6 ? -0.148  -9.156  -1.034  0.89 7.23  ? 6   DG  B P     1 
ATOM   364 O  OP1   . DG  B 1 6 ? -1.100  -9.982  -0.266  1.00 9.55  ? 6   DG  B OP1   1 
ATOM   365 O  OP2   . DG  B 1 6 ? 0.352   -9.628  -2.343  1.00 9.69  ? 6   DG  B OP2   1 
ATOM   366 O  "O5'" . DG  B 1 6 ? -0.750  -7.710  -1.305  1.00 6.86  ? 6   DG  B "O5'" 1 
ATOM   367 C  "C5'" . DG  B 1 6 ? -1.495  -7.046  -0.265  1.00 5.86  ? 6   DG  B "C5'" 1 
ATOM   368 C  "C4'" . DG  B 1 6 ? -1.942  -5.745  -0.825  1.00 5.80  ? 6   DG  B "C4'" 1 
ATOM   369 O  "O4'" . DG  B 1 6 ? -0.786  -4.874  -0.931  1.00 6.32  ? 6   DG  B "O4'" 1 
ATOM   370 C  "C3'" . DG  B 1 6 ? -2.571  -5.731  -2.219  1.00 5.87  ? 6   DG  B "C3'" 1 
ATOM   371 O  "O3'" . DG  B 1 6 ? -3.975  -5.516  -2.048  1.00 5.99  ? 6   DG  B "O3'" 1 
ATOM   372 C  "C2'" . DG  B 1 6 ? -1.959  -4.543  -2.954  1.00 8.79  ? 6   DG  B "C2'" 1 
ATOM   373 C  "C1'" . DG  B 1 6 ? -1.044  -3.903  -1.957  1.00 6.32  ? 6   DG  B "C1'" 1 
ATOM   374 N  N9    . DG  B 1 6 ? 0.236   -3.440  -2.398  1.00 6.09  ? 6   DG  B N9    1 
ATOM   375 C  C8    . DG  B 1 6 ? 1.139   -4.102  -3.205  1.00 6.16  ? 6   DG  B C8    1 
ATOM   376 N  N7    . DG  B 1 6 ? 2.241   -3.457  -3.355  1.00 6.35  ? 6   DG  B N7    1 
ATOM   377 C  C5    . DG  B 1 6 ? 2.082   -2.287  -2.640  1.00 5.79  ? 6   DG  B C5    1 
ATOM   378 C  C6    . DG  B 1 6 ? 2.979   -1.223  -2.435  1.00 5.64  ? 6   DG  B C6    1 
ATOM   379 O  O6    . DG  B 1 6 ? 4.132   -1.102  -2.900  1.00 6.63  ? 6   DG  B O6    1 
ATOM   380 N  N1    . DG  B 1 6 ? 2.459   -0.264  -1.572  1.00 5.58  ? 6   DG  B N1    1 
ATOM   381 C  C2    . DG  B 1 6 ? 1.214   -0.322  -1.014  1.00 5.63  ? 6   DG  B C2    1 
ATOM   382 N  N2    . DG  B 1 6 ? 0.866   0.706   -0.225  1.00 6.09  ? 6   DG  B N2    1 
ATOM   383 N  N3    . DG  B 1 6 ? 0.357   -1.318  -1.215  1.00 5.87  ? 6   DG  B N3    1 
ATOM   384 C  C4    . DG  B 1 6 ? 0.850   -2.251  -2.039  1.00 5.67  ? 6   DG  B C4    1 
ATOM   385 P  P     . DG  B 1 7 ? -5.079  -6.548  -2.607  1.00 6.08  ? 7   DG  B P     1 
ATOM   386 O  OP1   . DG  B 1 7 ? -4.478  -7.950  -2.597  1.00 7.11  ? 7   DG  B OP1   1 
ATOM   387 O  OP2   . DG  B 1 7 ? -5.629  -6.053  -3.864  1.00 6.53  ? 7   DG  B OP2   1 
ATOM   388 O  "O5'" . DG  B 1 7 ? -6.195  -6.395  -1.509  1.00 6.06  ? 7   DG  B "O5'" 1 
ATOM   389 C  "C5'" . DG  B 1 7 ? -5.929  -6.899  -0.183  1.00 6.16  ? 7   DG  B "C5'" 1 
ATOM   390 C  "C4'" . DG  B 1 7 ? -6.560  -6.004  0.864   1.00 6.19  ? 7   DG  B "C4'" 1 
ATOM   391 O  "O4'" . DG  B 1 7 ? -5.920  -4.707  0.844   1.00 6.01  ? 7   DG  B "O4'" 1 
ATOM   392 C  "C3'" . DG  B 1 7 ? -8.049  -5.731  0.712   1.00 5.92  ? 7   DG  B "C3'" 1 
ATOM   393 O  "O3'" . DG  B 1 7 ? -8.619  -5.539  2.013   1.00 7.33  ? 7   DG  B "O3'" 1 
ATOM   394 C  "C2'" . DG  B 1 7 ? -8.088  -4.415  -0.035  1.00 5.71  ? 7   DG  B "C2'" 1 
ATOM   395 C  "C1'" . DG  B 1 7 ? -6.916  -3.680  0.649   1.00 5.97  ? 7   DG  B "C1'" 1 
ATOM   396 N  N9    . DG  B 1 7 ? -6.317  -2.655  -0.186  1.00 5.94  ? 7   DG  B N9    1 
ATOM   397 C  C8    . DG  B 1 7 ? -5.170  -2.721  -0.899  1.00 7.41  ? 7   DG  B C8    1 
ATOM   398 N  N7    . DG  B 1 7 ? -4.926  -1.629  -1.584  1.00 9.86  ? 7   DG  B N7    1 
ATOM   399 C  C5    . DG  B 1 7 ? -5.979  -0.768  -1.235  1.00 7.56  ? 7   DG  B C5    1 
ATOM   400 C  C6    . DG  B 1 7 ? -6.248  0.577   -1.595  1.00 9.07  ? 7   DG  B C6    1 
ATOM   401 O  O6    . DG  B 1 7 ? -5.584  1.325   -2.343  1.00 11.56 ? 7   DG  B O6    1 
ATOM   402 N  N1    . DG  B 1 7 ? -7.421  1.036   -1.057  1.00 7.66  ? 7   DG  B N1    1 
ATOM   403 C  C2    . DG  B 1 7 ? -8.275  0.300   -0.266  1.00 5.98  ? 7   DG  B C2    1 
ATOM   404 N  N2    . DG  B 1 7 ? -9.384  0.933   0.154   1.00 6.81  ? 7   DG  B N2    1 
ATOM   405 N  N3    . DG  B 1 7 ? -8.004  -0.945  0.119   1.00 5.72  ? 7   DG  B N3    1 
ATOM   406 C  C4    . DG  B 1 7 ? -6.859  -1.396  -0.400  1.00 6.23  ? 7   DG  B C4    1 
ATOM   407 P  P     . DC  B 1 8 ? -9.569  -6.605  2.676   1.00 8.78  ? 8   DC  B P     1 
ATOM   408 O  OP1   . DC  B 1 8 ? -9.663  -6.232  4.084   1.00 12.28 ? 8   DC  B OP1   1 
ATOM   409 O  OP2   . DC  B 1 8 ? -9.190  -7.979  2.217   1.00 11.82 ? 8   DC  B OP2   1 
ATOM   410 O  "O5'" . DC  B 1 8 ? -10.965 -6.391  1.991   1.00 7.76  ? 8   DC  B "O5'" 1 
ATOM   411 C  "C5'" . DC  B 1 8 ? -11.765 -5.198  2.249   1.00 7.33  ? 8   DC  B "C5'" 1 
ATOM   412 C  "C4'" . DC  B 1 8 ? -12.656 -4.935  1.104   1.00 5.81  ? 8   DC  B "C4'" 1 
ATOM   413 O  "O4'" . DC  B 1 8 ? -11.867 -4.396  0.057   1.00 6.91  ? 8   DC  B "O4'" 1 
ATOM   414 C  "C3'" A DC  B 1 8 ? -13.344 -6.170  0.539   0.59 5.66  ? 8   DC  B "C3'" 1 
ATOM   415 C  "C3'" B DC  B 1 8 ? -13.304 -6.202  0.573   0.41 5.96  ? 8   DC  B "C3'" 1 
ATOM   416 O  "O3'" A DC  B 1 8 ? -14.681 -5.888  0.121   0.59 5.72  ? 8   DC  B "O3'" 1 
ATOM   417 O  "O3'" B DC  B 1 8 ? -14.633 -5.934  0.229   0.41 9.40  ? 8   DC  B "O3'" 1 
ATOM   418 C  "C2'" . DC  B 1 8 ? -12.518 -6.503  -0.679  1.00 5.62  ? 8   DC  B "C2'" 1 
ATOM   419 C  "C1'" . DC  B 1 8 ? -12.201 -5.091  -1.181  1.00 5.81  ? 8   DC  B "C1'" 1 
ATOM   420 N  N1    . DC  B 1 8 ? -11.059 -4.923  -2.056  1.00 5.25  ? 8   DC  B N1    1 
ATOM   421 C  C2    . DC  B 1 8 ? -10.832 -3.643  -2.570  1.00 5.54  ? 8   DC  B C2    1 
ATOM   422 O  O2    . DC  B 1 8 ? -11.699 -2.765  -2.363  1.00 6.83  ? 8   DC  B O2    1 
ATOM   423 N  N3    . DC  B 1 8 ? -9.725  -3.392  -3.261  1.00 5.47  ? 8   DC  B N3    1 
ATOM   424 C  C4    . DC  B 1 8 ? -8.826  -4.374  -3.459  1.00 5.01  ? 8   DC  B C4    1 
ATOM   425 N  N4    . DC  B 1 8 ? -7.667  -4.073  -4.044  1.00 5.45  ? 8   DC  B N4    1 
ATOM   426 C  C5    . DC  B 1 8 ? -9.085  -5.723  -3.041  1.00 5.12  ? 8   DC  B C5    1 
ATOM   427 C  C6    . DC  B 1 8 ? -10.193 -5.941  -2.359  1.00 5.46  ? 8   DC  B C6    1 
ATOM   428 P  P     A DG  B 1 9 ? -15.904 -6.423  0.978   0.59 5.28  ? 9   DG  B P     1 
ATOM   429 P  P     B DG  B 1 9 ? -15.774 -6.051  1.273   0.41 15.33 ? 9   DG  B P     1 
ATOM   430 O  OP1   A DG  B 1 9 ? -15.757 -6.006  2.450   0.59 8.31  ? 9   DG  B OP1   1 
ATOM   431 O  OP1   B DG  B 1 9 ? -15.468 -5.151  2.443   0.41 19.14 ? 9   DG  B OP1   1 
ATOM   432 O  OP2   A DG  B 1 9 ? -16.107 -7.878  0.752   0.59 5.37  ? 9   DG  B OP2   1 
ATOM   433 O  OP2   B DG  B 1 9 ? -15.982 -7.469  1.549   0.41 14.76 ? 9   DG  B OP2   1 
ATOM   434 O  "O5'" A DG  B 1 9 ? -17.084 -5.732  0.169   0.59 5.95  ? 9   DG  B "O5'" 1 
ATOM   435 O  "O5'" B DG  B 1 9 ? -16.999 -5.439  0.444   0.41 12.05 ? 9   DG  B "O5'" 1 
ATOM   436 C  "C5'" A DG  B 1 9 ? -17.207 -4.249  0.090   0.59 8.05  ? 9   DG  B "C5'" 1 
ATOM   437 C  "C5'" B DG  B 1 9 ? -17.187 -4.061  0.136   0.41 17.61 ? 9   DG  B "C5'" 1 
ATOM   438 C  "C4'" . DG  B 1 9 ? -17.534 -3.904  -1.334  1.00 9.53  ? 9   DG  B "C4'" 1 
ATOM   439 O  "O4'" . DG  B 1 9 ? -16.276 -3.990  -2.064  1.00 7.54  ? 9   DG  B "O4'" 1 
ATOM   440 C  "C3'" . DG  B 1 9 ? -18.473 -4.945  -2.007  1.00 9.69  ? 9   DG  B "C3'" 1 
ATOM   441 O  "O3'" . DG  B 1 9 ? -19.574 -4.361  -2.638  1.00 13.11 ? 9   DG  B "O3'" 1 
ATOM   442 C  "C2'" . DG  B 1 9 ? -17.540 -5.704  -2.910  1.00 8.61  ? 9   DG  B "C2'" 1 
ATOM   443 C  "C1'" . DG  B 1 9 ? -16.491 -4.699  -3.265  1.00 7.06  ? 9   DG  B "C1'" 1 
ATOM   444 N  N9    . DG  B 1 9 ? -15.216 -5.224  -3.726  1.00 5.42  ? 9   DG  B N9    1 
ATOM   445 C  C8    . DG  B 1 9 ? -14.754 -6.501  -3.611  1.00 5.78  ? 9   DG  B C8    1 
ATOM   446 N  N7    . DG  B 1 9 ? -13.572 -6.674  -4.137  1.00 5.16  ? 9   DG  B N7    1 
ATOM   447 C  C5    . DG  B 1 9 ? -13.247 -5.424  -4.666  1.00 4.32  ? 9   DG  B C5    1 
ATOM   448 C  C6    . DG  B 1 9 ? -12.115 -4.990  -5.406  1.00 4.21  ? 9   DG  B C6    1 
ATOM   449 O  O6    . DG  B 1 9 ? -11.119 -5.640  -5.748  1.00 5.11  ? 9   DG  B O6    1 
ATOM   450 N  N1    . DG  B 1 9 ? -12.166 -3.648  -5.686  1.00 4.77  ? 9   DG  B N1    1 
ATOM   451 C  C2    . DG  B 1 9 ? -13.215 -2.819  -5.385  1.00 5.21  ? 9   DG  B C2    1 
ATOM   452 N  N2    . DG  B 1 9 ? -13.074 -1.524  -5.744  1.00 5.78  ? 9   DG  B N2    1 
ATOM   453 N  N3    . DG  B 1 9 ? -14.290 -3.210  -4.719  1.00 5.18  ? 9   DG  B N3    1 
ATOM   454 C  C4    . DG  B 1 9 ? -14.243 -4.523  -4.406  1.00 4.87  ? 9   DG  B C4    1 
HETATM 455 MG MG    . MG  C 2 . ? -2.457  13.015  5.149   1.00 4.74  2 101 MG  A MG    1 
HETATM 456 MG MG    . MG  D 2 . ? -0.707  8.604   -5.286  0.40 8.38  2 102 MG  A MG    1 
HETATM 457 MG MG    . MG  E 2 . ? 1.240   10.310  10.338  0.37 9.50  2 103 MG  A MG    1 
HETATM 458 MG MG    . MG  F 2 . ? 11.284  -3.978  -1.805  1.00 6.92  2 101 MG  B MG    1 
HETATM 459 MG MG    . MG  G 2 . ? -2.784  -0.237  -4.583  0.51 4.85  2 102 MG  B MG    1 
HETATM 460 O  O     A HOH H 3 . ? -1.312  -1.656  -4.998  0.48 5.69  ? 201 HOH A O     1 
HETATM 461 O  O     B HOH H 3 . ? -3.048  0.202   -6.609  0.52 6.83  ? 201 HOH A O     1 
HETATM 462 O  O     . HOH H 3 . ? 6.161   1.250   -11.203 0.59 12.83 ? 202 HOH A O     1 
HETATM 463 O  O     . HOH H 3 . ? -0.438  4.808   -8.338  1.00 27.62 ? 203 HOH A O     1 
HETATM 464 O  O     . HOH H 3 . ? 7.770   0.552   -9.331  1.00 36.48 ? 204 HOH A O     1 
HETATM 465 O  O     . HOH H 3 . ? -2.376  3.656   -5.379  0.50 6.17  ? 205 HOH A O     1 
HETATM 466 O  O     . HOH H 3 . ? -0.211  9.383   -3.366  0.32 3.41  ? 206 HOH A O     1 
HETATM 467 O  O     . HOH H 3 . ? 0.991   10.701  -1.419  0.56 14.62 ? 207 HOH A O     1 
HETATM 468 O  O     . HOH H 3 . ? 6.824   1.172   -6.304  1.00 28.36 ? 208 HOH A O     1 
HETATM 469 O  O     A HOH H 3 . ? -1.451  1.277   -4.391  0.45 5.00  ? 209 HOH A O     1 
HETATM 470 O  O     B HOH H 3 . ? -1.449  2.305   -5.389  0.55 7.07  ? 209 HOH A O     1 
HETATM 471 O  O     . HOH H 3 . ? 5.433   9.276   -3.987  1.00 39.46 ? 210 HOH A O     1 
HETATM 472 O  O     . HOH H 3 . ? 2.503   -3.521  9.857   1.00 40.47 ? 211 HOH A O     1 
HETATM 473 O  O     A HOH H 3 . ? 0.548   7.590   7.245   0.57 7.53  ? 212 HOH A O     1 
HETATM 474 O  O     B HOH H 3 . ? 0.996   8.479   7.308   0.43 15.75 ? 212 HOH A O     1 
HETATM 475 O  O     . HOH H 3 . ? -2.951  11.278  1.447   0.5  6.32  ? 213 HOH A O     1 
HETATM 476 O  O     . HOH H 3 . ? -0.157  -5.904  9.499   1.00 27.69 ? 214 HOH A O     1 
HETATM 477 O  O     . HOH H 3 . ? 7.783   8.393   0.552   1.00 46.39 ? 215 HOH A O     1 
HETATM 478 O  O     . HOH H 3 . ? -6.042  13.172  10.586  1.00 9.26  ? 216 HOH A O     1 
HETATM 479 O  O     . HOH H 3 . ? -0.747  9.605   9.846   1.00 23.59 ? 217 HOH A O     1 
HETATM 480 O  O     . HOH H 3 . ? -3.469  -4.426  10.158  1.00 22.43 ? 218 HOH A O     1 
HETATM 481 O  O     . HOH H 3 . ? 6.712   10.068  3.513   1.00 22.46 ? 219 HOH A O     1 
HETATM 482 O  O     . HOH H 3 . ? 7.488   7.493   -15.458 1.00 36.78 ? 220 HOH A O     1 
HETATM 483 O  O     . HOH H 3 . ? 5.742   8.703   -12.427 0.40 13.69 ? 221 HOH A O     1 
HETATM 484 O  O     . HOH H 3 . ? 1.392   9.049   -2.179  1.00 23.74 ? 222 HOH A O     1 
HETATM 485 O  O     . HOH H 3 . ? 10.668  6.688   -6.577  1.00 44.85 ? 223 HOH A O     1 
HETATM 486 O  O     . HOH H 3 . ? 0.645   10.384  5.511   1.00 9.86  ? 224 HOH A O     1 
HETATM 487 O  O     . HOH H 3 . ? -1.959  7.518   -6.522  1.00 14.31 ? 225 HOH A O     1 
HETATM 488 O  O     . HOH H 3 . ? -6.071  0.099   10.734  1.00 20.61 ? 226 HOH A O     1 
HETATM 489 O  O     . HOH H 3 . ? 0.454   1.268   11.117  1.00 36.56 ? 227 HOH A O     1 
HETATM 490 O  O     . HOH H 3 . ? -6.080  -2.052  7.136   1.00 13.73 ? 228 HOH A O     1 
HETATM 491 O  O     . HOH H 3 . ? 3.237   7.714   -11.746 1.00 19.27 ? 229 HOH A O     1 
HETATM 492 O  O     . HOH H 3 . ? 1.448   10.756  2.040   1.00 16.38 ? 230 HOH A O     1 
HETATM 493 O  O     . HOH H 3 . ? 10.618  0.947   -16.429 1.00 33.81 ? 231 HOH A O     1 
HETATM 494 O  O     . HOH H 3 . ? 6.558   5.843   4.532   1.00 18.25 ? 232 HOH A O     1 
HETATM 495 O  O     . HOH H 3 . ? 8.568   0.958   0.177   1.00 18.90 ? 233 HOH A O     1 
HETATM 496 O  O     A HOH H 3 . ? -1.811  8.900   -3.616  0.70 7.73  ? 234 HOH A O     1 
HETATM 497 O  O     B HOH H 3 . ? -1.942  8.971   -2.197  0.30 9.66  ? 234 HOH A O     1 
HETATM 498 O  O     . HOH H 3 . ? 2.681   6.507   10.291  1.00 41.61 ? 235 HOH A O     1 
HETATM 499 O  O     . HOH H 3 . ? 8.319   3.296   1.713   1.00 21.41 ? 236 HOH A O     1 
HETATM 500 O  O     . HOH H 3 . ? 0.219   3.135   2.191   1.00 7.26  ? 237 HOH A O     1 
HETATM 501 O  O     . HOH H 3 . ? -3.921  14.065  6.157   1.00 5.08  ? 238 HOH A O     1 
HETATM 502 O  O     . HOH H 3 . ? 4.965   -0.507  -13.828 1.00 17.75 ? 239 HOH A O     1 
HETATM 503 O  O     . HOH H 3 . ? 5.613   8.552   6.943   1.00 35.18 ? 240 HOH A O     1 
HETATM 504 O  O     . HOH H 3 . ? 1.038   9.892   -4.479  1.00 20.05 ? 241 HOH A O     1 
HETATM 505 O  O     . HOH H 3 . ? -1.013  13.794  6.435   1.00 5.41  ? 242 HOH A O     1 
HETATM 506 O  O     A HOH H 3 . ? -1.624  0.576   -2.774  0.44 5.44  ? 243 HOH A O     1 
HETATM 507 O  O     B HOH H 3 . ? -2.675  -0.661  -2.558  0.56 5.92  ? 243 HOH A O     1 
HETATM 508 O  O     . HOH H 3 . ? -1.695  6.577   9.858   1.00 13.06 ? 244 HOH A O     1 
HETATM 509 O  O     . HOH H 3 . ? 2.754   -1.995  -14.722 1.00 19.31 ? 245 HOH A O     1 
HETATM 510 O  O     . HOH H 3 . ? -0.973  12.076  4.055   1.00 6.22  ? 246 HOH A O     1 
HETATM 511 O  O     . HOH H 3 . ? -4.370  12.837  8.533   1.00 7.24  ? 247 HOH A O     1 
HETATM 512 O  O     . HOH H 3 . ? 8.283   1.835   -3.886  1.00 32.74 ? 248 HOH A O     1 
HETATM 513 O  O     . HOH H 3 . ? -3.911  12.329  3.758   1.00 4.84  ? 249 HOH A O     1 
HETATM 514 O  O     A HOH H 3 . ? 4.244   0.205   -15.982 0.41 10.91 ? 250 HOH A O     1 
HETATM 515 O  O     B HOH H 3 . ? -5.407  2.051   12.296  0.59 28.81 ? 250 HOH A O     1 
HETATM 516 O  O     A HOH H 3 . ? -10.864 11.256  16.409  0.63 21.27 ? 251 HOH A O     1 
HETATM 517 O  O     B HOH H 3 . ? -10.662 9.735   17.146  0.37 7.40  ? 251 HOH A O     1 
HETATM 518 O  O     . HOH H 3 . ? -1.510  -0.247  11.586  1.00 34.58 ? 252 HOH A O     1 
HETATM 519 O  O     A HOH H 3 . ? 0.594   8.471   -6.724  0.67 20.05 ? 253 HOH A O     1 
HETATM 520 O  O     B HOH H 3 . ? -0.560  9.191   -7.421  0.33 10.03 ? 253 HOH A O     1 
HETATM 521 O  O     . HOH H 3 . ? -8.196  -0.237  6.962   1.00 19.77 ? 254 HOH A O     1 
HETATM 522 O  O     . HOH H 3 . ? 9.356   6.054   -16.765 1.00 30.00 ? 255 HOH A O     1 
HETATM 523 O  O     . HOH H 3 . ? -3.753  7.204   -2.671  1.00 8.00  ? 256 HOH A O     1 
HETATM 524 O  O     . HOH H 3 . ? 11.578  4.691   -15.512 1.00 29.50 ? 257 HOH A O     1 
HETATM 525 O  O     . HOH H 3 . ? 3.621   10.438  7.614   1.00 39.23 ? 258 HOH A O     1 
HETATM 526 O  O     . HOH H 3 . ? 1.941   9.485   8.710   1.00 7.55  ? 259 HOH A O     1 
HETATM 527 O  O     . HOH H 3 . ? -1.706  10.084  -5.835  1.00 22.40 ? 260 HOH A O     1 
HETATM 528 O  O     . HOH H 3 . ? 0.785   12.143  9.288   1.00 19.33 ? 261 HOH A O     1 
HETATM 529 O  O     . HOH H 3 . ? -2.126  14.645  3.880   1.00 5.36  ? 262 HOH A O     1 
HETATM 530 O  O     . HOH H 3 . ? 11.927  2.619   -7.136  0.87 32.46 ? 263 HOH A O     1 
HETATM 531 O  O     . HOH H 3 . ? -9.317  11.354  17.896  1.00 62.76 ? 264 HOH A O     1 
HETATM 532 O  O     . HOH H 3 . ? 1.749   8.638   11.214  1.00 32.81 ? 265 HOH A O     1 
HETATM 533 O  O     . HOH H 3 . ? -5.202  13.747  14.600  1.00 22.74 ? 266 HOH A O     1 
HETATM 534 O  O     . HOH H 3 . ? 0.394   10.788  12.171  1.00 32.40 ? 267 HOH A O     1 
HETATM 535 O  O     . HOH H 3 . ? 3.049   11.066  10.272  1.00 25.03 ? 268 HOH A O     1 
HETATM 536 O  O     . HOH I 3 . ? -15.362 -3.529  3.503   1.00 32.79 ? 201 HOH B O     1 
HETATM 537 O  O     . HOH I 3 . ? 6.641   -8.488  5.712   1.00 37.96 ? 202 HOH B O     1 
HETATM 538 O  O     . HOH I 3 . ? 4.049   -9.299  4.201   1.00 33.25 ? 203 HOH B O     1 
HETATM 539 O  O     . HOH I 3 . ? 8.282   -8.160  4.551   1.00 29.14 ? 204 HOH B O     1 
HETATM 540 O  O     A HOH I 3 . ? -4.281  1.101   -4.304  0.54 5.27  ? 205 HOH B O     1 
HETATM 541 O  O     B HOH I 3 . ? -4.001  1.148   -5.046  0.46 4.26  ? 205 HOH B O     1 
HETATM 542 O  O     . HOH I 3 . ? -15.250 -7.359  4.587   0.50 24.46 ? 206 HOH B O     1 
HETATM 543 O  O     . HOH I 3 . ? 3.093   -11.433 4.043   1.00 34.61 ? 207 HOH B O     1 
HETATM 544 O  O     . HOH I 3 . ? -7.912  -9.756  3.858   0.30 13.04 ? 208 HOH B O     1 
HETATM 545 O  O     . HOH I 3 . ? 6.933   -14.583 0.515   1.00 25.92 ? 209 HOH B O     1 
HETATM 546 O  O     . HOH I 3 . ? -0.235  -11.489 1.779   1.00 15.88 ? 210 HOH B O     1 
HETATM 547 O  O     . HOH I 3 . ? -7.831  -7.056  5.922   1.00 30.74 ? 211 HOH B O     1 
HETATM 548 O  O     . HOH I 3 . ? 4.020   -12.673 -1.664  1.00 30.77 ? 212 HOH B O     1 
HETATM 549 O  O     . HOH I 3 . ? 1.078   -10.082 8.000   1.00 30.19 ? 213 HOH B O     1 
HETATM 550 O  O     . HOH I 3 . ? -3.805  -9.883  -0.715  1.00 12.03 ? 214 HOH B O     1 
HETATM 551 O  O     . HOH I 3 . ? -16.108 -8.866  -1.813  1.00 9.98  ? 215 HOH B O     1 
HETATM 552 O  O     . HOH I 3 . ? 9.596   -3.659  -2.927  1.00 12.39 ? 216 HOH B O     1 
HETATM 553 O  O     . HOH I 3 . ? 4.040   -3.704  8.875   1.00 41.27 ? 217 HOH B O     1 
HETATM 554 O  O     . HOH I 3 . ? -11.798 -6.537  5.823   1.00 36.68 ? 218 HOH B O     1 
HETATM 555 O  O     . HOH I 3 . ? -14.273 -2.169  -1.435  1.00 12.11 ? 219 HOH B O     1 
HETATM 556 O  O     . HOH I 3 . ? -2.564  -11.372 6.603   1.00 32.14 ? 220 HOH B O     1 
HETATM 557 O  O     . HOH I 3 . ? 8.758   2.639   5.201   1.00 33.38 ? 221 HOH B O     1 
HETATM 558 O  O     . HOH I 3 . ? -4.526  -4.884  7.670   1.00 17.64 ? 222 HOH B O     1 
HETATM 559 O  O     . HOH I 3 . ? -4.778  -9.980  6.626   1.00 35.45 ? 223 HOH B O     1 
HETATM 560 O  O     . HOH I 3 . ? -6.372  -9.996  -3.012  1.00 10.41 ? 224 HOH B O     1 
HETATM 561 O  O     . HOH I 3 . ? -9.663  -1.697  2.298   1.00 11.07 ? 225 HOH B O     1 
HETATM 562 O  O     . HOH I 3 . ? 0.435   -3.889  1.478   1.00 6.24  ? 226 HOH B O     1 
HETATM 563 O  O     . HOH I 3 . ? 10.599  -2.403  -0.608  1.00 19.83 ? 227 HOH B O     1 
HETATM 564 O  O     . HOH I 3 . ? -1.220  -7.285  7.598   1.00 16.93 ? 228 HOH B O     1 
HETATM 565 O  O     . HOH I 3 . ? 10.922  -1.337  1.707   1.00 34.43 ? 229 HOH B O     1 
HETATM 566 O  O     . HOH I 3 . ? -9.702  -9.017  -0.462  1.00 9.79  ? 230 HOH B O     1 
HETATM 567 O  O     . HOH I 3 . ? -11.864 -1.508  0.599   1.00 16.94 ? 231 HOH B O     1 
HETATM 568 O  O     . HOH I 3 . ? -14.725 0.863   -5.266  1.00 15.62 ? 232 HOH B O     1 
HETATM 569 O  O     . HOH I 3 . ? 13.038  -4.006  -0.710  1.00 10.34 ? 233 HOH B O     1 
HETATM 570 O  O     . HOH I 3 . ? -16.758 -1.578  -4.827  1.00 11.85 ? 234 HOH B O     1 
HETATM 571 O  O     . HOH I 3 . ? -20.835 -3.076  -0.224  1.00 50.90 ? 235 HOH B O     1 
HETATM 572 O  O     A HOH I 3 . ? 3.954   1.447   8.769   0.26 10.42 ? 236 HOH B O     1 
HETATM 573 O  O     B HOH I 3 . ? 5.177   1.306   8.881   0.74 33.15 ? 236 HOH B O     1 
HETATM 574 O  O     . HOH I 3 . ? -9.184  -3.276  4.533   1.00 13.85 ? 237 HOH B O     1 
HETATM 575 O  O     . HOH I 3 . ? -11.772 -9.707  2.721   1.00 19.71 ? 238 HOH B O     1 
HETATM 576 O  O     . HOH I 3 . ? 9.322   -0.404  -2.151  1.00 28.41 ? 239 HOH B O     1 
HETATM 577 O  O     . HOH I 3 . ? 12.032  -3.028  3.578   1.00 40.00 ? 240 HOH B O     1 
HETATM 578 O  O     . HOH I 3 . ? -20.136 -5.862  1.543   0.50 23.29 ? 241 HOH B O     1 
HETATM 579 O  O     . HOH I 3 . ? 8.094   -2.324  6.709   1.00 42.88 ? 242 HOH B O     1 
HETATM 580 O  O     . HOH I 3 . ? 11.865  -11.635 3.170   1.00 15.95 ? 243 HOH B O     1 
HETATM 581 O  O     . HOH I 3 . ? -12.103 1.276   2.405   1.00 27.21 ? 244 HOH B O     1 
HETATM 582 O  O     . HOH I 3 . ? -13.067 0.923   -0.213  0.40 22.23 ? 245 HOH B O     1 
HETATM 583 O  O     . HOH I 3 . ? 3.713   -11.044 6.327   1.00 36.35 ? 246 HOH B O     1 
HETATM 584 O  O     . HOH I 3 . ? -14.484 -1.495  1.454   1.00 38.69 ? 247 HOH B O     1 
HETATM 585 O  O     . HOH I 3 . ? -19.284 -0.936  -0.760  1.00 36.32 ? 248 HOH B O     1 
HETATM 586 O  O     . HOH I 3 . ? 3.249   -13.138 5.221   1.00 16.46 ? 249 HOH B O     1 
HETATM 587 O  O     . HOH I 3 . ? -3.920  -7.558  7.811   1.00 33.91 ? 250 HOH B O     1 
HETATM 588 O  O     . HOH I 3 . ? 12.200  -2.522  -3.020  1.00 12.50 ? 251 HOH B O     1 
HETATM 589 O  O     . HOH I 3 . ? 8.160   -12.602 5.235   1.00 33.79 ? 252 HOH B O     1 
HETATM 590 O  O     . HOH I 3 . ? 10.062  -10.810 4.949   1.00 21.20 ? 253 HOH B O     1 
HETATM 591 O  O     . HOH I 3 . ? -7.295  -5.001  7.507   1.00 43.68 ? 254 HOH B O     1 
HETATM 592 O  O     . HOH I 3 . ? -11.258 -2.677  6.124   1.00 41.69 ? 255 HOH B O     1 
# 
loop_
_atom_site_anisotrop.id 
_atom_site_anisotrop.type_symbol 
_atom_site_anisotrop.pdbx_label_atom_id 
_atom_site_anisotrop.pdbx_label_alt_id 
_atom_site_anisotrop.pdbx_label_comp_id 
_atom_site_anisotrop.pdbx_label_asym_id 
_atom_site_anisotrop.pdbx_label_seq_id 
_atom_site_anisotrop.pdbx_PDB_ins_code 
_atom_site_anisotrop.U[1][1] 
_atom_site_anisotrop.U[2][2] 
_atom_site_anisotrop.U[3][3] 
_atom_site_anisotrop.U[1][2] 
_atom_site_anisotrop.U[1][3] 
_atom_site_anisotrop.U[2][3] 
_atom_site_anisotrop.pdbx_auth_seq_id 
_atom_site_anisotrop.pdbx_auth_comp_id 
_atom_site_anisotrop.pdbx_auth_asym_id 
_atom_site_anisotrop.pdbx_auth_atom_id 
1   O  "O5'" A DC  A 1 ? 0.1300 0.2769 0.2149 -0.0890 0.0643  0.0746  1   DC  A "O5'" 
2   O  "O5'" B DC  A 1 ? 0.2723 0.2888 0.3036 -0.0464 0.0321  -0.0414 1   DC  A "O5'" 
3   C  "C5'" A DC  A 1 ? 0.1160 0.1194 0.2272 -0.0088 0.0612  0.0024  1   DC  A "C5'" 
4   C  "C5'" B DC  A 1 ? 0.2433 0.1798 0.1934 -0.0543 0.0699  0.0002  1   DC  A "C5'" 
5   C  "C4'" . DC  A 1 ? 0.1260 0.0975 0.1520 0.0037  0.0488  -0.0244 1   DC  A "C4'" 
6   O  "O4'" . DC  A 1 ? 0.0939 0.0802 0.1561 0.0225  0.0234  -0.0221 1   DC  A "O4'" 
7   C  "C3'" . DC  A 1 ? 0.0598 0.0772 0.1418 -0.0099 0.0656  -0.0154 1   DC  A "C3'" 
8   O  "O3'" . DC  A 1 ? 0.0723 0.1186 0.1543 0.0125  0.0782  -0.0066 1   DC  A "O3'" 
9   C  "C2'" . DC  A 1 ? 0.0812 0.0988 0.1568 0.0374  0.0172  -0.0363 1   DC  A "C2'" 
10  C  "C1'" . DC  A 1 ? 0.0594 0.0725 0.1249 0.0115  0.0423  -0.0205 1   DC  A "C1'" 
11  N  N1    . DC  A 1 ? 0.0407 0.0685 0.1228 0.0145  0.0437  -0.0165 1   DC  A N1    
12  C  C2    . DC  A 1 ? 0.0312 0.0606 0.1245 0.0155  0.0365  -0.0070 1   DC  A C2    
13  O  O2    . DC  A 1 ? 0.0350 0.0769 0.1251 0.0236  0.0363  -0.0076 1   DC  A O2    
14  N  N3    . DC  A 1 ? 0.0345 0.0782 0.1104 0.0128  0.0389  -0.0180 1   DC  A N3    
15  C  C4    . DC  A 1 ? 0.0389 0.0662 0.1025 0.0155  0.0426  -0.0051 1   DC  A C4    
16  N  N4    . DC  A 1 ? 0.0552 0.0828 0.1237 0.0059  0.0546  -0.0282 1   DC  A N4    
17  C  C5    . DC  A 1 ? 0.0398 0.1106 0.1360 0.0117  0.0269  -0.0285 1   DC  A C5    
18  C  C6    . DC  A 1 ? 0.0489 0.0982 0.1164 0.0019  0.0475  -0.0136 1   DC  A C6    
19  P  P     . DG  A 2 ? 0.0771 0.0686 0.1410 0.0168  0.0631  -0.0115 2   DG  A P     
20  O  OP1   . DG  A 2 ? 0.1153 0.0921 0.2370 0.0266  0.0957  -0.0354 2   DG  A OP1   
21  O  OP2   . DG  A 2 ? 0.0800 0.0841 0.1924 -0.0117 0.0450  -0.0052 2   DG  A OP2   
22  O  "O5'" . DG  A 2 ? 0.0604 0.0931 0.1630 0.0021  0.0535  0.0015  2   DG  A "O5'" 
23  C  "C5'" . DG  A 2 ? 0.0519 0.0964 0.1684 0.0018  0.0400  0.0070  2   DG  A "C5'" 
24  C  "C4'" . DG  A 2 ? 0.0410 0.0916 0.1534 0.0101  0.0543  -0.0065 2   DG  A "C4'" 
25  O  "O4'" . DG  A 2 ? 0.0464 0.0955 0.1257 0.0245  0.0411  -0.0037 2   DG  A "O4'" 
26  C  "C3'" . DG  A 2 ? 0.0580 0.0847 0.1492 0.0068  0.0726  0.0013  2   DG  A "C3'" 
27  O  "O3'" . DG  A 2 ? 0.0611 0.0994 0.1450 0.0000  0.0634  0.0069  2   DG  A "O3'" 
28  C  "C2'" . DG  A 2 ? 0.0466 0.1028 0.1364 0.0194  0.0389  -0.0075 2   DG  A "C2'" 
29  C  "C1'" . DG  A 2 ? 0.0365 0.0900 0.1250 0.0163  0.0448  0.0009  2   DG  A "C1'" 
30  N  N9    . DG  A 2 ? 0.0344 0.0904 0.1118 0.0074  0.0442  0.0032  2   DG  A N9    
31  C  C8    . DG  A 2 ? 0.0383 0.1100 0.1389 0.0001  0.0562  -0.0174 2   DG  A C8    
32  N  N7    . DG  A 2 ? 0.0424 0.0970 0.1507 0.0123  0.0546  -0.0073 2   DG  A N7    
33  C  C5    . DG  A 2 ? 0.0273 0.0850 0.1130 0.0169  0.0340  0.0053  2   DG  A C5    
34  C  C6    . DG  A 2 ? 0.0343 0.0923 0.1095 0.0224  0.0407  0.0079  2   DG  A C6    
35  O  O6    . DG  A 2 ? 0.0469 0.0931 0.1373 0.0139  0.0637  0.0038  2   DG  A O6    
36  N  N1    . DG  A 2 ? 0.0359 0.0727 0.1054 0.0207  0.0418  0.0101  2   DG  A N1    
37  C  C2    . DG  A 2 ? 0.0366 0.0630 0.0955 0.0198  0.0400  0.0095  2   DG  A C2    
38  N  N2    . DG  A 2 ? 0.0410 0.0768 0.1086 0.0110  0.0416  0.0046  2   DG  A N2    
39  N  N3    . DG  A 2 ? 0.0351 0.0795 0.0996 0.0108  0.0427  0.0018  2   DG  A N3    
40  C  C4    . DG  A 2 ? 0.0282 0.0741 0.1201 0.0144  0.0386  0.0118  2   DG  A C4    
41  P  P     . DT  A 3 ? 0.0642 0.1753 0.1257 0.0062  0.0383  0.0223  3   DT  A P     
42  O  OP1   . DT  A 3 ? 0.1027 0.1947 0.1407 0.0246  0.0572  -0.0402 3   DT  A OP1   
43  O  OP2   . DT  A 3 ? 0.0970 0.3700 0.2121 -0.0087 -0.0163 0.1411  3   DT  A OP2   
44  O  "O5'" . DT  A 3 ? 0.0498 0.2029 0.0937 0.0166  0.0451  0.0369  3   DT  A "O5'" 
45  C  "C5'" . DT  A 3 ? 0.0536 0.1549 0.1098 0.0059  0.0391  0.0348  3   DT  A "C5'" 
46  C  "C4'" . DT  A 3 ? 0.0433 0.1472 0.1014 0.0173  0.0487  0.0227  3   DT  A "C4'" 
47  O  "O4'" . DT  A 3 ? 0.0637 0.1615 0.0921 0.0212  0.0403  -0.0127 3   DT  A "O4'" 
48  C  "C3'" . DT  A 3 ? 0.0456 0.1076 0.1043 0.0117  0.0470  0.0032  3   DT  A "C3'" 
49  O  "O3'" . DT  A 3 ? 0.0424 0.0906 0.1070 0.0121  0.0456  0.0031  3   DT  A "O3'" 
50  C  "C2'" . DT  A 3 ? 0.0680 0.1219 0.0771 0.0202  0.0336  0.0148  3   DT  A "C2'" 
51  C  "C1'" A DT  A 3 ? 0.0630 0.1136 0.1125 0.0311  0.0580  -0.0162 3   DT  A "C1'" 
52  C  "C1'" B DT  A 3 ? 0.0639 0.1303 0.1106 0.0226  0.0359  -0.0092 3   DT  A "C1'" 
53  N  N1    A DT  A 3 ? 0.0754 0.1041 0.1008 0.0312  0.0564  -0.0253 3   DT  A N1    
54  N  N1    B DT  A 3 ? 0.0769 0.1318 0.1461 0.0294  -0.0042 -0.0455 3   DT  A N1    
55  C  C2    A DT  A 3 ? 0.0720 0.1035 0.1130 0.0389  0.0664  0.0022  3   DT  A C2    
56  C  C2    B DT  A 3 ? 0.0924 0.1659 0.1375 0.0210  -0.0211 -0.0124 3   DT  A C2    
57  O  O2    A DT  A 3 ? 0.0606 0.1108 0.0947 0.0377  0.0286  0.0300  3   DT  A O2    
58  O  O2    B DT  A 3 ? 0.1294 0.1555 0.0990 0.0374  -0.0023 0.0063  3   DT  A O2    
59  N  N3    A DT  A 3 ? 0.0792 0.0854 0.1402 0.0309  0.0642  -0.0050 3   DT  A N3    
60  N  N3    B DT  A 3 ? 0.1078 0.1619 0.1750 0.0217  -0.0340 -0.0022 3   DT  A N3    
61  C  C4    A DT  A 3 ? 0.0791 0.1391 0.1411 0.0521  0.0554  -0.0086 3   DT  A C4    
62  C  C4    B DT  A 3 ? 0.1015 0.1400 0.1929 0.0667  -0.0221 -0.0168 3   DT  A C4    
63  O  O4    A DT  A 3 ? 0.1357 0.1368 0.1678 0.0728  0.0568  -0.0267 3   DT  A O4    
64  O  O4    B DT  A 3 ? 0.1171 0.1772 0.2588 0.0975  -0.0296 -0.0114 3   DT  A O4    
65  C  C5    A DT  A 3 ? 0.0936 0.1253 0.1327 0.0583  0.0370  -0.0118 3   DT  A C5    
66  C  C5    B DT  A 3 ? 0.0999 0.1441 0.1768 0.0597  0.0031  -0.0558 3   DT  A C5    
67  C  C7    A DT  A 3 ? 0.0874 0.1408 0.1421 0.0329  0.0399  -0.0219 3   DT  A C7    
68  C  C7    B DT  A 3 ? 0.1073 0.1835 0.1799 0.0494  -0.0100 -0.0616 3   DT  A C7    
69  C  C6    A DT  A 3 ? 0.0734 0.0923 0.1325 0.0306  0.0518  -0.0086 3   DT  A C6    
70  C  C6    B DT  A 3 ? 0.0727 0.1372 0.1259 0.0445  -0.0122 -0.0165 3   DT  A C6    
71  P  P     . DA  A 4 ? 0.0503 0.0731 0.1019 0.0065  0.0571  0.0104  4   DA  A P     
72  O  OP1   . DA  A 4 ? 0.0800 0.0865 0.0985 0.0020  0.0546  0.0288  4   DA  A OP1   
73  O  OP2   . DA  A 4 ? 0.0415 0.0677 0.1265 0.0048  0.0539  0.0028  4   DA  A OP2   
74  O  "O5'" . DA  A 4 ? 0.0613 0.0746 0.1137 -0.0155 0.0548  0.0015  4   DA  A "O5'" 
75  C  "C5'" . DA  A 4 ? 0.0879 0.0935 0.0973 -0.0175 0.0534  0.0182  4   DA  A "C5'" 
76  C  "C4'" . DA  A 4 ? 0.0406 0.0741 0.1134 0.0012  0.0523  0.0156  4   DA  A "C4'" 
77  O  "O4'" . DA  A 4 ? 0.0419 0.0957 0.1252 0.0035  0.0567  0.0214  4   DA  A "O4'" 
78  C  "C3'" . DA  A 4 ? 0.0452 0.0607 0.0932 0.0005  0.0493  0.0174  4   DA  A "C3'" 
79  O  "O3'" . DA  A 4 ? 0.0517 0.0483 0.1160 0.0094  0.0635  0.0162  4   DA  A "O3'" 
80  C  "C2'" . DA  A 4 ? 0.0510 0.0635 0.0931 0.0041  0.0551  0.0146  4   DA  A "C2'" 
81  C  "C1'" . DA  A 4 ? 0.0564 0.0696 0.1066 -0.0007 0.0615  0.0195  4   DA  A "C1'" 
82  N  N9    . DA  A 4 ? 0.0592 0.0844 0.1177 0.0007  0.0677  0.0225  4   DA  A N9    
83  C  C8    . DA  A 4 ? 0.0640 0.0817 0.1374 0.0119  0.0789  0.0311  4   DA  A C8    
84  N  N7    . DA  A 4 ? 0.0702 0.0817 0.1371 0.0100  0.0821  0.0364  4   DA  A N7    
85  C  C5    . DA  A 4 ? 0.0689 0.1101 0.1110 -0.0141 0.0721  0.0059  4   DA  A C5    
86  C  C6    . DA  A 4 ? 0.0762 0.1250 0.1366 -0.0191 0.0880  -0.0102 4   DA  A C6    
87  N  N6    . DA  A 4 ? 0.0735 0.1317 0.1222 -0.0082 0.0804  0.0096  4   DA  A N6    
88  N  N1    . DA  A 4 ? 0.1585 0.1336 0.2295 -0.0528 0.1640  -0.0431 4   DA  A N1    
89  C  C2    . DA  A 4 ? 0.2301 0.1227 0.2675 -0.0510 0.2131  -0.0440 4   DA  A C2    
90  N  N3    . DA  A 4 ? 0.1789 0.0967 0.2227 -0.0434 0.1813  -0.0172 4   DA  A N3    
91  C  C4    . DA  A 4 ? 0.0757 0.0946 0.1258 -0.0126 0.0836  -0.0033 4   DA  A C4    
92  P  P     . DA  A 5 ? 0.0430 0.0497 0.1068 0.0057  0.0533  0.0060  5   DA  A P     
93  O  OP1   . DA  A 5 ? 0.0403 0.1029 0.1583 0.0155  0.0497  0.0235  5   DA  A OP1   
94  O  OP2   . DA  A 5 ? 0.0469 0.0665 0.1020 -0.0013 0.0546  0.0088  5   DA  A OP2   
95  O  "O5'" . DA  A 5 ? 0.0790 0.0751 0.1542 -0.0154 0.0516  -0.0194 5   DA  A "O5'" 
96  C  "C5'" . DA  A 5 ? 0.0684 0.0844 0.1435 0.0125  0.0347  -0.0294 5   DA  A "C5'" 
97  C  "C4'" . DA  A 5 ? 0.0373 0.1103 0.1786 0.0227  0.0321  -0.0567 5   DA  A "C4'" 
98  O  "O4'" . DA  A 5 ? 0.0426 0.1126 0.1636 0.0213  0.0279  -0.0483 5   DA  A "O4'" 
99  C  "C3'" . DA  A 5 ? 0.0306 0.0792 0.1506 0.0232  0.0304  -0.0170 5   DA  A "C3'" 
100 O  "O3'" . DA  A 5 ? 0.0210 0.0878 0.1905 0.0110  0.0236  -0.0511 5   DA  A "O3'" 
101 C  "C2'" . DA  A 5 ? 0.0446 0.0804 0.1391 0.0247  0.0186  -0.0235 5   DA  A "C2'" 
102 C  "C1'" . DA  A 5 ? 0.0373 0.0838 0.1320 0.0282  0.0246  -0.0297 5   DA  A "C1'" 
103 N  N9    . DA  A 5 ? 0.0402 0.0767 0.1130 0.0244  0.0378  -0.0119 5   DA  A N9    
104 C  C8    . DA  A 5 ? 0.0511 0.0775 0.1229 0.0250  0.0266  -0.0151 5   DA  A C8    
105 N  N7    . DA  A 5 ? 0.0407 0.0947 0.0985 0.0248  0.0333  -0.0234 5   DA  A N7    
106 C  C5    . DA  A 5 ? 0.0324 0.1059 0.0940 0.0332  0.0182  -0.0184 5   DA  A C5    
107 C  C6    . DA  A 5 ? 0.0339 0.1186 0.1227 0.0261  0.0333  -0.0245 5   DA  A C6    
108 N  N6    . DA  A 5 ? 0.0441 0.1322 0.1090 0.0308  0.0450  -0.0096 5   DA  A N6    
109 N  N1    . DA  A 5 ? 0.0401 0.1242 0.1192 0.0276  0.0334  -0.0412 5   DA  A N1    
110 C  C2    . DA  A 5 ? 0.0402 0.1190 0.1423 0.0115  0.0448  -0.0573 5   DA  A C2    
111 N  N3    . DA  A 5 ? 0.0351 0.1129 0.1242 0.0248  0.0286  -0.0424 5   DA  A N3    
112 C  C4    . DA  A 5 ? 0.0303 0.1117 0.1060 0.0287  0.0225  -0.0213 5   DA  A C4    
113 P  P     . DG  A 6 ? 0.0385 0.1073 0.1905 0.0093  0.0501  -0.0678 6   DG  A P     
114 O  OP1   . DG  A 6 ? 0.0586 0.1240 0.1919 -0.0025 0.0518  -0.0633 6   DG  A OP1   
115 O  OP2   . DG  A 6 ? 0.0446 0.1135 0.1821 0.0212  0.0479  -0.0601 6   DG  A OP2   
116 O  "O5'" . DG  A 6 ? 0.0381 0.1122 0.1871 0.0067  0.0550  -0.0596 6   DG  A "O5'" 
117 C  "C5'" . DG  A 6 ? 0.0346 0.0839 0.1274 0.0098  0.0446  -0.0207 6   DG  A "C5'" 
118 C  "C4'" . DG  A 6 ? 0.0524 0.0593 0.1034 0.0134  0.0462  0.0041  6   DG  A "C4'" 
119 O  "O4'" . DG  A 6 ? 0.0676 0.1082 0.0969 -0.0185 0.0406  0.0128  6   DG  A "O4'" 
120 C  "C3'" . DG  A 6 ? 0.0443 0.0704 0.0875 0.0205  0.0479  0.0204  6   DG  A "C3'" 
121 O  "O3'" . DG  A 6 ? 0.0489 0.0987 0.0990 0.0117  0.0555  0.0064  6   DG  A "O3'" 
122 C  "C2'" . DG  A 6 ? 0.0394 0.1071 0.0953 0.0091  0.0469  0.0114  6   DG  A "C2'" 
123 C  "C1'" . DG  A 6 ? 0.0320 0.0680 0.1017 0.0134  0.0386  0.0031  6   DG  A "C1'" 
124 N  N9    . DG  A 6 ? 0.0342 0.0654 0.0890 0.0205  0.0349  0.0074  6   DG  A N9    
125 C  C8    . DG  A 6 ? 0.0332 0.0715 0.0863 0.0249  0.0319  0.0126  6   DG  A C8    
126 N  N7    . DG  A 6 ? 0.0367 0.0631 0.0991 0.0202  0.0397  0.0069  6   DG  A N7    
127 C  C5    . DG  A 6 ? 0.0347 0.0614 0.0833 0.0184  0.0347  0.0058  6   DG  A C5    
128 C  C6    . DG  A 6 ? 0.0357 0.0672 0.0857 0.0203  0.0364  0.0083  6   DG  A C6    
129 O  O6    . DG  A 6 ? 0.0344 0.0660 0.1179 0.0129  0.0451  0.0037  6   DG  A O6    
130 N  N1    . DG  A 6 ? 0.0328 0.0566 0.1045 0.0148  0.0360  -0.0037 6   DG  A N1    
131 C  C2    . DG  A 6 ? 0.0336 0.0614 0.1154 0.0150  0.0388  -0.0065 6   DG  A C2    
132 N  N2    . DG  A 6 ? 0.0370 0.0664 0.1456 0.0256  0.0442  0.0090  6   DG  A N2    
133 N  N3    . DG  A 6 ? 0.0305 0.0640 0.1257 0.0196  0.0345  0.0009  6   DG  A N3    
134 C  C4    . DG  A 6 ? 0.0300 0.0619 0.0938 0.0209  0.0292  0.0074  6   DG  A C4    
135 P  P     A DG  A 7 ? 0.0722 0.1460 0.0929 -0.0165 0.0648  0.0172  7   DG  A P     
136 P  P     B DG  A 7 ? 0.0412 0.1461 0.1369 -0.0101 0.0351  0.0585  7   DG  A P     
137 O  OP1   A DG  A 7 ? 0.0870 0.1054 0.1088 -0.0365 0.0276  0.0522  7   DG  A OP1   
138 O  OP1   B DG  A 7 ? 0.0625 0.1523 0.1781 -0.0472 0.0137  0.0922  7   DG  A OP1   
139 O  OP2   A DG  A 7 ? 0.0891 0.1201 0.0982 0.0371  0.0673  0.0101  7   DG  A OP2   
140 O  OP2   B DG  A 7 ? 0.0692 0.2148 0.2221 -0.0765 0.0076  0.0258  7   DG  A OP2   
141 O  "O5'" A DG  A 7 ? 0.0819 0.1216 0.0967 0.0004  0.0755  0.0141  7   DG  A "O5'" 
142 O  "O5'" B DG  A 7 ? 0.0409 0.1814 0.1410 0.0010  0.0474  0.0925  7   DG  A "O5'" 
143 C  "C5'" A DG  A 7 ? 0.0615 0.1159 0.1213 0.0124  0.0601  -0.0026 7   DG  A "C5'" 
144 C  "C5'" B DG  A 7 ? 0.0577 0.1365 0.1736 0.0097  0.0690  0.0405  7   DG  A "C5'" 
145 C  "C4'" A DG  A 7 ? 0.0774 0.0618 0.1373 0.0009  0.0756  -0.0126 7   DG  A "C4'" 
146 C  "C4'" B DG  A 7 ? 0.0551 0.1210 0.1142 0.0016  0.0588  0.0189  7   DG  A "C4'" 
147 O  "O4'" A DG  A 7 ? 0.1091 0.0721 0.1195 -0.0115 0.0374  0.0064  7   DG  A "O4'" 
148 O  "O4'" B DG  A 7 ? 0.0624 0.1278 0.1024 -0.0395 0.0347  0.0441  7   DG  A "O4'" 
149 C  "C3'" A DG  A 7 ? 0.0637 0.1041 0.1442 0.0199  0.0698  0.0116  7   DG  A "C3'" 
150 C  "C3'" B DG  A 7 ? 0.0479 0.1118 0.1033 -0.0165 0.0427  0.0395  7   DG  A "C3'" 
151 O  "O3'" A DG  A 7 ? 0.0645 0.1954 0.2416 0.0292  0.0744  0.0019  7   DG  A "O3'" 
152 O  "O3'" B DG  A 7 ? 0.0471 0.2079 0.1018 -0.0299 0.0439  0.0139  7   DG  A "O3'" 
153 C  "C2'" A DG  A 7 ? 0.0631 0.1088 0.1320 -0.0023 0.0582  0.0157  7   DG  A "C2'" 
154 C  "C2'" B DG  A 7 ? 0.0831 0.1346 0.0705 -0.0505 0.0390  0.0277  7   DG  A "C2'" 
155 C  "C1'" A DG  A 7 ? 0.0802 0.0788 0.1209 -0.0050 0.0334  0.0018  7   DG  A "C1'" 
156 C  "C1'" B DG  A 7 ? 0.0569 0.1018 0.1247 -0.0335 0.0330  0.0496  7   DG  A "C1'" 
157 N  N9    A DG  A 7 ? 0.0409 0.0624 0.0852 0.0152  0.0412  0.0304  7   DG  A N9    
158 N  N9    B DG  A 7 ? 0.0494 0.0974 0.0886 -0.0199 0.0291  0.0466  7   DG  A N9    
159 C  C8    A DG  A 7 ? 0.0503 0.0674 0.0782 0.0147  0.0492  0.0268  7   DG  A C8    
160 C  C8    B DG  A 7 ? 0.0631 0.0637 0.1003 0.0046  0.0484  0.0499  7   DG  A C8    
161 N  N7    A DG  A 7 ? 0.0432 0.0935 0.0828 0.0188  0.0256  0.0048  7   DG  A N7    
162 N  N7    B DG  A 7 ? 0.0485 0.1087 0.0910 -0.0139 0.0458  0.0248  7   DG  A N7    
163 C  C5    A DG  A 7 ? 0.0502 0.0769 0.0720 0.0218  0.0389  0.0376  7   DG  A C5    
164 C  C5    B DG  A 7 ? 0.0312 0.0869 0.0903 0.0061  0.0317  0.0410  7   DG  A C5    
165 C  C6    A DG  A 7 ? 0.0333 0.0912 0.0747 0.0216  0.0301  0.0194  7   DG  A C6    
166 C  C6    B DG  A 7 ? 0.0288 0.0939 0.0846 0.0257  0.0338  0.0463  7   DG  A C6    
167 O  O6    A DG  A 7 ? 0.0482 0.0829 0.0924 0.0202  0.0529  0.0226  7   DG  A O6    
168 O  O6    B DG  A 7 ? 0.0363 0.0890 0.0811 0.0248  0.0374  0.0178  7   DG  A O6    
169 N  N1    A DG  A 7 ? 0.0470 0.0828 0.0918 0.0185  0.0370  0.0011  7   DG  A N1    
170 N  N1    B DG  A 7 ? 0.0340 0.1272 0.0851 0.0248  0.0392  0.0384  7   DG  A N1    
171 C  C2    A DG  A 7 ? 0.0386 0.1059 0.0931 0.0289  0.0400  0.0105  7   DG  A C2    
172 C  C2    B DG  A 7 ? 0.0393 0.1517 0.1153 0.0229  0.0482  0.0460  7   DG  A C2    
173 N  N2    A DG  A 7 ? 0.0434 0.0958 0.1008 0.0288  0.0440  0.0070  7   DG  A N2    
174 N  N2    B DG  A 7 ? 0.0370 0.1658 0.1211 0.0205  0.0514  0.0439  7   DG  A N2    
175 N  N3    A DG  A 7 ? 0.0423 0.0975 0.1016 0.0307  0.0471  0.0209  7   DG  A N3    
176 N  N3    B DG  A 7 ? 0.0182 0.1414 0.1303 0.0046  0.0239  0.0636  7   DG  A N3    
177 C  C4    A DG  A 7 ? 0.0391 0.0837 0.0731 0.0298  0.0337  0.0203  7   DG  A C4    
178 C  C4    B DG  A 7 ? 0.0410 0.1061 0.1090 -0.0051 0.0382  0.0577  7   DG  A C4    
179 P  P     A DC  A 8 ? 0.0657 0.4008 0.1767 -0.0759 0.0682  -0.0452 8   DC  A P     
180 P  P     B DC  A 8 ? 0.1084 0.2069 0.2328 -0.0089 0.1012  0.0777  8   DC  A P     
181 O  OP1   A DC  A 8 ? 0.0775 0.3647 0.2713 -0.0452 0.0412  -0.1050 8   DC  A OP1   
182 O  OP1   B DC  A 8 ? 0.0887 0.2676 0.2163 -0.0053 0.0728  0.0740  8   DC  A OP1   
183 O  OP2   A DC  A 8 ? 0.1200 0.3862 0.0792 -0.1375 0.0539  -0.0413 8   DC  A OP2   
184 O  OP2   B DC  A 8 ? 0.1391 0.3750 0.3576 0.0456  0.1042  0.2302  8   DC  A OP2   
185 O  "O5'" A DC  A 8 ? 0.1418 0.1885 0.1233 -0.1136 0.0974  -0.0428 8   DC  A "O5'" 
186 O  "O5'" B DC  A 8 ? 0.1775 0.2313 0.3663 -0.1784 0.0248  -0.0332 8   DC  A "O5'" 
187 C  "C5'" A DC  A 8 ? 0.0663 0.2136 0.1198 -0.0234 0.0540  -0.0016 8   DC  A "C5'" 
188 C  "C5'" B DC  A 8 ? 0.2025 0.2762 0.1775 -0.1542 0.0274  0.0280  8   DC  A "C5'" 
189 C  "C4'" A DC  A 8 ? 0.0374 0.1611 0.1245 -0.0021 0.0470  0.0118  8   DC  A "C4'" 
190 C  "C4'" B DC  A 8 ? 0.0762 0.3706 0.1777 -0.0836 0.0064  0.0326  8   DC  A "C4'" 
191 O  "O4'" A DC  A 8 ? 0.0470 0.1423 0.1248 -0.0035 0.0607  0.0184  8   DC  A "O4'" 
192 O  "O4'" B DC  A 8 ? 0.0715 0.3244 0.1643 -0.0703 0.0107  0.0723  8   DC  A "O4'" 
193 C  "C3'" A DC  A 8 ? 0.0592 0.1417 0.1026 -0.0027 0.0647  0.0007  8   DC  A "C3'" 
194 C  "C3'" B DC  A 8 ? 0.1079 0.3954 0.1782 -0.1098 0.0262  0.0210  8   DC  A "C3'" 
195 O  "O3'" A DC  A 8 ? 0.1160 0.1508 0.1087 -0.0387 0.0830  -0.0120 8   DC  A "O3'" 
196 O  "O3'" B DC  A 8 ? 0.1094 0.6606 0.1151 -0.1374 0.0631  -0.0292 8   DC  A "O3'" 
197 C  "C2'" A DC  A 8 ? 0.0624 0.1232 0.0978 0.0036  0.0444  0.0052  8   DC  A "C2'" 
198 C  "C2'" B DC  A 8 ? 0.0932 0.3247 0.1895 -0.0869 0.0552  0.0806  8   DC  A "C2'" 
199 C  "C1'" A DC  A 8 ? 0.0539 0.1074 0.1038 0.0136  0.0592  -0.0042 8   DC  A "C1'" 
200 C  "C1'" B DC  A 8 ? 0.0696 0.2411 0.1510 -0.0293 0.0235  0.0559  8   DC  A "C1'" 
201 N  N1    A DC  A 8 ? 0.0615 0.1076 0.0720 -0.0007 0.0505  0.0147  8   DC  A N1    
202 N  N1    B DC  A 8 ? 0.0716 0.2456 0.1522 -0.0515 0.0293  0.0523  8   DC  A N1    
203 C  C2    A DC  A 8 ? 0.0441 0.1045 0.0814 0.0093  0.0463  0.0062  8   DC  A C2    
204 C  C2    B DC  A 8 ? 0.0573 0.2430 0.0960 -0.0381 0.0015  0.0840  8   DC  A C2    
205 O  O2    A DC  A 8 ? 0.0506 0.1054 0.0832 0.0070  0.0516  0.0051  8   DC  A O2    
206 O  O2    B DC  A 8 ? 0.0785 0.3034 0.1487 -0.0430 0.0731  0.0186  8   DC  A O2    
207 N  N3    A DC  A 8 ? 0.0375 0.1217 0.0790 -0.0008 0.0404  -0.0109 8   DC  A N3    
208 N  N3    B DC  A 8 ? 0.0648 0.1745 0.1139 -0.0390 0.0212  0.0711  8   DC  A N3    
209 C  C4    A DC  A 8 ? 0.0486 0.1211 0.1073 -0.0013 0.0563  -0.0142 8   DC  A C4    
210 C  C4    B DC  A 8 ? 0.0402 0.1935 0.1870 -0.0119 -0.0006 0.1034  8   DC  A C4    
211 N  N4    A DC  A 8 ? 0.0516 0.1054 0.0940 0.0104  0.0561  0.0064  8   DC  A N4    
212 N  N4    B DC  A 8 ? 0.0384 0.1269 0.2168 -0.0041 0.0107  0.0109  8   DC  A N4    
213 C  C5    A DC  A 8 ? 0.0750 0.1163 0.0993 -0.0059 0.0665  0.0000  8   DC  A C5    
214 C  C5    B DC  A 8 ? 0.0952 0.1720 0.1762 0.0112  0.0002  0.0223  8   DC  A C5    
215 C  C6    A DC  A 8 ? 0.0655 0.1162 0.1075 -0.0010 0.0611  -0.0035 8   DC  A C6    
216 C  C6    B DC  A 8 ? 0.0873 0.2250 0.1629 -0.0388 -0.0122 0.0424  8   DC  A C6    
217 P  P     A DG  A 9 ? 0.0977 0.1814 0.1513 -0.0521 0.0874  -0.0255 9   DG  A P     
218 P  P     B DG  A 9 ? 0.2161 0.8952 0.1573 -0.3504 0.0217  0.0433  9   DG  A P     
219 O  OP1   A DG  A 9 ? 0.0894 0.2439 0.2170 -0.0816 0.0980  -0.0789 9   DG  A OP1   
220 O  OP1   B DG  A 9 ? 0.1134 1.2672 0.2382 -0.2568 -0.0040 0.0412  9   DG  A OP1   
221 O  OP2   A DG  A 9 ? 0.3681 0.0978 0.2298 -0.0290 0.1552  0.0207  9   DG  A OP2   
222 O  OP2   B DG  A 9 ? 0.4854 0.7455 0.2131 -0.2762 0.0270  0.1796  9   DG  A OP2   
223 O  "O5'" A DG  A 9 ? 0.0757 0.2110 0.1306 -0.0334 0.0679  -0.0321 9   DG  A "O5'" 
224 O  "O5'" B DG  A 9 ? 0.0757 0.6011 0.1343 -0.1426 0.0317  0.0863  9   DG  A "O5'" 
225 C  "C5'" A DG  A 9 ? 0.1324 0.2096 0.0995 -0.0324 0.0691  0.0020  9   DG  A "C5'" 
226 C  "C5'" B DG  A 9 ? 0.0346 0.4632 0.1969 -0.0542 0.0459  0.0538  9   DG  A "C5'" 
227 C  "C4'" A DG  A 9 ? 0.0469 0.1329 0.1139 0.0258  0.0537  -0.0007 9   DG  A "C4'" 
228 C  "C4'" B DG  A 9 ? 0.0690 0.2054 0.1219 0.0285  0.0570  -0.0034 9   DG  A "C4'" 
229 O  "O4'" A DG  A 9 ? 0.0321 0.1236 0.1277 0.0074  0.0400  0.0176  9   DG  A "O4'" 
230 O  "O4'" B DG  A 9 ? 0.0579 0.2112 0.1193 0.0106  0.0531  0.0225  9   DG  A "O4'" 
231 C  "C3'" A DG  A 9 ? 0.0367 0.1533 0.1057 0.0019  0.0466  -0.0150 9   DG  A "C3'" 
232 C  "C3'" B DG  A 9 ? 0.0766 0.2399 0.1412 -0.0289 0.0764  0.0046  9   DG  A "C3'" 
233 O  "O3'" A DG  A 9 ? 0.0787 0.2312 0.1395 0.0643  0.0232  -0.0703 9   DG  A "O3'" 
234 O  "O3'" B DG  A 9 ? 0.0911 0.2466 0.1072 -0.0334 0.0444  0.0388  9   DG  A "O3'" 
235 C  "C2'" A DG  A 9 ? 0.0374 0.1005 0.1037 -0.0124 0.0474  -0.0283 9   DG  A "C2'" 
236 C  "C2'" B DG  A 9 ? 0.0975 0.1545 0.0929 -0.0308 0.0349  -0.0090 9   DG  A "C2'" 
237 C  "C1'" A DG  A 9 ? 0.0309 0.0984 0.1345 -0.0079 0.0390  0.0050  9   DG  A "C1'" 
238 C  "C1'" B DG  A 9 ? 0.0628 0.1505 0.1150 -0.0029 0.0561  0.0000  9   DG  A "C1'" 
239 N  N9    . DG  A 9 ? 0.0530 0.0883 0.1524 -0.0077 0.0441  0.0044  9   DG  A N9    
240 C  C8    . DG  A 9 ? 0.0446 0.1062 0.1924 -0.0001 0.0372  -0.0016 9   DG  A C8    
241 N  N7    . DG  A 9 ? 0.0605 0.0821 0.2064 -0.0007 0.0371  -0.0200 9   DG  A N7    
242 C  C5    . DG  A 9 ? 0.0452 0.0937 0.1338 -0.0192 0.0352  0.0034  9   DG  A C5    
243 C  C6    . DG  A 9 ? 0.0264 0.0759 0.1709 0.0141  0.0395  -0.0027 9   DG  A C6    
244 O  O6    . DG  A 9 ? 0.0505 0.0956 0.1535 0.0011  0.0450  -0.0229 9   DG  A O6    
245 N  N1    . DG  A 9 ? 0.0343 0.0809 0.1370 0.0015  0.0337  -0.0028 9   DG  A N1    
246 C  C2    . DG  A 9 ? 0.0334 0.0855 0.1386 0.0142  0.0357  0.0042  9   DG  A C2    
247 N  N2    . DG  A 9 ? 0.0381 0.0756 0.1520 0.0022  0.0308  0.0066  9   DG  A N2    
248 N  N3    . DG  A 9 ? 0.0343 0.0870 0.1397 -0.0001 0.0342  -0.0045 9   DG  A N3    
249 C  C4    . DG  A 9 ? 0.0382 0.0936 0.1518 0.0032  0.0378  -0.0054 9   DG  A C4    
250 O  "O5'" . DC  B 1 ? 0.1007 0.1573 0.2444 -0.0264 0.0110  0.0463  1   DC  B "O5'" 
251 C  "C5'" . DC  B 1 ? 0.1598 0.1232 0.2128 -0.0412 -0.0042 0.0394  1   DC  B "C5'" 
252 C  "C4'" . DC  B 1 ? 0.1066 0.0695 0.1657 0.0043  0.0082  0.0053  1   DC  B "C4'" 
253 O  "O4'" . DC  B 1 ? 0.0742 0.0681 0.1349 0.0148  0.0207  0.0053  1   DC  B "O4'" 
254 C  "C3'" . DC  B 1 ? 0.0976 0.0801 0.1470 0.0122  0.0174  0.0374  1   DC  B "C3'" 
255 O  "O3'" . DC  B 1 ? 0.0959 0.0714 0.1525 0.0253  0.0293  0.0168  1   DC  B "O3'" 
256 C  "C2'" . DC  B 1 ? 0.0943 0.1056 0.1095 0.0284  0.0277  0.0084  1   DC  B "C2'" 
257 C  "C1'" . DC  B 1 ? 0.0533 0.0795 0.1158 0.0149  0.0248  0.0133  1   DC  B "C1'" 
258 N  N1    . DC  B 1 ? 0.0532 0.0750 0.0923 0.0037  0.0388  0.0134  1   DC  B N1    
259 C  C2    . DC  B 1 ? 0.0310 0.0752 0.0970 0.0147  0.0285  0.0124  1   DC  B C2    
260 O  O2    . DC  B 1 ? 0.0399 0.0732 0.1099 0.0214  0.0386  0.0136  1   DC  B O2    
261 N  N3    . DC  B 1 ? 0.0331 0.0708 0.0895 0.0094  0.0352  0.0088  1   DC  B N3    
262 C  C4    . DC  B 1 ? 0.0371 0.0774 0.1037 0.0049  0.0421  -0.0030 1   DC  B C4    
263 N  N4    . DC  B 1 ? 0.0447 0.0795 0.1060 0.0103  0.0416  0.0070  1   DC  B N4    
264 C  C5    . DC  B 1 ? 0.0517 0.0947 0.0968 0.0033  0.0310  0.0172  1   DC  B C5    
265 C  C6    . DC  B 1 ? 0.0508 0.0977 0.0942 0.0149  0.0357  0.0203  1   DC  B C6    
266 P  P     . DG  B 2 ? 0.0951 0.0959 0.1837 0.0230  0.0167  0.0320  2   DG  B P     
267 O  OP1   . DG  B 2 ? 0.1075 0.1133 0.2665 0.0507  0.0082  0.0145  2   DG  B OP1   
268 O  OP2   . DG  B 2 ? 0.1364 0.1351 0.1988 -0.0121 0.0143  0.0760  2   DG  B OP2   
269 O  "O5'" . DG  B 2 ? 0.0883 0.1032 0.1267 0.0218  0.0317  0.0248  2   DG  B "O5'" 
270 C  "C5'" . DG  B 2 ? 0.0815 0.1088 0.1210 0.0186  0.0519  0.0032  2   DG  B "C5'" 
271 C  "C4'" . DG  B 2 ? 0.0581 0.1044 0.1150 0.0228  0.0447  0.0236  2   DG  B "C4'" 
272 O  "O4'" . DG  B 2 ? 0.0787 0.1052 0.1021 0.0392  0.0536  0.0153  2   DG  B "O4'" 
273 C  "C3'" . DG  B 2 ? 0.0613 0.0934 0.1154 0.0162  0.0405  0.0349  2   DG  B "C3'" 
274 O  "O3'" . DG  B 2 ? 0.0500 0.1144 0.1636 0.0271  0.0628  0.0252  2   DG  B "O3'" 
275 C  "C2'" . DG  B 2 ? 0.0578 0.0932 0.1103 0.0164  0.0350  0.0198  2   DG  B "C2'" 
276 C  "C1'" . DG  B 2 ? 0.0605 0.0999 0.1022 0.0215  0.0468  0.0171  2   DG  B "C1'" 
277 N  N9    . DG  B 2 ? 0.0531 0.0874 0.0973 0.0132  0.0552  0.0162  2   DG  B N9    
278 C  C8    . DG  B 2 ? 0.0561 0.1084 0.0946 0.0119  0.0507  0.0336  2   DG  B C8    
279 N  N7    . DG  B 2 ? 0.0529 0.0934 0.1082 0.0095  0.0602  0.0037  2   DG  B N7    
280 C  C5    . DG  B 2 ? 0.0424 0.0804 0.0951 0.0060  0.0490  -0.0015 2   DG  B C5    
281 C  C6    . DG  B 2 ? 0.0415 0.0810 0.0981 0.0069  0.0474  -0.0117 2   DG  B C6    
282 O  O6    . DG  B 2 ? 0.0408 0.0972 0.1149 0.0051  0.0528  -0.0081 2   DG  B O6    
283 N  N1    . DG  B 2 ? 0.0401 0.0846 0.1001 0.0126  0.0454  -0.0082 2   DG  B N1    
284 C  C2    . DG  B 2 ? 0.0371 0.0803 0.0762 0.0138  0.0389  0.0115  2   DG  B C2    
285 N  N2    . DG  B 2 ? 0.0495 0.0754 0.1099 0.0261  0.0503  0.0111  2   DG  B N2    
286 N  N3    . DG  B 2 ? 0.0413 0.0894 0.0887 0.0167  0.0460  0.0142  2   DG  B N3    
287 C  C4    . DG  B 2 ? 0.0449 0.0836 0.0833 0.0146  0.0474  0.0131  2   DG  B C4    
288 P  P     . DT  B 3 ? 0.0704 0.1689 0.1432 0.0358  0.0370  0.0252  3   DT  B P     
289 O  OP1   . DT  B 3 ? 0.1264 0.1582 0.2886 0.0739  0.0660  0.0649  3   DT  B OP1   
290 O  OP2   . DT  B 3 ? 0.1217 0.3190 0.1225 0.0112  0.0404  0.0073  3   DT  B OP2   
291 O  "O5'" . DT  B 3 ? 0.0524 0.1866 0.1282 0.0375  0.0421  -0.0049 3   DT  B "O5'" 
292 C  "C5'" . DT  B 3 ? 0.0804 0.1497 0.1288 0.0381  0.0621  -0.0086 3   DT  B "C5'" 
293 C  "C4'" . DT  B 3 ? 0.0478 0.1430 0.1206 0.0401  0.0464  -0.0096 3   DT  B "C4'" 
294 O  "O4'" . DT  B 3 ? 0.0588 0.1513 0.1262 0.0561  0.0301  -0.0207 3   DT  B "O4'" 
295 C  "C3'" . DT  B 3 ? 0.0442 0.0989 0.1175 0.0281  0.0515  0.0097  3   DT  B "C3'" 
296 O  "O3'" . DT  B 3 ? 0.0501 0.1046 0.1099 0.0415  0.0483  0.0135  3   DT  B "O3'" 
297 C  "C2'" . DT  B 3 ? 0.0473 0.1219 0.1340 0.0397  0.0200  -0.0029 3   DT  B "C2'" 
298 C  "C1'" . DT  B 3 ? 0.0716 0.1279 0.1282 0.0485  0.0340  -0.0157 3   DT  B "C1'" 
299 N  N1    . DT  B 3 ? 0.1135 0.1253 0.1430 0.0712  -0.0009 -0.0163 3   DT  B N1    
300 C  C2    . DT  B 3 ? 0.0898 0.1690 0.2083 0.0812  -0.0119 -0.0316 3   DT  B C2    
301 O  O2    . DT  B 3 ? 0.1060 0.1465 0.2828 0.0420  -0.0034 -0.0593 3   DT  B O2    
302 N  N3    . DT  B 3 ? 0.1727 0.1487 0.1979 0.0987  -0.0387 -0.0433 3   DT  B N3    
303 C  C4    . DT  B 3 ? 0.2368 0.1484 0.1166 0.1295  -0.0319 -0.0259 3   DT  B C4    
304 O  O4    . DT  B 3 ? 0.3009 0.2386 0.1782 0.1905  -0.0224 -0.0816 3   DT  B O4    
305 C  C5    . DT  B 3 ? 0.1702 0.1469 0.1160 0.0972  0.0355  0.0057  3   DT  B C5    
306 C  C7    . DT  B 3 ? 0.1502 0.1845 0.1267 0.1158  0.0599  0.0275  3   DT  B C7    
307 C  C6    . DT  B 3 ? 0.1112 0.1562 0.1344 0.0905  0.0379  -0.0051 3   DT  B C6    
308 P  P     . DA  B 4 ? 0.0394 0.0870 0.1229 0.0272  0.0497  0.0212  4   DA  B P     
309 O  OP1   . DA  B 4 ? 0.0390 0.0872 0.1405 0.0313  0.0508  0.0265  4   DA  B OP1   
310 O  OP2   . DA  B 4 ? 0.0705 0.1068 0.1208 0.0176  0.0746  0.0215  4   DA  B OP2   
311 O  "O5'" A DA  B 4 ? 0.0403 0.0872 0.1487 0.0207  0.0550  0.0012  4   DA  B "O5'" 
312 O  "O5'" B DA  B 4 ? 0.0394 0.0880 0.1331 0.0257  0.0484  0.0060  4   DA  B "O5'" 
313 C  "C5'" A DA  B 4 ? 0.0720 0.0995 0.1036 0.0008  0.0705  -0.0044 4   DA  B "C5'" 
314 C  "C5'" B DA  B 4 ? 0.0500 0.0892 0.1162 0.0210  0.0416  0.0287  4   DA  B "C5'" 
315 C  "C4'" A DA  B 4 ? 0.0329 0.0917 0.0966 0.0259  0.0293  -0.0061 4   DA  B "C4'" 
316 C  "C4'" B DA  B 4 ? 0.0410 0.0839 0.0992 0.0353  0.0362  0.0119  4   DA  B "C4'" 
317 O  "O4'" A DA  B 4 ? 0.0472 0.0972 0.1113 0.0436  0.0325  -0.0036 4   DA  B "O4'" 
318 O  "O4'" B DA  B 4 ? 0.0425 0.0875 0.1116 0.0282  0.0478  0.0122  4   DA  B "O4'" 
319 C  "C3'" A DA  B 4 ? 0.0321 0.0942 0.0962 0.0171  0.0339  -0.0105 4   DA  B "C3'" 
320 C  "C3'" B DA  B 4 ? 0.0365 0.0718 0.1103 0.0212  0.0432  0.0104  4   DA  B "C3'" 
321 O  "O3'" A DA  B 4 ? 0.0398 0.2027 0.1228 -0.0007 0.0504  0.0548  4   DA  B "O3'" 
322 O  "O3'" B DA  B 4 ? 0.0353 0.0689 0.1574 0.0289  0.0381  0.0093  4   DA  B "O3'" 
323 C  "C2'" A DA  B 4 ? 0.0350 0.0761 0.1275 0.0129  0.0497  0.0139  4   DA  B "C2'" 
324 C  "C2'" B DA  B 4 ? 0.0366 0.0640 0.1087 0.0246  0.0445  0.0267  4   DA  B "C2'" 
325 C  "C1'" A DA  B 4 ? 0.0347 0.0713 0.1163 0.0222  0.0374  -0.0009 4   DA  B "C1'" 
326 C  "C1'" B DA  B 4 ? 0.0369 0.0687 0.1139 0.0228  0.0416  0.0070  4   DA  B "C1'" 
327 N  N9    . DA  B 4 ? 0.0358 0.0626 0.1084 0.0216  0.0407  0.0110  4   DA  B N9    
328 C  C8    . DA  B 4 ? 0.0471 0.0678 0.1074 0.0213  0.0519  0.0058  4   DA  B C8    
329 N  N7    . DA  B 4 ? 0.0450 0.0638 0.1078 0.0158  0.0491  -0.0059 4   DA  B N7    
330 C  C5    . DA  B 4 ? 0.0408 0.0651 0.0905 0.0144  0.0428  -0.0025 4   DA  B C5    
331 C  C6    . DA  B 4 ? 0.0324 0.0779 0.0873 0.0169  0.0347  0.0030  4   DA  B C6    
332 N  N6    . DA  B 4 ? 0.0298 0.0721 0.1148 0.0148  0.0368  -0.0014 4   DA  B N6    
333 N  N1    . DA  B 4 ? 0.0388 0.0721 0.0790 0.0161  0.0383  0.0012  4   DA  B N1    
334 C  C2    . DA  B 4 ? 0.0337 0.0776 0.1212 0.0206  0.0409  0.0038  4   DA  B C2    
335 N  N3    . DA  B 4 ? 0.0360 0.0704 0.1128 0.0254  0.0373  0.0060  4   DA  B N3    
336 C  C4    . DA  B 4 ? 0.0362 0.0613 0.0864 0.0163  0.0376  0.0034  4   DA  B C4    
337 P  P     A DA  B 5 ? 0.0605 0.2795 0.1632 0.0502  0.0624  0.0371  5   DA  B P     
338 P  P     B DA  B 5 ? 0.0535 0.0846 0.1877 0.0215  0.0753  0.0293  5   DA  B P     
339 O  OP1   A DA  B 5 ? 0.0458 0.4608 0.1957 0.0320  0.0659  -0.0525 5   DA  B OP1   
340 O  OP1   B DA  B 5 ? 0.1944 0.1252 0.1897 -0.0186 0.0908  0.0202  5   DA  B OP1   
341 O  OP2   A DA  B 5 ? 0.0274 0.3088 0.2124 -0.0051 0.0465  0.1078  5   DA  B OP2   
342 O  OP2   B DA  B 5 ? 0.0678 0.0917 0.2462 -0.0049 0.0528  0.0367  5   DA  B OP2   
343 O  "O5'" A DA  B 5 ? 0.0566 0.3030 0.1140 0.0778  0.0484  0.0000  5   DA  B "O5'" 
344 O  "O5'" B DA  B 5 ? 0.0781 0.0967 0.1894 0.0152  0.0478  0.0153  5   DA  B "O5'" 
345 C  "C5'" A DA  B 5 ? 0.0527 0.1323 0.1288 0.0393  0.0586  0.0076  5   DA  B "C5'" 
346 C  "C5'" B DA  B 5 ? 0.0490 0.1077 0.1266 0.0268  0.0604  0.0219  5   DA  B "C5'" 
347 C  "C4'" . DA  B 5 ? 0.0468 0.0890 0.1327 0.0325  0.0526  0.0263  5   DA  B "C4'" 
348 O  "O4'" . DA  B 5 ? 0.0574 0.0947 0.1191 0.0136  0.0516  0.0069  5   DA  B "O4'" 
349 C  "C3'" . DA  B 5 ? 0.0331 0.0780 0.1489 0.0197  0.0463  0.0068  5   DA  B "C3'" 
350 O  "O3'" . DA  B 5 ? 0.0382 0.0785 0.1632 0.0267  0.0546  0.0332  5   DA  B "O3'" 
351 C  "C2'" . DA  B 5 ? 0.0512 0.0789 0.1334 0.0081  0.0461  -0.0055 5   DA  B "C2'" 
352 C  "C1'" . DA  B 5 ? 0.0420 0.0801 0.1162 0.0024  0.0440  0.0078  5   DA  B "C1'" 
353 N  N9    . DA  B 5 ? 0.0355 0.0687 0.1243 0.0134  0.0475  0.0025  5   DA  B N9    
354 C  C8    . DA  B 5 ? 0.0290 0.0684 0.1209 0.0148  0.0245  -0.0021 5   DA  B C8    
355 N  N7    . DA  B 5 ? 0.0320 0.0752 0.1121 0.0179  0.0376  -0.0003 5   DA  B N7    
356 C  C5    . DA  B 5 ? 0.0365 0.0815 0.0989 0.0229  0.0405  0.0101  5   DA  B C5    
357 C  C6    . DA  B 5 ? 0.0360 0.0766 0.0950 0.0219  0.0388  0.0086  5   DA  B C6    
358 N  N6    . DA  B 5 ? 0.0472 0.0925 0.1275 0.0238  0.0571  0.0034  5   DA  B N6    
359 N  N1    . DA  B 5 ? 0.0440 0.0799 0.1092 0.0273  0.0484  0.0112  5   DA  B N1    
360 C  C2    . DA  B 5 ? 0.0461 0.0957 0.1059 0.0242  0.0529  0.0130  5   DA  B C2    
361 N  N3    . DA  B 5 ? 0.0474 0.0801 0.1182 0.0162  0.0570  -0.0008 5   DA  B N3    
362 C  C4    . DA  B 5 ? 0.0460 0.0736 0.1038 0.0242  0.0509  0.0131  5   DA  B C4    
363 P  P     . DG  B 6 ? 0.0305 0.0702 0.1740 0.0180  0.0395  0.0116  6   DG  B P     
364 O  OP1   . DG  B 6 ? 0.0474 0.0983 0.2171 0.0108  0.0281  0.0357  6   DG  B OP1   
365 O  OP2   . DG  B 6 ? 0.0651 0.1024 0.2004 0.0184  0.0317  -0.0075 6   DG  B OP2   
366 O  "O5'" . DG  B 6 ? 0.0442 0.0740 0.1423 0.0290  0.0443  0.0105  6   DG  B "O5'" 
367 C  "C5'" . DG  B 6 ? 0.0372 0.0801 0.1051 0.0141  0.0397  0.0195  6   DG  B "C5'" 
368 C  "C4'" . DG  B 6 ? 0.0326 0.0708 0.1170 0.0087  0.0282  0.0174  6   DG  B "C4'" 
369 O  "O4'" . DG  B 6 ? 0.0499 0.0788 0.1111 -0.0083 0.0316  0.0058  6   DG  B "O4'" 
370 C  "C3'" . DG  B 6 ? 0.0369 0.0735 0.1123 0.0077  0.0320  0.0104  6   DG  B "C3'" 
371 O  "O3'" . DG  B 6 ? 0.0381 0.0506 0.1387 0.0130  0.0175  -0.0108 6   DG  B "O3'" 
372 C  "C2'" . DG  B 6 ? 0.0880 0.1165 0.1293 -0.0300 0.0339  0.0144  6   DG  B "C2'" 
373 C  "C1'" . DG  B 6 ? 0.0521 0.0736 0.1142 -0.0038 0.0416  0.0073  6   DG  B "C1'" 
374 N  N9    . DG  B 6 ? 0.0493 0.0866 0.0953 -0.0008 0.0460  -0.0011 6   DG  B N9    
375 C  C8    . DG  B 6 ? 0.0600 0.0660 0.1077 0.0118  0.0513  0.0053  6   DG  B C8    
376 N  N7    . DG  B 6 ? 0.0652 0.0678 0.1081 0.0029  0.0483  -0.0086 6   DG  B N7    
377 C  C5    . DG  B 6 ? 0.0581 0.0651 0.0969 0.0068  0.0493  -0.0119 6   DG  B C5    
378 C  C6    . DG  B 6 ? 0.0448 0.0664 0.1030 0.0131  0.0491  -0.0072 6   DG  B C6    
379 O  O6    . DG  B 6 ? 0.0512 0.0687 0.1322 0.0065  0.0637  -0.0171 6   DG  B O6    
380 N  N1    . DG  B 6 ? 0.0415 0.0633 0.1072 0.0155  0.0441  -0.0103 6   DG  B N1    
381 C  C2    . DG  B 6 ? 0.0413 0.0670 0.1054 0.0150  0.0471  -0.0020 6   DG  B C2    
382 N  N2    . DG  B 6 ? 0.0538 0.0702 0.1072 0.0154  0.0516  -0.0064 6   DG  B N2    
383 N  N3    . DG  B 6 ? 0.0560 0.0733 0.0935 0.0115  0.0508  0.0046  6   DG  B N3    
384 C  C4    . DG  B 6 ? 0.0519 0.0619 0.1013 0.0120  0.0443  0.0038  6   DG  B C4    
385 P  P     . DG  B 7 ? 0.0354 0.0575 0.1382 0.0173  0.0315  -0.0097 7   DG  B P     
386 O  OP1   . DG  B 7 ? 0.0338 0.0545 0.1818 0.0116  0.0406  -0.0153 7   DG  B OP1   
387 O  OP2   . DG  B 7 ? 0.0464 0.0736 0.1279 0.0318  0.0369  -0.0107 7   DG  B OP2   
388 O  "O5'" . DG  B 7 ? 0.0391 0.0626 0.1284 0.0168  0.0191  0.0034  7   DG  B "O5'" 
389 C  "C5'" . DG  B 7 ? 0.0432 0.0581 0.1326 0.0106  0.0169  0.0080  7   DG  B "C5'" 
390 C  "C4'" . DG  B 7 ? 0.0522 0.0601 0.1227 0.0178  0.0112  0.0139  7   DG  B "C4'" 
391 O  "O4'" . DG  B 7 ? 0.0375 0.0655 0.1251 0.0128  0.0179  -0.0046 7   DG  B "O4'" 
392 C  "C3'" . DG  B 7 ? 0.0490 0.0739 0.1018 0.0007  0.0295  0.0068  7   DG  B "C3'" 
393 O  "O3'" . DG  B 7 ? 0.0573 0.0983 0.1229 -0.0094 0.0343  0.0034  7   DG  B "O3'" 
394 C  "C2'" . DG  B 7 ? 0.0375 0.0716 0.1077 0.0224  0.0172  -0.0018 7   DG  B "C2'" 
395 C  "C1'" . DG  B 7 ? 0.0482 0.0639 0.1147 0.0180  0.0250  -0.0032 7   DG  B "C1'" 
396 N  N9    . DG  B 7 ? 0.0476 0.0495 0.1286 0.0071  0.0216  -0.0003 7   DG  B N9    
397 C  C8    . DG  B 7 ? 0.0454 0.0546 0.1812 0.0118  0.0324  0.0081  7   DG  B C8    
398 N  N7    . DG  B 7 ? 0.0405 0.0587 0.2754 0.0209  0.0529  0.0151  7   DG  B N7    
399 C  C5    . DG  B 7 ? 0.0253 0.0782 0.1837 0.0154  0.0404  0.0073  7   DG  B C5    
400 C  C6    . DG  B 7 ? 0.0229 0.0870 0.2345 0.0135  0.0443  0.0171  7   DG  B C6    
401 O  O6    . DG  B 7 ? 0.0558 0.0813 0.3023 0.0141  0.0964  0.0209  7   DG  B O6    
402 N  N1    . DG  B 7 ? 0.0414 0.0735 0.1759 0.0110  0.0439  0.0078  7   DG  B N1    
403 C  C2    . DG  B 7 ? 0.0350 0.0678 0.1242 0.0189  0.0180  0.0091  7   DG  B C2    
404 N  N2    . DG  B 7 ? 0.0460 0.0726 0.1398 0.0255  0.0357  0.0193  7   DG  B N2    
405 N  N3    . DG  B 7 ? 0.0495 0.0565 0.1112 0.0183  0.0278  0.0058  7   DG  B N3    
406 C  C4    . DG  B 7 ? 0.0382 0.0680 0.1304 0.0189  0.0163  0.0012  7   DG  B C4    
407 P  P     . DC  B 8 ? 0.0718 0.1142 0.1474 0.0053  0.0285  0.0398  8   DC  B P     
408 O  OP1   . DC  B 8 ? 0.0874 0.2221 0.1570 -0.0102 0.0399  0.0765  8   DC  B OP1   
409 O  OP2   . DC  B 8 ? 0.1044 0.1136 0.2309 -0.0036 0.0240  0.0552  8   DC  B OP2   
410 O  "O5'" . DC  B 8 ? 0.0570 0.0914 0.1462 0.0075  0.0306  0.0057  8   DC  B "O5'" 
411 C  "C5'" . DC  B 8 ? 0.0679 0.0970 0.1136 0.0103  0.0500  0.0143  8   DC  B "C5'" 
412 C  "C4'" . DC  B 8 ? 0.0649 0.0665 0.0892 0.0177  0.0499  0.0202  8   DC  B "C4'" 
413 O  "O4'" . DC  B 8 ? 0.0688 0.0773 0.1163 -0.0099 0.0734  -0.0036 8   DC  B "O4'" 
414 C  "C3'" A DC  B 8 ? 0.0305 0.0715 0.1128 0.0146  0.0423  0.0307  8   DC  B "C3'" 
415 C  "C3'" B DC  B 8 ? 0.0327 0.0766 0.1172 0.0123  0.0458  0.0264  8   DC  B "C3'" 
416 O  "O3'" A DC  B 8 ? 0.0441 0.0971 0.0759 0.0174  0.0446  0.0264  8   DC  B "O3'" 
417 O  "O3'" B DC  B 8 ? 0.0267 0.1375 0.1929 0.0044  0.0504  0.0185  8   DC  B "O3'" 
418 C  "C2'" . DC  B 8 ? 0.0372 0.0834 0.0926 -0.0062 0.0321  0.0231  8   DC  B "C2'" 
419 C  "C1'" . DC  B 8 ? 0.0607 0.0706 0.0894 0.0047  0.0535  0.0112  8   DC  B "C1'" 
420 N  N1    . DC  B 8 ? 0.0414 0.0650 0.0929 0.0093  0.0421  0.0040  8   DC  B N1    
421 C  C2    . DC  B 8 ? 0.0352 0.0766 0.0986 0.0119  0.0422  0.0133  8   DC  B C2    
422 O  O2    . DC  B 8 ? 0.0481 0.0768 0.1343 0.0163  0.0653  0.0210  8   DC  B O2    
423 N  N3    . DC  B 8 ? 0.0494 0.0691 0.0892 0.0058  0.0524  -0.0019 8   DC  B N3    
424 C  C4    . DC  B 8 ? 0.0378 0.0710 0.0812 0.0080  0.0399  0.0010  8   DC  B C4    
425 N  N4    . DC  B 8 ? 0.0460 0.0603 0.1006 0.0088  0.0528  -0.0007 8   DC  B N4    
426 C  C5    . DC  B 8 ? 0.0358 0.0615 0.0970 0.0090  0.0390  -0.0016 8   DC  B C5    
427 C  C6    . DC  B 8 ? 0.0384 0.0725 0.0965 0.0091  0.0434  -0.0060 8   DC  B C6    
428 P  P     A DG  B 9 ? 0.0422 0.0832 0.0750 0.0181  0.0427  0.0194  9   DG  B P     
429 P  P     B DG  B 9 ? 0.0534 0.3464 0.1826 -0.0590 0.0438  0.1111  9   DG  B P     
430 O  OP1   A DG  B 9 ? 0.1429 0.1119 0.0610 0.0131  0.0793  0.0108  9   DG  B OP1   
431 O  OP1   B DG  B 9 ? 0.1342 0.4068 0.1862 -0.0178 0.0778  0.0529  9   DG  B OP1   
432 O  OP2   A DG  B 9 ? 0.0508 0.0804 0.0728 0.0042  0.0471  0.0163  9   DG  B OP2   
433 O  OP2   B DG  B 9 ? 0.0435 0.3211 0.1962 -0.0078 -0.0006 0.1395  9   DG  B OP2   
434 O  "O5'" A DG  B 9 ? 0.0438 0.0859 0.0962 0.0173  0.0509  0.0342  9   DG  B "O5'" 
435 O  "O5'" B DG  B 9 ? 0.0545 0.2782 0.1252 -0.0205 0.0670  0.0025  9   DG  B "O5'" 
436 C  "C5'" A DG  B 9 ? 0.0530 0.0877 0.1648 0.0465  0.0452  0.0058  9   DG  B "C5'" 
437 C  "C5'" B DG  B 9 ? 0.3327 0.2289 0.1074 -0.0471 0.1723  -0.0052 9   DG  B "C5'" 
438 C  "C4'" . DG  B 9 ? 0.1110 0.1135 0.1373 0.0545  0.1078  0.0381  9   DG  B "C4'" 
439 O  "O4'" . DG  B 9 ? 0.0837 0.0957 0.1070 0.0307  0.0801  0.0178  9   DG  B "O4'" 
440 C  "C3'" . DG  B 9 ? 0.0544 0.1641 0.1495 0.0500  0.0704  0.0435  9   DG  B "C3'" 
441 O  "O3'" . DG  B 9 ? 0.0466 0.2767 0.1747 0.0541  0.0739  0.1035  9   DG  B "O3'" 
442 C  "C2'" . DG  B 9 ? 0.0481 0.1611 0.1178 0.0023  0.0600  0.0272  9   DG  B "C2'" 
443 C  "C1'" . DG  B 9 ? 0.0325 0.1222 0.1133 0.0266  0.0440  0.0430  9   DG  B "C1'" 
444 N  N9    . DG  B 9 ? 0.0410 0.0790 0.0858 0.0122  0.0455  0.0168  9   DG  B N9    
445 C  C8    . DG  B 9 ? 0.0405 0.0693 0.1097 0.0001  0.0519  0.0032  9   DG  B C8    
446 N  N7    . DG  B 9 ? 0.0421 0.0598 0.0941 0.0054  0.0490  0.0111  9   DG  B N7    
447 C  C5    . DG  B 9 ? 0.0321 0.0617 0.0702 0.0107  0.0331  0.0110  9   DG  B C5    
448 C  C6    . DG  B 9 ? 0.0310 0.0515 0.0774 0.0089  0.0340  0.0081  9   DG  B C6    
449 O  O6    . DG  B 9 ? 0.0388 0.0629 0.0922 0.0122  0.0449  0.0103  9   DG  B O6    
450 N  N1    . DG  B 9 ? 0.0382 0.0624 0.0805 0.0131  0.0403  0.0072  9   DG  B N1    
451 C  C2    . DG  B 9 ? 0.0426 0.0678 0.0872 0.0152  0.0440  0.0008  9   DG  B C2    
452 N  N2    . DG  B 9 ? 0.0612 0.0703 0.0880 0.0215  0.0576  0.0067  9   DG  B N2    
453 N  N3    . DG  B 9 ? 0.0461 0.0722 0.0786 0.0197  0.0443  0.0078  9   DG  B N3    
454 C  C4    . DG  B 9 ? 0.0358 0.0788 0.0703 0.0194  0.0354  0.0159  9   DG  B C4    
455 MG MG    . MG  C . ? 0.0349 0.0535 0.0915 0.0027  0.0416  0.0113  101 MG  A MG    
456 MG MG    . MG  D . ? 0.0761 0.0819 0.1602 0.0164  0.0733  0.0012  102 MG  A MG    
457 MG MG    . MG  E . ? 0.0900 0.1231 0.1476 -0.0259 0.0253  0.0184  103 MG  A MG    
458 MG MG    . MG  F . ? 0.0605 0.0673 0.1349 0.0172  0.0728  0.0024  101 MG  B MG    
459 MG MG    . MG  G . ? 0.0322 0.0566 0.0953 0.0005  0.0402  0.0016  102 MG  B MG    
460 O  O     A HOH H . ? 0.0462 0.0593 0.1106 0.0027  0.0526  -0.0228 201 HOH A O     
461 O  O     B HOH H . ? 0.0570 0.0669 0.1353 0.0040  0.0415  0.0017  201 HOH A O     
462 O  O     . HOH H . ? 0.0985 0.1955 0.1933 0.0202  0.0810  0.0511  202 HOH A O     
463 O  O     . HOH H . ? 0.3955 0.4122 0.2416 -0.1208 0.1481  -0.0683 203 HOH A O     
464 O  O     . HOH H . ? 0.2945 0.6236 0.4678 -0.0390 0.0116  0.3022  204 HOH A O     
465 O  O     . HOH H . ? 0.0460 0.0858 0.1026 0.0149  0.0458  -0.0092 205 HOH A O     
466 O  O     . HOH H . ? 0.0420 0.0372 0.0501 0.0137  0.0297  0.0025  206 HOH A O     
467 O  O     . HOH H . ? 0.1502 0.0908 0.3144 0.0119  -0.0272 -0.0444 207 HOH A O     
468 O  O     . HOH H . ? 0.1881 0.5992 0.2898 0.1710  0.0721  -0.0523 208 HOH A O     
469 O  O     A HOH H . ? 0.0327 0.0513 0.1057 -0.0024 0.0432  -0.0015 209 HOH A O     
470 O  O     B HOH H . ? 0.0672 0.0839 0.1173 0.0004  0.0509  -0.0131 209 HOH A O     
471 O  O     . HOH H . ? 0.3768 0.7440 0.3784 0.0415  0.2573  0.0453  210 HOH A O     
472 O  O     . HOH H . ? 0.5072 0.6967 0.3336 0.4466  -0.0288 0.0367  211 HOH A O     
473 O  O     A HOH H . ? 0.0643 0.0779 0.1438 0.0087  0.0732  0.0159  212 HOH A O     
474 O  O     B HOH H . ? 0.1243 0.1123 0.3616 0.0220  0.0279  -0.0785 212 HOH A O     
475 O  O     . HOH H . ? 0.0383 0.0822 0.1192 -0.0213 0.0438  0.0041  213 HOH A O     
476 O  O     . HOH H . ? 0.3452 0.3805 0.3262 0.0462  0.1306  0.1221  214 HOH A O     
477 O  O     . HOH H . ? 0.1711 0.8397 0.7517 0.0497  0.1355  0.4058  215 HOH A O     
478 O  O     . HOH H . ? 0.1017 0.1032 0.1468 0.0032  0.0849  0.0015  216 HOH A O     
479 O  O     . HOH H . ? 0.2043 0.3991 0.2929 0.0417  0.0471  -0.0512 217 HOH A O     
480 O  O     . HOH H . ? 0.4391 0.2015 0.2114 0.1035  0.0571  0.0482  218 HOH A O     
481 O  O     . HOH H . ? 0.2333 0.2510 0.3690 -0.1201 0.0037  0.0581  219 HOH A O     
482 O  O     . HOH H . ? 0.6331 0.4894 0.2748 0.2641  -0.1920 -0.1247 220 HOH A O     
483 O  O     . HOH H . ? 0.1580 0.1597 0.2023 -0.0847 0.0429  0.0356  221 HOH A O     
484 O  O     . HOH H . ? 0.2663 0.3453 0.2902 0.0106  -0.0279 0.0856  222 HOH A O     
485 O  O     . HOH H . ? 0.1707 0.7245 0.8089 -0.1936 0.0685  0.0000  223 HOH A O     
486 O  O     . HOH H . ? 0.0605 0.1178 0.1961 0.0193  0.0523  0.0297  224 HOH A O     
487 O  O     . HOH H . ? 0.1290 0.1221 0.2927 -0.0047 0.0135  -0.0521 225 HOH A O     
488 O  O     . HOH H . ? 0.1818 0.2369 0.3643 0.0546  0.0838  0.0265  226 HOH A O     
489 O  O     . HOH H . ? 0.6625 0.5010 0.2255 0.0304  0.0895  0.1100  227 HOH A O     
490 O  O     . HOH H . ? 0.1539 0.1799 0.1877 -0.0177 0.1090  0.0165  228 HOH A O     
491 O  O     . HOH H . ? 0.1811 0.1652 0.3857 -0.0005 0.0361  -0.0812 229 HOH A O     
492 O  O     . HOH H . ? 0.1369 0.1445 0.3407 0.0288  -0.0482 -0.0972 230 HOH A O     
493 O  O     . HOH H . ? 0.2928 0.6235 0.3682 0.2787  -0.0534 -0.2222 231 HOH A O     
494 O  O     . HOH H . ? 0.1485 0.1636 0.3813 0.0006  -0.0571 -0.0467 232 HOH A O     
495 O  O     . HOH H . ? 0.0638 0.3215 0.3328 -0.0124 0.0427  0.0477  233 HOH A O     
496 O  O     A HOH H . ? 0.0818 0.0953 0.1166 -0.0167 0.0639  -0.0035 234 HOH A O     
497 O  O     B HOH H . ? 0.0593 0.0982 0.2095 -0.0007 -0.0110 0.0289  234 HOH A O     
498 O  O     . HOH H . ? 0.6825 0.4201 0.4781 -0.2648 -0.3357 0.0862  235 HOH A O     
499 O  O     . HOH H . ? 0.0969 0.4240 0.2923 -0.0928 0.0397  0.0327  236 HOH A O     
500 O  O     . HOH H . ? 0.0538 0.1082 0.1138 0.0422  0.0438  0.0112  237 HOH A O     
501 O  O     . HOH H . ? 0.0373 0.0580 0.0974 0.0006  0.0456  0.0071  238 HOH A O     
502 O  O     . HOH H . ? 0.1811 0.2037 0.2895 -0.0134 0.1435  -0.0211 239 HOH A O     
503 O  O     . HOH H . ? 0.3531 0.6501 0.3332 -0.1809 -0.0330 0.0717  240 HOH A O     
504 O  O     . HOH H . ? 0.3263 0.2380 0.1971 -0.0496 0.0696  0.0327  241 HOH A O     
505 O  O     . HOH H . ? 0.0276 0.0594 0.1184 -0.0010 0.0304  0.0055  242 HOH A O     
506 O  O     A HOH H . ? 0.0518 0.0601 0.0948 0.0174  0.0294  0.0031  243 HOH A O     
507 O  O     B HOH H . ? 0.0409 0.0902 0.0937 0.0218  0.0368  -0.0024 243 HOH A O     
508 O  O     . HOH H . ? 0.1227 0.1646 0.2087 0.0270  0.0814  0.0461  244 HOH A O     
509 O  O     . HOH H . ? 0.2004 0.2045 0.3284 0.0136  0.0931  -0.0915 245 HOH A O     
510 O  O     . HOH H . ? 0.0400 0.0849 0.1115 0.0042  0.0518  0.0019  246 HOH A O     
511 O  O     . HOH H . ? 0.0921 0.0638 0.1189 0.0026  0.0817  0.0070  247 HOH A O     
512 O  O     . HOH H . ? 0.1379 0.7073 0.3987 -0.0802 0.1748  -0.2614 248 HOH A O     
513 O  O     . HOH H . ? 0.0346 0.0622 0.0870 0.0038  0.0405  0.0058  249 HOH A O     
514 O  O     A HOH H . ? 0.1152 0.1483 0.1509 -0.0625 0.0033  0.0630  250 HOH A O     
515 O  O     B HOH H . ? 0.7329 0.1556 0.2061 0.1475  0.3037  0.0789  250 HOH A O     
516 O  O     A HOH H . ? 0.1431 0.3843 0.2804 0.0424  0.0117  -0.1419 251 HOH A O     
517 O  O     B HOH H . ? 0.0647 0.0475 0.1689 -0.0064 0.0682  0.0278  251 HOH A O     
518 O  O     . HOH H . ? 0.7447 0.2831 0.2859 -0.0652 -0.0529 -0.0357 252 HOH A O     
519 O  O     A HOH H . ? 0.1842 0.2333 0.3443 0.0225  0.1489  0.1161  253 HOH A O     
520 O  O     B HOH H . ? 0.0364 0.0403 0.3042 0.0179  0.0322  0.0399  253 HOH A O     
521 O  O     . HOH H . ? 0.2838 0.1455 0.3218 0.0335  0.1707  -0.0180 254 HOH A O     
522 O  O     . HOH H . ? 0.3877 0.3197 0.4323 0.0890  0.0059  0.1271  255 HOH A O     
523 O  O     . HOH H . ? 0.0634 0.0933 0.1470 0.0061  0.0433  -0.0240 256 HOH A O     
524 O  O     . HOH H . ? 0.1859 0.5124 0.4226 -0.0533 -0.0124 0.1366  257 HOH A O     
525 O  O     . HOH H . ? 0.2311 0.3748 0.8848 0.1728  -0.1822 -0.2728 258 HOH A O     
526 O  O     . HOH H . ? 0.0600 0.0671 0.1597 0.0097  0.0323  -0.0046 259 HOH A O     
527 O  O     . HOH H . ? 0.1271 0.1254 0.5986 -0.0211 0.0728  -0.1110 260 HOH A O     
528 O  O     . HOH H . ? 0.2930 0.2028 0.2386 0.0135  0.0946  0.0184  261 HOH A O     
529 O  O     . HOH H . ? 0.0392 0.0636 0.1006 0.0058  0.0480  0.0182  262 HOH A O     
530 O  O     . HOH H . ? 0.1497 0.7046 0.3787 0.0679  0.0641  0.0148  263 HOH A O     
531 O  O     . HOH H . ? 0.3710 0.3808 1.6327 -0.1906 0.5030  -0.6245 264 HOH A O     
532 O  O     . HOH H . ? 0.3338 0.5779 0.3347 -0.1888 0.0462  0.0939  265 HOH A O     
533 O  O     . HOH H . ? 0.1910 0.2941 0.3786 -0.0584 0.0907  -0.0529 266 HOH A O     
534 O  O     . HOH H . ? 0.6720 0.1754 0.3835 0.1088  -0.0437 -0.0279 267 HOH A O     
535 O  O     . HOH H . ? 0.1690 0.3414 0.4406 0.0408  0.0244  -0.0620 268 HOH A O     
536 O  O     . HOH I . ? 0.4658 0.4436 0.3361 -0.0900 0.1745  -0.2271 201 HOH B O     
537 O  O     . HOH I . ? 0.2762 0.2956 0.8702 0.0966  0.2846  0.0784  202 HOH B O     
538 O  O     . HOH I . ? 0.4562 0.5014 0.3055 0.1889  0.0927  -0.0818 203 HOH B O     
539 O  O     . HOH I . ? 0.2875 0.2923 0.5272 -0.0927 0.1848  -0.0379 204 HOH B O     
540 O  O     A HOH I . ? 0.0689 0.0605 0.0707 -0.0055 0.0276  0.0211  205 HOH B O     
541 O  O     B HOH I . ? 0.0504 0.0539 0.0573 0.0092  0.0294  0.0206  205 HOH B O     
542 O  O     . HOH I . ? 0.5463 0.3134 0.0697 0.1374  0.0636  0.1036  206 HOH B O     
543 O  O     . HOH I . ? 0.2129 0.4435 0.6585 0.1287  0.1453  0.3216  207 HOH B O     
544 O  O     . HOH I . ? 0.0641 0.1054 0.3260 0.0247  -0.0285 0.0966  208 HOH B O     
545 O  O     . HOH I . ? 0.2885 0.3307 0.3654 0.1794  -0.0607 -0.1190 209 HOH B O     
546 O  O     . HOH I . ? 0.2780 0.0792 0.2462 0.0435  -0.0197 0.0167  210 HOH B O     
547 O  O     . HOH I . ? 0.2804 0.5329 0.3547 -0.0504 -0.0920 0.2307  211 HOH B O     
548 O  O     . HOH I . ? 0.2127 0.3933 0.5629 -0.0205 0.0838  0.0514  212 HOH B O     
549 O  O     . HOH I . ? 0.3308 0.4244 0.3916 0.0760  -0.0370 0.1923  213 HOH B O     
550 O  O     . HOH I . ? 0.0776 0.1129 0.2666 -0.0093 -0.0032 0.0318  214 HOH B O     
551 O  O     . HOH I . ? 0.1370 0.0969 0.1451 0.0134  0.0916  0.0064  215 HOH B O     
552 O  O     . HOH I . ? 0.0521 0.2089 0.2097 0.0529  0.0842  0.1050  216 HOH B O     
553 O  O     . HOH I . ? 0.3202 0.9394 0.3083 -0.0527 0.2104  -0.1524 217 HOH B O     
554 O  O     . HOH I . ? 0.3393 0.7182 0.3359 -0.1213 0.2320  0.0387  218 HOH B O     
555 O  O     . HOH I . ? 0.1037 0.1466 0.2096 0.0212  0.1114  -0.0063 219 HOH B O     
556 O  O     . HOH I . ? 0.3213 0.2541 0.6457 -0.0040 0.1077  0.2347  220 HOH B O     
557 O  O     . HOH I . ? 0.2818 0.2568 0.7294 0.0130  -0.0142 -0.2260 221 HOH B O     
558 O  O     . HOH I . ? 0.1513 0.3543 0.1647 -0.0737 0.0800  0.0712  222 HOH B O     
559 O  O     . HOH I . ? 0.2072 0.7338 0.4058 -0.0314 0.0751  0.1941  223 HOH B O     
560 O  O     . HOH I . ? 0.0658 0.0921 0.2374 -0.0012 0.0092  0.0008  224 HOH B O     
561 O  O     . HOH I . ? 0.1086 0.1160 0.1960 0.0118  0.0684  0.0206  225 HOH B O     
562 O  O     . HOH I . ? 0.0298 0.0948 0.1123 0.0116  0.0338  0.0072  226 HOH B O     
563 O  O     . HOH I . ? 0.3429 0.1163 0.2940 0.0598  0.2051  -0.0355 227 HOH B O     
564 O  O     . HOH I . ? 0.2629 0.1885 0.1917 0.0004  0.0445  0.0664  228 HOH B O     
565 O  O     . HOH I . ? 0.3707 0.2602 0.6774 -0.0276 0.2804  -0.2298 229 HOH B O     
566 O  O     . HOH I . ? 0.0877 0.1213 0.1629 -0.0137 0.0673  -0.0257 230 HOH B O     
567 O  O     . HOH I . ? 0.1748 0.1657 0.3030 0.0133  0.0104  -0.0739 231 HOH B O     
568 O  O     . HOH I . ? 0.0967 0.0993 0.3975 0.0292  0.0876  -0.0327 232 HOH B O     
569 O  O     . HOH I . ? 0.0691 0.1613 0.1622 -0.0063 0.0555  -0.0587 233 HOH B O     
570 O  O     . HOH I . ? 0.1147 0.1272 0.2079 0.0105  0.0523  -0.0126 234 HOH B O     
571 O  O     . HOH I . ? 0.4053 1.1084 0.4202 0.5263  0.2129  0.2246  235 HOH B O     
572 O  O     A HOH I . ? 0.0337 0.2245 0.1373 0.0667  0.0092  0.0176  236 HOH B O     
573 O  O     B HOH I . ? 0.4452 0.5595 0.2545 0.3851  -0.1063 -0.1895 236 HOH B O     
574 O  O     . HOH I . ? 0.0890 0.2449 0.1921 -0.0040 0.0722  0.0006  237 HOH B O     
575 O  O     . HOH I . ? 0.2145 0.3598 0.1744 0.0091  0.0153  0.0228  238 HOH B O     
576 O  O     . HOH I . ? 0.1412 0.2844 0.6537 0.1185  0.1687  0.1422  239 HOH B O     
577 O  O     . HOH I . ? 0.2221 0.4916 0.8061 -0.0206 0.1544  0.2409  240 HOH B O     
578 O  O     . HOH I . ? 0.1867 0.2143 0.4837 0.0489  0.2158  0.1123  241 HOH B O     
579 O  O     . HOH I . ? 0.5805 0.7068 0.3420 0.5224  -0.2111 -0.2511 242 HOH B O     
580 O  O     . HOH I . ? 0.1691 0.2412 0.1957 0.0178  -0.0046 0.0448  243 HOH B O     
581 O  O     . HOH I . ? 0.5069 0.1903 0.3367 -0.0784 -0.0069 0.0861  244 HOH B O     
582 O  O     . HOH I . ? 0.3901 0.1763 0.2781 0.1848  -0.0717 -0.0222 245 HOH B O     
583 O  O     . HOH I . ? 0.3917 0.6337 0.3557 0.2484  -0.0140 0.1947  246 HOH B O     
584 O  O     . HOH I . ? 0.4558 0.4295 0.5848 0.1418  0.1957  -0.1657 247 HOH B O     
585 O  O     . HOH I . ? 0.5017 0.4816 0.3963 0.3239  -0.0951 -0.1923 248 HOH B O     
586 O  O     . HOH I . ? 0.2336 0.1350 0.2566 0.0569  0.0991  0.0698  249 HOH B O     
587 O  O     . HOH I . ? 0.2754 0.5011 0.5119 0.0896  0.2003  0.2792  250 HOH B O     
588 O  O     . HOH I . ? 0.1704 0.0855 0.2188 -0.0021 0.1071  0.0206  251 HOH B O     
589 O  O     . HOH I . ? 0.3237 0.3271 0.6327 0.0284  -0.0954 0.1103  252 HOH B O     
590 O  O     . HOH I . ? 0.3510 0.2528 0.2016 -0.0128 0.1047  -0.0245 253 HOH B O     
591 O  O     . HOH I . ? 0.4522 0.9923 0.2148 -0.4640 0.0326  0.0361  254 HOH B O     
592 O  O     . HOH I . ? 0.5049 0.3688 0.7102 0.1054  0.4668  0.0304  255 HOH B O     
# 
